data_9BTO
#
_entry.id   9BTO
#
_cell.length_a   1.00
_cell.length_b   1.00
_cell.length_c   1.00
_cell.angle_alpha   90.00
_cell.angle_beta   90.00
_cell.angle_gamma   90.00
#
_symmetry.space_group_name_H-M   'P 1'
#
loop_
_entity.id
_entity.type
_entity.pdbx_description
1 polymer 'Hemagglutinin HA1'
2 polymer 'Hemagglutinin HA2'
3 branched beta-D-mannopyranose-(1-4)-2-acetamido-2-deoxy-beta-D-glucopyranose-(1-4)-2-acetamido-2-deoxy-beta-D-glucopyranose
4 branched 2-acetamido-2-deoxy-beta-D-glucopyranose-(1-4)-2-acetamido-2-deoxy-beta-D-glucopyranose
5 non-polymer 2-acetamido-2-deoxy-beta-D-glucopyranose
#
loop_
_entity_poly.entity_id
_entity_poly.type
_entity_poly.pdbx_seq_one_letter_code
_entity_poly.pdbx_strand_id
1 'polypeptide(L)'
;MPMGSLQPLATLYLLGMLVASVLADRICTGITSSNSPHVVKTATQGEVNVTGVIPLTTTPTKSHFANLKGTETRGKLCPK
CLNCTDLDVALGRPKCTGKIPSARVSILHEVRPVTSGCFPIMHDRTKIRQLPNLLRGYEHVRLSTHNVINAEDAPGGPYK
IGTSGSCPNITNGNGFFATMAWAVPDNKKTATNPLTIEVPYVCTEGEDQITVWGFHSDNETQMAKLYGDSKPQKFTSSAN
GVTTHYVSQIGGFPNQTEDGGLPQSGRIVVDYMVQKSGKTGTITYQRGILLPQKVWCASGRSKVIKGSLPLIGEADCLHE
KYGGLNKSKPYYTGEHAKAIGNCPIWVKTPLKLANGTKYRPPAKLLKERG
;
A,C,E
2 'polypeptide(L)'
;FFGAIAGFLEGGWEGMIAGWHGYTSHGAHGVAVAADLKSTQEAINKITKNLNSLSELEVKNLQRLSGAMDELHNEILELD
EKVDDLRADTISSQIELAVLLSNEGIINSEDEHLLALERKLKKMLGPSAVEIGNGCFETKHKCNQTCLDRIAAGTFDAGE
FSLPTFDSLNITAASLNDDGLDENLYFQGSSFLVQSGDGRHHHHHHHHWSHPQFEKWSHPQFEK
;
B,D,F
#
loop_
_chem_comp.id
_chem_comp.type
_chem_comp.name
_chem_comp.formula
BMA D-saccharide, beta linking beta-D-mannopyranose 'C6 H12 O6'
NAG D-saccharide, beta linking 2-acetamido-2-deoxy-beta-D-glucopyranose 'C8 H15 N O6'
#
# COMPACT_ATOMS: atom_id res chain seq x y z
N THR A 32 -24.24 42.88 -8.73
CA THR A 32 -25.09 42.60 -7.59
C THR A 32 -24.22 42.13 -6.40
N SER A 33 -24.67 42.49 -5.17
CA SER A 33 -24.03 42.15 -3.89
C SER A 33 -25.13 41.94 -2.86
N SER A 34 -24.85 41.08 -1.90
CA SER A 34 -25.76 40.73 -0.83
C SER A 34 -24.97 40.52 0.45
N ASN A 35 -25.63 40.24 1.56
CA ASN A 35 -24.87 39.99 2.77
C ASN A 35 -24.11 38.71 2.48
N SER A 36 -22.79 38.81 2.47
CA SER A 36 -21.95 37.73 1.99
C SER A 36 -20.83 37.25 2.90
N PRO A 37 -21.16 36.63 4.02
CA PRO A 37 -20.22 36.07 4.96
C PRO A 37 -19.84 34.64 4.64
N HIS A 38 -20.09 34.14 3.42
CA HIS A 38 -19.78 32.74 3.24
C HIS A 38 -18.30 32.65 3.03
N VAL A 39 -17.67 31.63 3.57
CA VAL A 39 -16.24 31.53 3.36
C VAL A 39 -15.81 30.31 2.63
N VAL A 40 -15.02 30.54 1.60
CA VAL A 40 -14.47 29.48 0.81
C VAL A 40 -12.98 29.62 0.84
N LYS A 41 -12.28 28.56 0.53
CA LYS A 41 -10.85 28.65 0.52
C LYS A 41 -10.36 28.50 -0.89
N THR A 42 -9.23 29.14 -1.17
CA THR A 42 -8.54 29.04 -2.43
C THR A 42 -7.16 28.48 -2.15
N ALA A 43 -6.52 27.97 -3.18
CA ALA A 43 -5.19 27.40 -3.03
C ALA A 43 -4.11 28.41 -2.62
N THR A 44 -4.20 29.65 -3.10
CA THR A 44 -3.16 30.64 -2.85
C THR A 44 -3.57 31.89 -2.08
N GLN A 45 -4.86 32.18 -1.96
CA GLN A 45 -5.29 33.43 -1.32
C GLN A 45 -5.74 33.20 0.09
N GLY A 46 -5.61 31.95 0.54
CA GLY A 46 -6.12 31.53 1.82
C GLY A 46 -7.64 31.57 1.80
N GLU A 47 -8.24 32.16 2.82
CA GLU A 47 -9.70 32.21 2.88
C GLU A 47 -10.25 33.52 2.34
N VAL A 48 -11.34 33.42 1.61
CA VAL A 48 -11.99 34.61 1.11
C VAL A 48 -13.52 34.57 1.39
N ASN A 49 -14.16 35.75 1.53
CA ASN A 49 -15.61 35.90 1.72
C ASN A 49 -16.32 35.99 0.37
N VAL A 50 -17.41 35.21 0.16
CA VAL A 50 -18.23 35.16 -1.07
C VAL A 50 -19.73 35.32 -0.83
N THR A 51 -20.44 35.60 -1.93
CA THR A 51 -21.88 35.90 -1.90
C THR A 51 -22.77 34.67 -2.00
N GLY A 52 -22.18 33.51 -2.08
CA GLY A 52 -22.96 32.29 -2.14
C GLY A 52 -22.06 31.11 -2.38
N VAL A 53 -22.42 29.98 -1.79
CA VAL A 53 -21.68 28.74 -1.90
C VAL A 53 -22.54 27.53 -2.20
N ILE A 54 -21.88 26.49 -2.67
CA ILE A 54 -22.49 25.19 -2.88
C ILE A 54 -21.78 24.17 -2.02
N PRO A 55 -22.33 23.70 -0.91
CA PRO A 55 -21.70 22.71 -0.07
C PRO A 55 -21.48 21.49 -0.92
N LEU A 56 -20.30 20.91 -0.82
CA LEU A 56 -20.00 19.71 -1.58
C LEU A 56 -19.99 18.49 -0.70
N THR A 57 -19.92 18.71 0.60
CA THR A 57 -19.81 17.66 1.57
C THR A 57 -20.97 17.56 2.50
N THR A 58 -21.18 16.35 2.98
CA THR A 58 -22.14 16.10 4.03
C THR A 58 -21.53 15.28 5.13
N THR A 59 -22.30 15.04 6.16
CA THR A 59 -21.85 14.18 7.23
C THR A 59 -22.90 13.10 7.39
N PRO A 60 -22.61 11.84 7.10
CA PRO A 60 -23.54 10.76 7.14
C PRO A 60 -23.90 10.44 8.55
N THR A 61 -25.08 9.88 8.72
CA THR A 61 -25.56 9.43 10.00
C THR A 61 -25.60 7.94 9.99
N LYS A 62 -25.09 7.33 11.04
CA LYS A 62 -25.08 5.88 11.08
C LYS A 62 -26.46 5.28 11.00
N SER A 63 -26.59 4.32 10.11
CA SER A 63 -27.84 3.61 9.94
C SER A 63 -27.62 2.12 9.75
N HIS A 64 -28.64 1.44 9.29
CA HIS A 64 -28.65 0.01 9.10
C HIS A 64 -27.93 -0.38 7.86
N PHE A 65 -27.40 -1.59 7.84
CA PHE A 65 -26.86 -2.15 6.62
C PHE A 65 -28.03 -2.55 5.79
N ALA A 66 -27.86 -2.56 4.51
CA ALA A 66 -28.91 -2.81 3.57
C ALA A 66 -28.36 -3.54 2.41
N ASN A 67 -29.21 -4.08 1.58
CA ASN A 67 -28.68 -4.74 0.43
C ASN A 67 -28.09 -3.67 -0.44
N LEU A 68 -26.99 -3.95 -1.09
CA LEU A 68 -26.50 -2.92 -1.97
C LEU A 68 -27.48 -2.88 -3.12
N LYS A 69 -27.84 -1.69 -3.56
CA LYS A 69 -28.76 -1.63 -4.67
C LYS A 69 -28.17 -2.25 -5.93
N GLY A 70 -28.97 -3.08 -6.61
CA GLY A 70 -28.57 -3.69 -7.87
C GLY A 70 -27.78 -4.99 -7.72
N THR A 71 -26.66 -4.90 -7.05
CA THR A 71 -25.78 -6.05 -6.85
C THR A 71 -26.16 -6.98 -5.70
N GLU A 72 -26.19 -8.29 -6.00
CA GLU A 72 -26.52 -9.28 -4.99
C GLU A 72 -25.57 -9.22 -3.81
N THR A 73 -26.17 -9.10 -2.63
CA THR A 73 -25.45 -8.99 -1.36
C THR A 73 -25.65 -10.20 -0.47
N ARG A 74 -24.55 -10.76 -0.03
CA ARG A 74 -24.51 -11.92 0.83
C ARG A 74 -24.45 -11.56 2.29
N GLY A 75 -25.35 -12.14 3.04
CA GLY A 75 -25.41 -11.96 4.47
C GLY A 75 -24.91 -13.25 5.06
N LYS A 76 -25.82 -14.16 5.28
CA LYS A 76 -25.45 -15.44 5.79
C LYS A 76 -24.98 -16.25 4.61
N LEU A 77 -24.17 -17.28 4.84
CA LEU A 77 -23.76 -18.09 3.69
C LEU A 77 -24.94 -18.82 3.05
N CYS A 78 -25.89 -19.36 3.83
CA CYS A 78 -27.07 -20.06 3.36
C CYS A 78 -28.31 -19.46 4.04
N PRO A 79 -28.92 -18.43 3.45
CA PRO A 79 -30.06 -17.72 3.99
C PRO A 79 -31.27 -18.62 4.22
N LYS A 80 -31.31 -19.74 3.53
CA LYS A 80 -32.40 -20.68 3.65
C LYS A 80 -32.16 -21.89 4.56
N CYS A 81 -31.01 -21.92 5.28
CA CYS A 81 -30.61 -22.98 6.21
C CYS A 81 -31.00 -22.42 7.58
N LEU A 82 -32.20 -22.80 8.02
CA LEU A 82 -32.75 -22.22 9.24
C LEU A 82 -32.15 -22.90 10.44
N ASN A 83 -32.01 -22.16 11.57
CA ASN A 83 -31.41 -22.61 12.84
C ASN A 83 -29.98 -23.15 12.62
N CYS A 84 -29.22 -22.47 11.74
CA CYS A 84 -27.85 -22.72 11.34
C CYS A 84 -27.07 -21.42 11.32
N THR A 85 -25.83 -21.48 11.67
CA THR A 85 -25.00 -20.31 11.47
C THR A 85 -23.94 -20.56 10.45
N ASP A 86 -23.18 -19.55 10.12
CA ASP A 86 -22.22 -19.70 9.05
C ASP A 86 -21.20 -20.79 9.26
N LEU A 87 -20.83 -21.06 10.51
CA LEU A 87 -19.86 -22.10 10.75
C LEU A 87 -20.52 -23.48 10.74
N ASP A 88 -21.83 -23.57 10.86
CA ASP A 88 -22.44 -24.87 10.81
C ASP A 88 -22.62 -25.19 9.34
N VAL A 89 -22.86 -24.17 8.55
CA VAL A 89 -23.03 -24.37 7.13
C VAL A 89 -21.69 -24.75 6.55
N ALA A 90 -20.64 -24.00 6.91
CA ALA A 90 -19.29 -24.25 6.41
C ALA A 90 -18.80 -25.64 6.74
N LEU A 91 -19.17 -26.16 7.88
CA LEU A 91 -18.74 -27.50 8.25
C LEU A 91 -19.65 -28.59 7.76
N GLY A 92 -20.74 -28.25 7.09
CA GLY A 92 -21.62 -29.31 6.64
C GLY A 92 -22.46 -29.92 7.74
N ARG A 93 -22.84 -29.16 8.74
CA ARG A 93 -23.62 -29.77 9.80
C ARG A 93 -24.85 -30.40 9.19
N PRO A 94 -25.32 -31.55 9.66
CA PRO A 94 -26.52 -32.12 9.18
C PRO A 94 -27.61 -31.08 9.28
N LYS A 95 -28.42 -31.08 8.25
CA LYS A 95 -29.53 -30.19 8.02
C LYS A 95 -29.18 -28.70 7.74
N CYS A 96 -27.86 -28.34 7.60
CA CYS A 96 -27.38 -27.00 7.26
C CYS A 96 -26.75 -27.03 5.89
N THR A 97 -26.93 -28.12 5.21
CA THR A 97 -26.38 -28.20 3.90
C THR A 97 -27.36 -27.53 2.98
N GLY A 98 -26.91 -27.17 1.81
CA GLY A 98 -27.78 -26.54 0.85
C GLY A 98 -26.92 -25.68 -0.04
N LYS A 99 -27.56 -24.96 -0.93
CA LYS A 99 -26.84 -24.13 -1.86
C LYS A 99 -26.50 -22.79 -1.25
N ILE A 100 -25.29 -22.33 -1.53
CA ILE A 100 -24.87 -21.00 -1.17
C ILE A 100 -25.05 -20.15 -2.40
N PRO A 101 -25.87 -19.09 -2.37
CA PRO A 101 -26.07 -18.20 -3.48
C PRO A 101 -24.78 -17.53 -3.79
N SER A 102 -24.53 -17.25 -5.06
CA SER A 102 -23.35 -16.51 -5.43
C SER A 102 -23.65 -15.08 -5.13
N ALA A 103 -22.63 -14.30 -4.87
CA ALA A 103 -22.84 -12.88 -4.59
C ALA A 103 -21.61 -12.11 -4.92
N ARG A 104 -21.75 -10.83 -5.21
CA ARG A 104 -20.54 -10.07 -5.49
C ARG A 104 -20.14 -9.24 -4.32
N VAL A 105 -21.06 -9.01 -3.41
CA VAL A 105 -20.84 -8.22 -2.22
C VAL A 105 -21.15 -9.03 -0.99
N SER A 106 -20.24 -9.08 -0.03
CA SER A 106 -20.50 -9.83 1.18
C SER A 106 -20.28 -9.01 2.41
N ILE A 107 -21.09 -9.28 3.43
CA ILE A 107 -20.92 -8.62 4.69
C ILE A 107 -20.42 -9.54 5.78
N LEU A 108 -19.33 -9.13 6.38
CA LEU A 108 -18.72 -9.89 7.43
C LEU A 108 -19.37 -9.65 8.75
N HIS A 109 -20.44 -10.40 8.93
CA HIS A 109 -21.33 -10.39 10.07
C HIS A 109 -20.66 -10.85 11.36
N GLU A 110 -19.94 -11.97 11.31
CA GLU A 110 -19.30 -12.49 12.50
C GLU A 110 -17.82 -12.50 12.35
N VAL A 111 -17.18 -11.75 13.21
CA VAL A 111 -15.74 -11.62 13.24
C VAL A 111 -15.13 -12.92 13.70
N ARG A 112 -15.78 -13.53 14.69
CA ARG A 112 -15.37 -14.78 15.28
C ARG A 112 -16.51 -15.78 15.26
N PRO A 113 -16.79 -16.45 14.14
CA PRO A 113 -17.90 -17.33 13.91
C PRO A 113 -17.96 -18.43 14.92
N VAL A 114 -19.16 -18.84 15.22
CA VAL A 114 -19.48 -19.85 16.20
C VAL A 114 -20.33 -20.93 15.63
N THR A 115 -20.44 -22.04 16.35
CA THR A 115 -21.34 -23.11 15.94
C THR A 115 -22.59 -23.15 16.79
N SER A 116 -23.60 -23.90 16.35
CA SER A 116 -24.82 -24.00 17.13
C SER A 116 -25.30 -25.42 17.31
N GLY A 117 -24.46 -26.39 17.00
CA GLY A 117 -24.90 -27.76 17.08
C GLY A 117 -23.83 -28.78 16.69
N CYS A 118 -24.24 -30.05 16.66
CA CYS A 118 -23.49 -31.27 16.34
C CYS A 118 -22.40 -31.58 17.37
N PHE A 119 -21.25 -32.06 16.94
CA PHE A 119 -20.31 -32.60 17.89
C PHE A 119 -19.56 -31.44 18.52
N PRO A 120 -19.18 -31.48 19.81
CA PRO A 120 -18.36 -30.46 20.42
C PRO A 120 -17.04 -30.26 19.70
N ILE A 121 -16.70 -29.02 19.41
CA ILE A 121 -15.46 -28.72 18.72
C ILE A 121 -14.56 -27.82 19.52
N MET A 122 -13.31 -28.20 19.67
CA MET A 122 -12.38 -27.35 20.39
C MET A 122 -11.89 -26.32 19.41
N HIS A 123 -12.73 -25.35 19.17
CA HIS A 123 -12.58 -24.37 18.13
C HIS A 123 -11.34 -23.55 18.23
N ASP A 124 -10.91 -23.26 19.41
CA ASP A 124 -9.80 -22.35 19.54
C ASP A 124 -8.45 -23.01 19.46
N ARG A 125 -8.43 -24.31 19.15
CA ARG A 125 -7.19 -25.03 18.98
C ARG A 125 -6.65 -24.87 17.56
N THR A 126 -7.51 -24.46 16.61
CA THR A 126 -7.16 -24.35 15.19
C THR A 126 -7.63 -23.02 14.66
N LYS A 127 -7.71 -22.93 13.34
CA LYS A 127 -8.10 -21.69 12.66
C LYS A 127 -9.48 -21.84 12.02
N ILE A 128 -10.19 -22.87 12.42
CA ILE A 128 -11.48 -23.21 11.82
C ILE A 128 -12.56 -22.18 11.98
N ARG A 129 -12.52 -21.36 13.03
CA ARG A 129 -13.58 -20.39 13.15
C ARG A 129 -13.58 -19.43 12.00
N GLN A 130 -12.48 -19.27 11.29
CA GLN A 130 -12.47 -18.33 10.21
C GLN A 130 -12.84 -18.97 8.90
N LEU A 131 -13.14 -20.26 8.88
CA LEU A 131 -13.49 -20.85 7.60
C LEU A 131 -14.63 -20.13 6.89
N PRO A 132 -15.75 -19.79 7.51
CA PRO A 132 -16.84 -19.13 6.85
C PRO A 132 -16.47 -17.77 6.33
N ASN A 133 -15.41 -17.18 6.86
CA ASN A 133 -15.05 -15.87 6.45
C ASN A 133 -14.16 -15.91 5.26
N LEU A 134 -13.77 -17.12 4.89
CA LEU A 134 -12.96 -17.34 3.75
C LEU A 134 -13.92 -17.66 2.65
N LEU A 135 -14.92 -18.46 2.96
CA LEU A 135 -15.87 -18.84 1.95
C LEU A 135 -16.65 -17.63 1.46
N ARG A 136 -16.97 -16.70 2.36
CA ARG A 136 -17.76 -15.57 1.93
C ARG A 136 -17.01 -14.62 1.00
N GLY A 137 -15.68 -14.79 0.92
CA GLY A 137 -14.80 -13.96 0.13
C GLY A 137 -14.76 -14.38 -1.33
N TYR A 138 -15.40 -15.49 -1.65
CA TYR A 138 -15.44 -15.98 -3.00
C TYR A 138 -16.76 -15.59 -3.60
N GLU A 139 -16.80 -15.48 -4.92
CA GLU A 139 -18.04 -15.09 -5.56
C GLU A 139 -18.96 -16.27 -5.63
N HIS A 140 -18.38 -17.40 -5.95
CA HIS A 140 -19.12 -18.63 -6.17
C HIS A 140 -18.61 -19.69 -5.25
N VAL A 141 -19.48 -20.19 -4.39
CA VAL A 141 -19.09 -21.23 -3.45
C VAL A 141 -20.03 -22.40 -3.53
N ARG A 142 -19.50 -23.59 -3.71
CA ARG A 142 -20.36 -24.75 -3.75
C ARG A 142 -19.70 -25.89 -3.01
N LEU A 143 -20.51 -26.76 -2.43
CA LEU A 143 -19.95 -27.93 -1.80
C LEU A 143 -19.85 -28.96 -2.90
N SER A 144 -18.83 -29.80 -2.89
CA SER A 144 -18.67 -30.81 -3.92
C SER A 144 -19.76 -31.86 -3.87
N THR A 145 -19.86 -32.61 -4.96
CA THR A 145 -20.87 -33.65 -5.11
C THR A 145 -20.43 -35.04 -4.71
N HIS A 146 -19.13 -35.27 -4.67
CA HIS A 146 -18.63 -36.58 -4.35
C HIS A 146 -17.57 -36.50 -3.30
N ASN A 147 -17.45 -37.57 -2.56
CA ASN A 147 -16.44 -37.63 -1.54
C ASN A 147 -15.09 -37.61 -2.19
N VAL A 148 -14.21 -36.82 -1.62
CA VAL A 148 -12.84 -36.70 -2.08
C VAL A 148 -12.03 -37.97 -1.74
N ILE A 149 -12.32 -38.59 -0.60
CA ILE A 149 -11.68 -39.80 -0.10
C ILE A 149 -12.67 -40.93 0.20
N ASN A 150 -12.35 -42.14 -0.20
CA ASN A 150 -13.20 -43.25 0.18
C ASN A 150 -12.86 -43.47 1.63
N ALA A 151 -13.76 -43.13 2.54
CA ALA A 151 -13.41 -43.20 3.94
C ALA A 151 -13.32 -44.60 4.46
N GLU A 152 -14.16 -45.50 3.98
CA GLU A 152 -14.16 -46.85 4.50
C GLU A 152 -12.90 -47.60 4.14
N ASP A 153 -12.43 -47.42 2.92
CA ASP A 153 -11.24 -48.11 2.46
C ASP A 153 -10.11 -47.11 2.45
N ALA A 154 -9.30 -47.11 3.48
CA ALA A 154 -8.29 -46.08 3.59
C ALA A 154 -7.14 -46.62 4.44
N PRO A 155 -5.96 -46.04 4.41
CA PRO A 155 -4.86 -46.46 5.24
C PRO A 155 -5.34 -46.46 6.66
N GLY A 156 -4.95 -47.49 7.38
CA GLY A 156 -5.32 -47.69 8.76
C GLY A 156 -6.26 -48.86 8.90
N GLY A 157 -6.71 -49.38 7.77
CA GLY A 157 -7.54 -50.56 7.75
C GLY A 157 -8.97 -50.22 7.56
N PRO A 158 -9.84 -51.20 7.38
CA PRO A 158 -11.22 -50.97 7.11
C PRO A 158 -11.79 -50.16 8.22
N TYR A 159 -12.56 -49.18 7.88
CA TYR A 159 -13.17 -48.34 8.88
C TYR A 159 -14.65 -48.40 8.78
N LYS A 160 -15.30 -48.17 9.89
CA LYS A 160 -16.72 -47.99 9.88
C LYS A 160 -16.85 -46.51 10.08
N ILE A 161 -17.90 -45.90 9.59
CA ILE A 161 -17.96 -44.46 9.78
C ILE A 161 -18.90 -44.11 10.89
N GLY A 162 -18.34 -43.38 11.84
CA GLY A 162 -18.98 -42.98 13.06
C GLY A 162 -20.04 -41.93 12.86
N THR A 163 -20.98 -41.95 13.78
CA THR A 163 -22.09 -41.03 13.83
C THR A 163 -22.22 -40.52 15.24
N SER A 164 -23.04 -39.51 15.46
CA SER A 164 -23.28 -39.04 16.81
C SER A 164 -24.70 -38.58 17.06
N GLY A 165 -25.17 -38.83 18.28
CA GLY A 165 -26.51 -38.43 18.71
C GLY A 165 -26.62 -36.93 18.81
N SER A 166 -25.49 -36.28 18.82
CA SER A 166 -25.44 -34.84 18.88
C SER A 166 -25.69 -34.16 17.52
N CYS A 167 -25.63 -34.94 16.40
CA CYS A 167 -25.66 -34.48 15.03
C CYS A 167 -26.83 -35.16 14.30
N PRO A 168 -28.08 -34.91 14.67
CA PRO A 168 -29.19 -35.57 14.06
C PRO A 168 -29.30 -35.17 12.62
N ASN A 169 -29.68 -36.10 11.73
CA ASN A 169 -29.90 -35.86 10.29
C ASN A 169 -31.39 -35.55 10.01
N ILE A 170 -31.78 -35.44 8.72
CA ILE A 170 -33.15 -35.10 8.26
C ILE A 170 -34.25 -36.09 8.64
N THR A 171 -33.86 -37.30 9.06
CA THR A 171 -34.84 -38.30 9.49
C THR A 171 -34.66 -38.52 10.97
N ASN A 172 -33.89 -37.63 11.59
CA ASN A 172 -33.49 -37.61 12.98
C ASN A 172 -32.72 -38.84 13.41
N GLY A 173 -31.89 -39.36 12.52
CA GLY A 173 -31.04 -40.47 12.87
C GLY A 173 -29.75 -39.84 13.29
N ASN A 174 -28.72 -40.62 13.50
CA ASN A 174 -27.45 -40.06 13.93
C ASN A 174 -26.57 -39.81 12.73
N GLY A 175 -26.15 -38.58 12.51
CA GLY A 175 -25.29 -38.26 11.38
C GLY A 175 -23.97 -37.68 11.87
N PHE A 176 -23.31 -36.95 11.00
CA PHE A 176 -22.06 -36.29 11.34
C PHE A 176 -21.89 -35.20 10.31
N PHE A 177 -20.84 -34.43 10.39
CA PHE A 177 -20.62 -33.37 9.43
C PHE A 177 -20.46 -33.92 8.03
N ALA A 178 -21.07 -33.30 7.05
CA ALA A 178 -20.97 -33.74 5.65
C ALA A 178 -19.57 -33.69 5.09
N THR A 179 -18.75 -32.84 5.65
CA THR A 179 -17.42 -32.65 5.15
C THR A 179 -16.42 -33.60 5.76
N MET A 180 -16.82 -34.41 6.75
CA MET A 180 -15.86 -35.30 7.37
C MET A 180 -16.39 -36.68 7.68
N ALA A 181 -15.54 -37.67 7.59
CA ALA A 181 -15.90 -39.01 7.96
C ALA A 181 -15.19 -39.40 9.21
N TRP A 182 -15.94 -39.76 10.23
CA TRP A 182 -15.29 -40.17 11.45
C TRP A 182 -14.88 -41.60 11.31
N ALA A 183 -13.61 -41.81 11.04
CA ALA A 183 -13.15 -43.13 10.71
C ALA A 183 -12.69 -43.91 11.92
N VAL A 184 -13.51 -44.89 12.30
CA VAL A 184 -13.28 -45.72 13.47
C VAL A 184 -12.92 -47.12 13.00
N PRO A 185 -11.82 -47.72 13.41
CA PRO A 185 -11.41 -49.01 12.93
C PRO A 185 -12.52 -50.02 13.13
N ASP A 186 -12.72 -50.86 12.13
CA ASP A 186 -13.75 -51.89 12.19
C ASP A 186 -13.32 -53.04 13.09
N ASN A 187 -12.06 -53.38 12.99
CA ASN A 187 -11.44 -54.48 13.71
C ASN A 187 -9.97 -54.14 13.85
N LYS A 188 -9.20 -55.01 14.48
CA LYS A 188 -7.79 -54.74 14.61
C LYS A 188 -7.57 -53.38 15.22
N LYS A 189 -8.22 -53.16 16.34
CA LYS A 189 -8.10 -51.91 17.04
C LYS A 189 -6.79 -51.81 17.75
N THR A 190 -5.76 -51.48 16.99
CA THR A 190 -4.41 -51.39 17.49
C THR A 190 -3.86 -50.01 17.21
N ALA A 191 -2.76 -49.69 17.87
CA ALA A 191 -2.08 -48.44 17.64
C ALA A 191 -1.44 -48.49 16.28
N THR A 192 -1.30 -47.34 15.64
CA THR A 192 -0.62 -47.33 14.37
C THR A 192 0.41 -46.24 14.24
N ASN A 193 1.14 -46.32 13.15
CA ASN A 193 2.15 -45.37 12.79
C ASN A 193 1.47 -44.32 11.98
N PRO A 194 1.98 -43.11 11.84
CA PRO A 194 1.37 -42.12 11.03
C PRO A 194 1.16 -42.66 9.63
N LEU A 195 -0.01 -42.44 9.10
CA LEU A 195 -0.42 -42.88 7.80
C LEU A 195 -0.58 -41.70 6.91
N THR A 196 -0.36 -41.86 5.61
CA THR A 196 -0.51 -40.72 4.73
C THR A 196 -1.52 -40.88 3.62
N ILE A 197 -2.37 -39.86 3.49
CA ILE A 197 -3.32 -39.73 2.40
C ILE A 197 -3.08 -38.51 1.57
N GLU A 198 -2.99 -38.70 0.28
CA GLU A 198 -2.90 -37.57 -0.59
C GLU A 198 -4.32 -37.25 -0.92
N VAL A 199 -4.69 -36.01 -0.71
CA VAL A 199 -6.05 -35.59 -0.92
C VAL A 199 -6.10 -35.02 -2.32
N PRO A 200 -6.84 -35.62 -3.25
CA PRO A 200 -6.88 -35.21 -4.61
C PRO A 200 -7.60 -33.91 -4.78
N TYR A 201 -7.30 -33.25 -5.86
CA TYR A 201 -8.01 -32.07 -6.25
C TYR A 201 -9.18 -32.56 -7.05
N VAL A 202 -10.37 -32.21 -6.63
CA VAL A 202 -11.60 -32.63 -7.29
C VAL A 202 -12.45 -31.52 -7.91
N CYS A 203 -12.17 -30.25 -7.58
CA CYS A 203 -12.83 -29.05 -8.09
C CYS A 203 -12.39 -28.80 -9.54
N THR A 204 -13.06 -27.90 -10.25
CA THR A 204 -12.67 -27.69 -11.64
C THR A 204 -11.59 -26.64 -11.68
N GLU A 205 -10.93 -26.53 -12.81
CA GLU A 205 -9.86 -25.58 -12.88
C GLU A 205 -10.36 -24.19 -12.62
N GLY A 206 -9.58 -23.45 -11.83
CA GLY A 206 -9.90 -22.09 -11.47
C GLY A 206 -10.54 -22.02 -10.10
N GLU A 207 -10.98 -23.15 -9.56
CA GLU A 207 -11.58 -23.17 -8.25
C GLU A 207 -10.55 -23.54 -7.20
N ASP A 208 -10.62 -22.90 -6.05
CA ASP A 208 -9.78 -23.30 -4.95
C ASP A 208 -10.51 -24.40 -4.25
N GLN A 209 -9.80 -25.34 -3.70
CA GLN A 209 -10.46 -26.41 -2.97
C GLN A 209 -10.17 -26.33 -1.51
N ILE A 210 -11.19 -26.20 -0.71
CA ILE A 210 -10.98 -26.07 0.71
C ILE A 210 -11.43 -27.34 1.39
N THR A 211 -10.45 -28.02 1.96
CA THR A 211 -10.64 -29.32 2.55
C THR A 211 -10.78 -29.22 4.03
N VAL A 212 -11.82 -29.81 4.57
CA VAL A 212 -12.03 -29.77 6.00
C VAL A 212 -11.74 -31.14 6.55
N TRP A 213 -10.92 -31.19 7.57
CA TRP A 213 -10.51 -32.45 8.15
C TRP A 213 -10.29 -32.24 9.61
N GLY A 214 -10.12 -33.30 10.35
CA GLY A 214 -9.89 -33.10 11.76
C GLY A 214 -9.66 -34.38 12.48
N PHE A 215 -9.74 -34.34 13.78
CA PHE A 215 -9.54 -35.55 14.55
C PHE A 215 -10.37 -35.57 15.80
N HIS A 216 -10.62 -36.77 16.29
CA HIS A 216 -11.37 -37.00 17.48
C HIS A 216 -10.49 -37.43 18.60
N SER A 217 -10.87 -37.07 19.80
CA SER A 217 -10.14 -37.54 20.95
C SER A 217 -11.09 -37.76 22.07
N ASP A 218 -10.71 -38.61 22.99
CA ASP A 218 -11.56 -39.02 24.08
C ASP A 218 -10.70 -39.27 25.32
N ASN A 219 -11.30 -39.71 26.43
CA ASN A 219 -10.58 -40.05 27.67
C ASN A 219 -9.89 -41.42 27.50
N GLU A 220 -9.08 -41.87 28.47
CA GLU A 220 -8.29 -43.13 28.32
C GLU A 220 -9.14 -44.37 28.12
N THR A 221 -10.26 -44.45 28.82
CA THR A 221 -11.10 -45.61 28.71
C THR A 221 -11.71 -45.72 27.34
N GLN A 222 -12.23 -44.62 26.83
CA GLN A 222 -12.86 -44.69 25.55
C GLN A 222 -11.87 -44.79 24.44
N MET A 223 -10.70 -44.20 24.56
CA MET A 223 -9.77 -44.36 23.47
C MET A 223 -9.44 -45.83 23.32
N ALA A 224 -9.23 -46.51 24.44
CA ALA A 224 -8.92 -47.91 24.37
C ALA A 224 -10.05 -48.73 23.76
N LYS A 225 -11.31 -48.39 24.05
CA LYS A 225 -12.42 -49.14 23.50
C LYS A 225 -12.75 -48.79 22.06
N LEU A 226 -12.51 -47.55 21.69
CA LEU A 226 -12.87 -47.05 20.38
C LEU A 226 -11.76 -47.18 19.34
N TYR A 227 -10.52 -46.84 19.69
CA TYR A 227 -9.43 -46.88 18.74
C TYR A 227 -8.38 -47.91 19.06
N GLY A 228 -8.23 -48.24 20.33
CA GLY A 228 -7.24 -49.20 20.77
C GLY A 228 -5.90 -48.61 21.20
N ASP A 229 -5.80 -47.29 21.20
CA ASP A 229 -4.56 -46.65 21.59
C ASP A 229 -4.82 -45.40 22.40
N SER A 230 -4.56 -45.48 23.69
CA SER A 230 -4.86 -44.38 24.60
C SER A 230 -3.85 -43.25 24.60
N LYS A 231 -2.70 -43.39 23.96
CA LYS A 231 -1.74 -42.30 24.05
C LYS A 231 -2.13 -41.18 23.08
N PRO A 232 -1.64 -39.94 23.22
CA PRO A 232 -1.90 -38.84 22.32
C PRO A 232 -1.52 -39.21 20.91
N GLN A 233 -2.39 -38.86 19.96
CA GLN A 233 -2.19 -39.18 18.56
C GLN A 233 -1.67 -37.98 17.82
N LYS A 234 -0.90 -38.18 16.76
CA LYS A 234 -0.37 -37.04 16.04
C LYS A 234 -0.88 -36.93 14.62
N PHE A 235 -1.13 -35.69 14.20
CA PHE A 235 -1.64 -35.41 12.88
C PHE A 235 -0.89 -34.28 12.19
N THR A 236 -0.77 -34.33 10.87
CA THR A 236 -0.18 -33.20 10.16
C THR A 236 -0.97 -32.92 8.92
N SER A 237 -0.69 -31.80 8.31
CA SER A 237 -1.26 -31.54 7.01
C SER A 237 -0.37 -30.62 6.23
N SER A 238 -0.47 -30.70 4.91
CA SER A 238 0.29 -29.83 4.03
C SER A 238 -0.40 -29.48 2.72
N ALA A 239 -0.36 -28.20 2.38
CA ALA A 239 -0.86 -27.77 1.07
C ALA A 239 -0.18 -26.48 0.65
N ASN A 240 0.30 -26.44 -0.57
CA ASN A 240 0.92 -25.26 -1.12
C ASN A 240 2.05 -24.74 -0.24
N GLY A 241 2.82 -25.65 0.33
CA GLY A 241 3.95 -25.28 1.13
C GLY A 241 3.64 -24.91 2.57
N VAL A 242 2.37 -24.91 2.93
CA VAL A 242 1.98 -24.55 4.27
C VAL A 242 1.71 -25.79 5.07
N THR A 243 2.39 -25.93 6.20
CA THR A 243 2.24 -27.14 6.96
C THR A 243 1.84 -26.89 8.39
N THR A 244 1.18 -27.87 8.98
CA THR A 244 0.87 -27.82 10.41
C THR A 244 1.05 -29.16 11.09
N HIS A 245 0.83 -29.17 12.39
CA HIS A 245 1.00 -30.34 13.26
C HIS A 245 0.16 -30.25 14.50
N TYR A 246 -0.53 -31.33 14.82
CA TYR A 246 -1.35 -31.40 16.00
C TYR A 246 -1.10 -32.62 16.81
N VAL A 247 -1.24 -32.50 18.11
CA VAL A 247 -1.15 -33.64 18.99
C VAL A 247 -2.44 -33.68 19.76
N SER A 248 -3.11 -34.80 19.80
CA SER A 248 -4.37 -34.83 20.50
C SER A 248 -4.18 -34.76 21.99
N GLN A 249 -5.25 -34.37 22.66
CA GLN A 249 -5.33 -34.33 24.10
C GLN A 249 -6.09 -35.52 24.57
N ILE A 250 -5.62 -36.24 25.56
CA ILE A 250 -6.40 -37.39 26.02
C ILE A 250 -7.00 -37.09 27.37
N GLY A 251 -8.31 -37.02 27.40
CA GLY A 251 -9.02 -36.69 28.63
C GLY A 251 -8.80 -35.24 29.02
N GLY A 252 -9.45 -34.79 30.09
CA GLY A 252 -9.20 -33.43 30.58
C GLY A 252 -9.70 -32.37 29.64
N PHE A 253 -10.77 -32.66 28.95
CA PHE A 253 -11.24 -31.72 27.97
C PHE A 253 -11.94 -30.53 28.59
N PRO A 254 -11.91 -29.36 27.94
CA PRO A 254 -12.63 -28.16 28.27
C PRO A 254 -14.13 -28.43 28.21
N ASN A 255 -14.91 -27.62 28.94
CA ASN A 255 -16.38 -27.64 28.98
C ASN A 255 -16.96 -27.43 27.57
N GLN A 256 -18.04 -28.17 27.26
CA GLN A 256 -18.74 -28.11 25.98
C GLN A 256 -19.53 -26.85 25.80
N THR A 257 -19.33 -26.21 24.64
CA THR A 257 -20.06 -25.03 24.25
C THR A 257 -20.40 -25.15 22.80
N GLU A 258 -21.36 -24.35 22.34
CA GLU A 258 -21.65 -24.27 20.91
C GLU A 258 -21.89 -25.63 20.26
N ASP A 259 -22.65 -26.51 20.88
CA ASP A 259 -22.84 -27.82 20.29
C ASP A 259 -24.26 -28.31 20.48
N GLY A 260 -24.51 -29.59 20.15
CA GLY A 260 -25.84 -30.18 20.20
C GLY A 260 -26.50 -30.25 21.58
N GLY A 261 -25.74 -30.06 22.64
CA GLY A 261 -26.30 -30.08 23.98
C GLY A 261 -26.24 -31.41 24.71
N LEU A 262 -25.93 -32.49 24.02
CA LEU A 262 -25.84 -33.75 24.71
C LEU A 262 -24.45 -33.80 25.26
N PRO A 263 -24.21 -34.42 26.40
CA PRO A 263 -22.91 -34.58 26.94
C PRO A 263 -22.12 -35.53 26.10
N GLN A 264 -20.84 -35.27 25.99
CA GLN A 264 -19.90 -36.15 25.31
C GLN A 264 -18.65 -36.27 26.14
N SER A 265 -17.99 -37.41 26.10
CA SER A 265 -16.72 -37.51 26.78
C SER A 265 -15.58 -37.03 25.93
N GLY A 266 -15.76 -37.12 24.61
CA GLY A 266 -14.73 -36.70 23.70
C GLY A 266 -15.01 -35.35 23.11
N ARG A 267 -14.15 -34.95 22.21
CA ARG A 267 -14.20 -33.68 21.54
C ARG A 267 -13.55 -33.83 20.19
N ILE A 268 -13.81 -32.92 19.26
CA ILE A 268 -13.06 -32.99 18.03
C ILE A 268 -12.34 -31.70 17.78
N VAL A 269 -11.33 -31.80 16.95
CA VAL A 269 -10.54 -30.69 16.51
C VAL A 269 -10.73 -30.64 15.04
N VAL A 270 -11.10 -29.50 14.54
CA VAL A 270 -11.38 -29.40 13.12
C VAL A 270 -10.55 -28.31 12.54
N ASP A 271 -9.97 -28.57 11.40
CA ASP A 271 -9.14 -27.61 10.71
C ASP A 271 -9.47 -27.60 9.24
N TYR A 272 -8.81 -26.75 8.49
CA TYR A 272 -8.98 -26.78 7.07
C TYR A 272 -7.69 -26.54 6.33
N MET A 273 -7.66 -27.06 5.14
CA MET A 273 -6.53 -26.96 4.26
C MET A 273 -6.95 -26.34 2.96
N VAL A 274 -6.17 -25.42 2.44
CA VAL A 274 -6.57 -24.81 1.20
C VAL A 274 -5.66 -25.22 0.10
N GLN A 275 -6.22 -25.84 -0.90
CA GLN A 275 -5.49 -26.30 -2.04
C GLN A 275 -5.71 -25.38 -3.20
N LYS A 276 -4.68 -24.68 -3.61
CA LYS A 276 -4.86 -23.72 -4.68
C LYS A 276 -5.11 -24.51 -5.93
N SER A 277 -5.80 -23.92 -6.87
CA SER A 277 -6.20 -24.64 -8.06
C SER A 277 -5.08 -25.41 -8.70
N GLY A 278 -5.38 -26.68 -8.95
CA GLY A 278 -4.49 -27.63 -9.59
C GLY A 278 -3.67 -28.47 -8.64
N LYS A 279 -3.65 -28.13 -7.35
CA LYS A 279 -2.83 -28.88 -6.42
C LYS A 279 -3.58 -29.79 -5.50
N THR A 280 -2.88 -30.86 -5.12
CA THR A 280 -3.35 -31.83 -4.17
C THR A 280 -2.81 -31.45 -2.83
N GLY A 281 -3.34 -32.02 -1.77
CA GLY A 281 -2.79 -31.74 -0.45
C GLY A 281 -2.46 -33.04 0.24
N THR A 282 -1.87 -32.98 1.42
CA THR A 282 -1.55 -34.19 2.14
C THR A 282 -1.97 -34.17 3.60
N ILE A 283 -2.55 -35.26 4.08
CA ILE A 283 -2.89 -35.41 5.51
C ILE A 283 -2.21 -36.62 6.11
N THR A 284 -1.58 -36.41 7.27
CA THR A 284 -0.89 -37.48 7.99
C THR A 284 -1.66 -37.78 9.25
N TYR A 285 -1.92 -39.04 9.54
CA TYR A 285 -2.72 -39.30 10.72
C TYR A 285 -2.51 -40.61 11.42
N GLN A 286 -2.94 -40.68 12.67
CA GLN A 286 -2.93 -41.94 13.39
C GLN A 286 -4.36 -42.36 13.70
N ARG A 287 -4.75 -42.47 14.96
CA ARG A 287 -6.13 -42.89 15.19
C ARG A 287 -7.03 -41.73 15.51
N GLY A 288 -8.30 -41.84 15.16
CA GLY A 288 -9.25 -40.78 15.44
C GLY A 288 -9.37 -39.80 14.30
N ILE A 289 -8.88 -40.14 13.15
CA ILE A 289 -8.96 -39.21 12.04
C ILE A 289 -10.35 -39.01 11.49
N LEU A 290 -10.68 -37.75 11.27
CA LEU A 290 -11.89 -37.40 10.60
C LEU A 290 -11.40 -37.10 9.19
N LEU A 291 -11.73 -37.95 8.23
CA LEU A 291 -11.20 -37.81 6.89
C LEU A 291 -12.06 -36.86 6.10
N PRO A 292 -11.52 -36.10 5.17
CA PRO A 292 -12.28 -35.25 4.30
C PRO A 292 -13.28 -36.06 3.52
N GLN A 293 -14.46 -35.49 3.30
CA GLN A 293 -15.51 -36.08 2.47
C GLN A 293 -15.94 -35.08 1.44
N LYS A 294 -16.95 -34.28 1.73
CA LYS A 294 -17.27 -33.30 0.71
C LYS A 294 -16.29 -32.17 0.93
N VAL A 295 -15.95 -31.43 -0.11
CA VAL A 295 -15.02 -30.31 0.04
C VAL A 295 -15.64 -29.08 -0.53
N TRP A 296 -15.13 -27.92 -0.16
CA TRP A 296 -15.67 -26.72 -0.77
C TRP A 296 -14.90 -26.37 -2.02
N CYS A 297 -15.60 -25.98 -3.10
CA CYS A 297 -15.02 -25.50 -4.34
C CYS A 297 -15.41 -24.06 -4.47
N ALA A 298 -14.44 -23.19 -4.71
CA ALA A 298 -14.85 -21.80 -4.80
C ALA A 298 -14.03 -20.96 -5.75
N SER A 299 -14.66 -19.95 -6.32
CA SER A 299 -13.97 -19.08 -7.25
C SER A 299 -14.47 -17.67 -7.26
N GLY A 300 -13.69 -16.80 -7.87
CA GLY A 300 -14.07 -15.41 -8.03
C GLY A 300 -13.79 -14.69 -6.75
N ARG A 301 -14.17 -13.44 -6.67
CA ARG A 301 -13.96 -12.67 -5.46
C ARG A 301 -15.13 -11.81 -5.14
N SER A 302 -15.55 -11.82 -3.90
CA SER A 302 -16.61 -10.95 -3.47
C SER A 302 -15.95 -9.72 -2.88
N LYS A 303 -16.68 -8.64 -2.80
CA LYS A 303 -16.19 -7.46 -2.15
C LYS A 303 -16.63 -7.56 -0.71
N VAL A 304 -15.69 -7.60 0.22
CA VAL A 304 -16.09 -7.83 1.60
C VAL A 304 -15.80 -6.67 2.53
N ILE A 305 -16.82 -6.27 3.28
CA ILE A 305 -16.67 -5.25 4.32
C ILE A 305 -17.20 -5.78 5.61
N LYS A 306 -16.81 -5.18 6.73
CA LYS A 306 -17.32 -5.61 8.02
C LYS A 306 -18.68 -5.01 8.20
N GLY A 307 -19.57 -5.71 8.88
CA GLY A 307 -20.89 -5.14 9.07
C GLY A 307 -21.75 -5.98 9.97
N SER A 308 -23.05 -5.72 9.97
CA SER A 308 -23.96 -6.42 10.86
C SER A 308 -25.30 -6.65 10.23
N LEU A 309 -25.79 -7.87 10.31
CA LEU A 309 -27.08 -8.27 9.75
C LEU A 309 -28.14 -8.03 10.80
N PRO A 310 -29.42 -7.91 10.43
CA PRO A 310 -30.09 -8.03 9.15
C PRO A 310 -29.86 -6.89 8.22
N LEU A 311 -30.08 -7.13 6.95
CA LEU A 311 -29.99 -6.09 5.95
C LEU A 311 -31.37 -5.58 5.70
N ILE A 312 -31.55 -4.30 5.89
CA ILE A 312 -32.86 -3.70 5.77
C ILE A 312 -32.99 -2.75 4.61
N GLY A 313 -33.84 -3.11 3.65
CA GLY A 313 -34.02 -2.28 2.47
C GLY A 313 -32.79 -2.35 1.60
N GLU A 314 -32.59 -1.30 0.82
CA GLU A 314 -31.49 -1.18 -0.14
C GLU A 314 -30.79 0.15 0.03
N ALA A 315 -29.54 0.21 -0.36
CA ALA A 315 -28.81 1.49 -0.33
C ALA A 315 -27.86 1.56 -1.48
N ASP A 316 -27.53 2.77 -1.90
CA ASP A 316 -26.57 2.93 -3.00
C ASP A 316 -25.10 2.59 -2.66
N CYS A 317 -24.72 2.77 -1.37
CA CYS A 317 -23.40 2.55 -0.78
C CYS A 317 -23.51 1.90 0.59
N LEU A 318 -22.67 0.91 0.84
CA LEU A 318 -22.59 0.31 2.17
C LEU A 318 -21.29 0.66 2.81
N HIS A 319 -21.36 1.37 3.92
CA HIS A 319 -20.18 1.85 4.59
C HIS A 319 -19.94 1.10 5.88
N GLU A 320 -18.70 0.82 6.21
CA GLU A 320 -18.45 0.11 7.46
C GLU A 320 -18.86 0.83 8.74
N LYS A 321 -18.85 2.15 8.75
CA LYS A 321 -19.20 2.83 9.98
C LYS A 321 -20.60 3.36 9.91
N TYR A 322 -21.04 3.71 8.70
CA TYR A 322 -22.34 4.31 8.62
C TYR A 322 -23.48 3.46 8.07
N GLY A 323 -23.25 2.22 7.66
CA GLY A 323 -24.35 1.43 7.16
C GLY A 323 -24.72 1.92 5.79
N GLY A 324 -25.96 1.76 5.37
CA GLY A 324 -26.28 2.21 4.03
C GLY A 324 -26.34 3.72 3.92
N LEU A 325 -25.80 4.23 2.82
CA LEU A 325 -25.78 5.63 2.44
C LEU A 325 -26.35 5.78 1.03
N ASN A 326 -26.98 6.95 0.69
CA ASN A 326 -27.51 7.21 -0.66
C ASN A 326 -26.80 8.36 -1.43
N LYS A 327 -25.55 8.74 -1.05
CA LYS A 327 -24.70 9.74 -1.75
C LYS A 327 -25.40 11.07 -2.08
N SER A 328 -25.98 11.73 -1.08
CA SER A 328 -26.65 13.00 -1.33
C SER A 328 -25.71 14.08 -1.80
N LYS A 329 -24.46 13.99 -1.38
CA LYS A 329 -23.42 14.91 -1.78
C LYS A 329 -22.26 14.07 -2.24
N PRO A 330 -21.45 14.53 -3.19
CA PRO A 330 -20.31 13.82 -3.71
C PRO A 330 -19.19 13.53 -2.71
N TYR A 331 -19.10 14.29 -1.64
CA TYR A 331 -18.03 14.04 -0.70
C TYR A 331 -18.59 13.97 0.71
N TYR A 332 -17.86 13.34 1.61
CA TYR A 332 -18.34 13.38 2.97
C TYR A 332 -17.24 13.58 3.94
N THR A 333 -17.59 14.07 5.11
CA THR A 333 -16.64 14.21 6.18
C THR A 333 -17.09 13.24 7.22
N GLY A 334 -16.23 12.92 8.15
CA GLY A 334 -16.64 11.94 9.13
C GLY A 334 -15.57 10.90 9.25
N GLU A 335 -15.93 9.74 9.74
CA GLU A 335 -14.94 8.72 9.95
C GLU A 335 -14.72 7.90 8.69
N HIS A 336 -13.46 7.80 8.27
CA HIS A 336 -13.11 7.02 7.09
C HIS A 336 -13.18 5.55 7.37
N ALA A 337 -13.72 4.80 6.43
CA ALA A 337 -13.77 3.36 6.54
C ALA A 337 -13.99 2.76 5.18
N LYS A 338 -13.95 1.45 5.09
CA LYS A 338 -14.15 0.79 3.82
C LYS A 338 -15.58 0.91 3.40
N ALA A 339 -15.82 0.81 2.10
CA ALA A 339 -17.17 0.88 1.60
C ALA A 339 -17.32 0.21 0.25
N ILE A 340 -18.54 -0.19 -0.05
CA ILE A 340 -18.86 -0.76 -1.34
C ILE A 340 -20.00 -0.04 -2.04
N GLY A 341 -19.84 0.29 -3.31
CA GLY A 341 -20.96 0.92 -4.02
C GLY A 341 -20.76 2.34 -4.47
N ASN A 342 -21.87 2.99 -4.79
CA ASN A 342 -21.82 4.33 -5.34
C ASN A 342 -21.75 5.30 -4.17
N CYS A 343 -20.55 5.37 -3.60
CA CYS A 343 -20.22 6.06 -2.36
C CYS A 343 -19.73 7.47 -2.59
N PRO A 344 -19.96 8.36 -1.61
CA PRO A 344 -19.40 9.67 -1.54
C PRO A 344 -17.94 9.46 -1.24
N ILE A 345 -17.11 10.38 -1.62
CA ILE A 345 -15.69 10.23 -1.34
C ILE A 345 -15.32 10.96 -0.06
N TRP A 346 -14.63 10.29 0.82
CA TRP A 346 -14.25 10.91 2.07
C TRP A 346 -13.24 11.98 1.86
N VAL A 347 -13.44 13.10 2.54
CA VAL A 347 -12.49 14.20 2.54
C VAL A 347 -12.22 14.65 3.96
N LYS A 348 -11.10 15.30 4.17
CA LYS A 348 -10.72 15.81 5.48
C LYS A 348 -11.53 16.96 6.06
N THR A 349 -11.96 17.88 5.21
CA THR A 349 -12.63 19.07 5.71
C THR A 349 -13.92 19.21 4.97
N PRO A 350 -14.84 20.04 5.41
CA PRO A 350 -15.99 20.43 4.66
C PRO A 350 -15.44 21.13 3.44
N LEU A 351 -16.11 20.97 2.33
CA LEU A 351 -15.69 21.62 1.10
C LEU A 351 -16.86 22.41 0.56
N LYS A 352 -16.58 23.58 0.03
CA LYS A 352 -17.62 24.40 -0.56
C LYS A 352 -17.13 25.05 -1.82
N LEU A 353 -17.98 25.11 -2.84
CA LEU A 353 -17.59 25.90 -3.98
C LEU A 353 -18.11 27.24 -3.86
N ALA A 354 -17.36 28.19 -4.36
CA ALA A 354 -17.96 29.48 -4.44
C ALA A 354 -18.97 29.37 -5.57
N ASN A 355 -20.17 29.94 -5.40
CA ASN A 355 -21.19 30.09 -6.44
C ASN A 355 -21.17 31.54 -6.95
N GLY A 356 -21.03 32.51 -6.01
CA GLY A 356 -21.00 33.92 -6.26
C GLY A 356 -19.60 34.49 -6.27
N THR A 357 -19.57 35.80 -6.30
CA THR A 357 -18.40 36.65 -6.35
C THR A 357 -17.92 36.92 -4.95
N LYS A 358 -16.80 37.61 -4.84
CA LYS A 358 -16.30 37.97 -3.54
C LYS A 358 -17.23 38.95 -2.91
N TYR A 359 -17.22 38.95 -1.59
CA TYR A 359 -17.99 39.89 -0.84
C TYR A 359 -17.58 41.29 -1.19
N ARG A 360 -18.59 42.09 -1.49
CA ARG A 360 -18.47 43.49 -1.82
C ARG A 360 -19.37 44.26 -0.88
N PRO A 361 -18.84 44.78 0.25
CA PRO A 361 -19.59 45.48 1.25
C PRO A 361 -20.30 46.61 0.52
N PRO A 362 -21.46 47.08 1.01
CA PRO A 362 -22.29 48.09 0.37
C PRO A 362 -21.70 49.49 0.43
N ALA A 363 -20.60 49.67 -0.32
CA ALA A 363 -19.80 50.90 -0.43
C ALA A 363 -19.29 51.02 -1.86
N PHE B 8 -28.50 52.60 -4.87
CA PHE B 8 -29.60 51.79 -5.38
C PHE B 8 -29.09 50.65 -6.30
N LEU B 9 -28.27 51.00 -7.34
CA LEU B 9 -27.68 50.00 -8.26
C LEU B 9 -26.20 49.76 -7.96
N GLU B 10 -25.48 50.80 -7.54
CA GLU B 10 -24.05 50.70 -7.27
C GLU B 10 -23.80 50.53 -5.78
N GLY B 11 -22.72 49.85 -5.42
CA GLY B 11 -22.35 49.66 -4.01
C GLY B 11 -23.12 48.47 -3.44
N GLY B 12 -24.44 48.60 -3.41
CA GLY B 12 -25.36 47.57 -2.93
C GLY B 12 -26.16 48.01 -1.72
N TRP B 13 -27.26 47.32 -1.50
CA TRP B 13 -28.18 47.55 -0.38
C TRP B 13 -29.02 46.30 -0.23
N GLU B 14 -29.84 46.23 0.79
CA GLU B 14 -30.67 45.06 1.02
C GLU B 14 -31.92 45.03 0.15
N GLY B 15 -31.69 44.86 -1.14
CA GLY B 15 -32.74 44.85 -2.15
C GLY B 15 -32.96 43.45 -2.71
N MET B 16 -33.47 43.39 -3.95
CA MET B 16 -33.70 42.11 -4.58
C MET B 16 -32.48 41.71 -5.37
N ILE B 17 -32.12 40.44 -5.24
CA ILE B 17 -30.96 39.90 -5.92
C ILE B 17 -31.36 38.76 -6.86
N ALA B 18 -32.65 38.70 -7.16
CA ALA B 18 -33.27 37.63 -7.95
C ALA B 18 -32.70 37.46 -9.35
N GLY B 19 -32.23 38.53 -9.98
CA GLY B 19 -31.64 38.39 -11.30
C GLY B 19 -30.10 38.43 -11.22
N TRP B 20 -29.56 38.47 -9.99
CA TRP B 20 -28.15 38.63 -9.65
C TRP B 20 -27.41 39.34 -10.79
N HIS B 21 -27.81 40.55 -11.08
CA HIS B 21 -27.37 41.15 -12.32
C HIS B 21 -25.94 41.68 -12.24
N GLY B 22 -25.18 41.49 -13.32
CA GLY B 22 -23.78 41.92 -13.37
C GLY B 22 -23.47 43.40 -13.67
N TYR B 23 -24.42 44.20 -14.14
CA TYR B 23 -24.09 45.61 -14.43
C TYR B 23 -25.24 46.53 -14.02
N THR B 24 -24.92 47.80 -13.83
CA THR B 24 -25.93 48.77 -13.48
C THR B 24 -26.35 49.61 -14.68
N SER B 25 -27.51 50.21 -14.60
CA SER B 25 -28.02 51.09 -15.64
C SER B 25 -27.43 52.48 -15.52
N HIS B 26 -27.66 53.25 -16.56
CA HIS B 26 -27.20 54.62 -16.67
C HIS B 26 -28.22 55.44 -17.45
N GLY B 27 -28.16 56.76 -17.35
CA GLY B 27 -29.03 57.62 -18.15
C GLY B 27 -29.87 58.59 -17.35
N ALA B 28 -30.41 59.59 -18.06
CA ALA B 28 -31.24 60.66 -17.48
C ALA B 28 -32.72 60.30 -17.33
N HIS B 29 -33.15 59.16 -17.86
CA HIS B 29 -34.58 58.84 -17.82
C HIS B 29 -34.98 58.22 -16.49
N GLY B 30 -34.97 59.05 -15.45
CA GLY B 30 -35.24 58.54 -14.12
C GLY B 30 -34.19 57.47 -13.92
N VAL B 31 -34.58 56.29 -13.48
CA VAL B 31 -33.62 55.23 -13.36
C VAL B 31 -34.18 54.03 -14.09
N ALA B 32 -33.89 53.93 -15.38
CA ALA B 32 -34.39 52.79 -16.11
C ALA B 32 -33.61 51.60 -15.64
N VAL B 33 -34.25 50.44 -15.49
CA VAL B 33 -33.52 49.23 -15.10
C VAL B 33 -33.90 48.05 -15.96
N ALA B 34 -32.92 47.33 -16.49
CA ALA B 34 -33.22 46.13 -17.28
C ALA B 34 -32.15 45.12 -16.98
N ALA B 35 -32.52 43.85 -17.01
CA ALA B 35 -31.53 42.83 -16.76
C ALA B 35 -31.22 42.02 -17.99
N ASP B 36 -29.95 41.66 -18.09
CA ASP B 36 -29.44 40.77 -19.09
C ASP B 36 -29.59 39.34 -18.60
N LEU B 37 -30.56 38.67 -19.14
CA LEU B 37 -30.86 37.36 -18.65
C LEU B 37 -30.04 36.33 -19.38
N LYS B 38 -29.29 36.76 -20.40
CA LYS B 38 -28.47 35.82 -21.12
C LYS B 38 -27.25 35.62 -20.24
N SER B 39 -26.78 36.74 -19.68
CA SER B 39 -25.64 36.76 -18.77
C SER B 39 -25.98 36.00 -17.51
N THR B 40 -27.20 36.21 -17.03
CA THR B 40 -27.63 35.55 -15.82
C THR B 40 -27.60 34.04 -16.04
N GLN B 41 -28.11 33.57 -17.18
CA GLN B 41 -28.07 32.14 -17.44
C GLN B 41 -26.67 31.63 -17.66
N GLU B 42 -25.79 32.43 -18.26
CA GLU B 42 -24.44 31.96 -18.44
C GLU B 42 -23.81 31.67 -17.11
N ALA B 43 -23.98 32.57 -16.15
CA ALA B 43 -23.38 32.36 -14.84
C ALA B 43 -23.87 31.10 -14.16
N ILE B 44 -25.16 30.81 -14.31
CA ILE B 44 -25.72 29.63 -13.71
C ILE B 44 -25.23 28.38 -14.41
N ASN B 45 -25.20 28.41 -15.73
CA ASN B 45 -24.77 27.24 -16.44
C ASN B 45 -23.30 26.98 -16.21
N LYS B 46 -22.51 28.04 -16.05
CA LYS B 46 -21.10 27.89 -15.82
C LYS B 46 -20.83 27.25 -14.47
N ILE B 47 -21.54 27.68 -13.42
CA ILE B 47 -21.29 27.06 -12.14
C ILE B 47 -21.76 25.63 -12.14
N THR B 48 -22.85 25.35 -12.87
CA THR B 48 -23.36 24.01 -12.95
C THR B 48 -22.32 23.09 -13.54
N LYS B 49 -21.68 23.51 -14.63
CA LYS B 49 -20.67 22.67 -15.25
C LYS B 49 -19.50 22.43 -14.32
N ASN B 50 -19.08 23.44 -13.57
CA ASN B 50 -17.97 23.24 -12.65
C ASN B 50 -18.37 22.29 -11.53
N LEU B 51 -19.59 22.42 -11.04
CA LEU B 51 -20.02 21.54 -9.99
C LEU B 51 -20.00 20.12 -10.47
N ASN B 52 -20.47 19.90 -11.68
CA ASN B 52 -20.50 18.55 -12.19
C ASN B 52 -19.11 18.01 -12.46
N SER B 53 -18.15 18.81 -12.93
CA SER B 53 -16.86 18.16 -13.16
C SER B 53 -16.28 17.67 -11.85
N LEU B 54 -16.62 18.30 -10.73
CA LEU B 54 -16.17 17.81 -9.44
C LEU B 54 -17.00 16.63 -8.92
N SER B 55 -18.33 16.68 -9.10
CA SER B 55 -19.16 15.61 -8.56
C SER B 55 -18.97 14.32 -9.34
N GLU B 56 -18.46 14.43 -10.56
CA GLU B 56 -18.18 13.31 -11.42
C GLU B 56 -16.88 12.58 -11.07
N LEU B 57 -16.10 13.08 -10.13
CA LEU B 57 -14.89 12.35 -9.82
C LEU B 57 -15.20 10.99 -9.28
N GLU B 58 -14.54 10.00 -9.83
CA GLU B 58 -14.71 8.64 -9.41
C GLU B 58 -13.39 8.04 -9.03
N VAL B 59 -13.34 7.39 -7.89
CA VAL B 59 -12.14 6.72 -7.47
C VAL B 59 -12.57 5.33 -7.09
N LYS B 60 -11.66 4.36 -7.10
CA LYS B 60 -12.02 3.03 -6.67
C LYS B 60 -12.22 3.00 -5.17
N ASN B 61 -13.17 2.20 -4.70
CA ASN B 61 -13.40 2.07 -3.27
C ASN B 61 -12.54 0.97 -2.67
N LEU B 62 -12.32 1.09 -1.38
CA LEU B 62 -11.54 0.11 -0.65
C LEU B 62 -12.39 -0.94 0.04
N GLN B 63 -11.92 -2.18 0.03
CA GLN B 63 -12.55 -3.29 0.74
C GLN B 63 -11.48 -4.17 1.39
N ARG B 64 -11.91 -5.21 2.10
CA ARG B 64 -11.01 -6.13 2.77
C ARG B 64 -10.37 -7.08 1.83
N LEU B 65 -9.20 -7.57 2.21
CA LEU B 65 -8.54 -8.58 1.43
C LEU B 65 -9.34 -9.83 1.64
N SER B 66 -9.70 -10.52 0.58
CA SER B 66 -10.57 -11.68 0.74
C SER B 66 -9.88 -12.86 1.38
N GLY B 67 -8.57 -12.96 1.24
CA GLY B 67 -7.88 -14.09 1.84
C GLY B 67 -7.28 -13.78 3.19
N ALA B 68 -7.45 -12.57 3.71
CA ALA B 68 -6.80 -12.26 4.96
C ALA B 68 -7.77 -12.42 6.09
N MET B 69 -7.56 -13.45 6.87
CA MET B 69 -8.45 -13.79 7.96
C MET B 69 -8.02 -13.10 9.22
N ASP B 70 -8.98 -12.68 10.01
CA ASP B 70 -8.68 -12.02 11.26
C ASP B 70 -7.91 -12.91 12.17
N GLU B 71 -7.01 -12.29 12.93
CA GLU B 71 -6.14 -12.92 13.92
C GLU B 71 -5.01 -13.71 13.25
N LEU B 72 -5.40 -14.68 12.43
CA LEU B 72 -4.49 -15.56 11.73
C LEU B 72 -3.49 -14.79 10.89
N HIS B 73 -3.96 -13.72 10.26
CA HIS B 73 -3.13 -12.89 9.42
C HIS B 73 -3.17 -11.47 9.89
N ASN B 74 -3.09 -11.27 11.20
CA ASN B 74 -3.15 -9.93 11.72
C ASN B 74 -2.08 -9.00 11.18
N GLU B 75 -0.87 -9.50 10.91
CA GLU B 75 0.18 -8.61 10.43
C GLU B 75 -0.12 -8.05 9.05
N ILE B 76 -0.71 -8.86 8.19
CA ILE B 76 -1.05 -8.42 6.85
C ILE B 76 -2.13 -7.40 6.97
N LEU B 77 -3.10 -7.66 7.83
CA LEU B 77 -4.19 -6.74 8.00
C LEU B 77 -3.70 -5.41 8.57
N GLU B 78 -2.72 -5.40 9.47
CA GLU B 78 -2.23 -4.11 9.95
C GLU B 78 -1.72 -3.29 8.77
N LEU B 79 -1.00 -3.95 7.85
CA LEU B 79 -0.54 -3.22 6.68
C LEU B 79 -1.70 -2.81 5.83
N ASP B 80 -2.70 -3.66 5.68
CA ASP B 80 -3.83 -3.28 4.87
C ASP B 80 -4.49 -2.03 5.43
N GLU B 81 -4.59 -1.91 6.76
CA GLU B 81 -5.18 -0.71 7.32
C GLU B 81 -4.32 0.49 7.00
N LYS B 82 -3.01 0.34 7.08
CA LYS B 82 -2.11 1.42 6.75
C LYS B 82 -2.32 1.87 5.33
N VAL B 83 -2.49 0.94 4.41
CA VAL B 83 -2.68 1.29 3.02
C VAL B 83 -3.97 2.06 2.85
N ASP B 84 -5.05 1.61 3.47
CA ASP B 84 -6.33 2.30 3.31
C ASP B 84 -6.28 3.70 3.86
N ASP B 85 -5.57 3.87 4.96
CA ASP B 85 -5.49 5.15 5.62
C ASP B 85 -4.64 6.13 4.81
N LEU B 86 -3.53 5.66 4.24
CA LEU B 86 -2.70 6.54 3.46
C LEU B 86 -3.41 6.92 2.19
N ARG B 87 -4.16 5.98 1.64
CA ARG B 87 -4.90 6.27 0.46
C ARG B 87 -5.91 7.33 0.75
N ALA B 88 -6.58 7.25 1.90
CA ALA B 88 -7.56 8.26 2.23
C ALA B 88 -6.94 9.64 2.26
N ASP B 89 -5.71 9.79 2.79
CA ASP B 89 -5.15 11.15 2.73
C ASP B 89 -4.90 11.55 1.31
N THR B 90 -4.42 10.63 0.49
CA THR B 90 -4.10 10.97 -0.87
C THR B 90 -5.29 11.44 -1.65
N ILE B 91 -6.39 10.73 -1.55
CA ILE B 91 -7.56 11.10 -2.31
C ILE B 91 -8.13 12.39 -1.77
N SER B 92 -8.17 12.55 -0.45
CA SER B 92 -8.69 13.79 0.09
C SER B 92 -7.88 14.95 -0.41
N SER B 93 -6.56 14.82 -0.43
CA SER B 93 -5.72 15.91 -0.90
C SER B 93 -5.98 16.21 -2.37
N GLN B 94 -6.18 15.19 -3.20
CA GLN B 94 -6.45 15.49 -4.60
C GLN B 94 -7.76 16.22 -4.75
N ILE B 95 -8.74 15.85 -3.97
CA ILE B 95 -10.02 16.52 -4.05
C ILE B 95 -9.88 17.93 -3.56
N GLU B 96 -9.20 18.13 -2.44
CA GLU B 96 -9.10 19.48 -1.96
C GLU B 96 -8.41 20.33 -2.98
N LEU B 97 -7.38 19.81 -3.64
CA LEU B 97 -6.73 20.65 -4.62
C LEU B 97 -7.67 20.93 -5.77
N ALA B 98 -8.42 19.94 -6.25
CA ALA B 98 -9.31 20.22 -7.34
C ALA B 98 -10.34 21.27 -6.98
N VAL B 99 -10.85 21.22 -5.75
CA VAL B 99 -11.84 22.19 -5.29
C VAL B 99 -11.22 23.55 -5.09
N LEU B 100 -10.05 23.61 -4.47
CA LEU B 100 -9.38 24.86 -4.22
C LEU B 100 -9.00 25.54 -5.50
N LEU B 101 -8.57 24.78 -6.51
CA LEU B 101 -8.23 25.38 -7.78
C LEU B 101 -9.49 25.84 -8.46
N SER B 102 -10.58 25.09 -8.31
CA SER B 102 -11.82 25.53 -8.90
C SER B 102 -12.21 26.85 -8.27
N ASN B 103 -12.11 26.96 -6.93
CA ASN B 103 -12.45 28.22 -6.29
C ASN B 103 -11.50 29.34 -6.62
N GLU B 104 -10.20 29.07 -6.72
CA GLU B 104 -9.30 30.14 -7.07
C GLU B 104 -9.71 30.69 -8.44
N GLY B 105 -10.03 29.78 -9.38
CA GLY B 105 -10.45 30.17 -10.71
C GLY B 105 -11.74 30.96 -10.71
N ILE B 106 -12.70 30.57 -9.88
CA ILE B 106 -13.97 31.28 -9.78
C ILE B 106 -13.79 32.67 -9.22
N ILE B 107 -13.02 32.79 -8.15
CA ILE B 107 -12.76 34.06 -7.49
C ILE B 107 -12.05 35.01 -8.43
N ASN B 108 -11.10 34.50 -9.18
CA ASN B 108 -10.33 35.35 -10.05
C ASN B 108 -11.01 35.60 -11.40
N SER B 109 -12.22 35.07 -11.60
CA SER B 109 -12.96 35.30 -12.81
C SER B 109 -13.91 36.48 -12.63
N GLU B 110 -13.96 37.01 -11.40
CA GLU B 110 -14.86 38.10 -11.07
C GLU B 110 -14.62 39.36 -11.89
N ASP B 111 -13.36 39.69 -12.11
CA ASP B 111 -13.07 40.94 -12.81
C ASP B 111 -13.24 40.76 -14.28
N GLU B 112 -12.95 39.59 -14.80
CA GLU B 112 -13.12 39.40 -16.22
C GLU B 112 -14.59 39.44 -16.56
N HIS B 113 -15.43 38.85 -15.71
CA HIS B 113 -16.84 38.90 -16.03
C HIS B 113 -17.29 40.35 -16.08
N LEU B 114 -16.94 41.15 -15.07
CA LEU B 114 -17.41 42.53 -15.06
C LEU B 114 -16.82 43.36 -16.20
N LEU B 115 -15.55 43.15 -16.52
CA LEU B 115 -14.93 43.90 -17.59
C LEU B 115 -15.55 43.53 -18.92
N ALA B 116 -15.85 42.25 -19.11
CA ALA B 116 -16.45 41.82 -20.35
C ALA B 116 -17.81 42.47 -20.52
N LEU B 117 -18.56 42.62 -19.43
CA LEU B 117 -19.87 43.25 -19.55
C LEU B 117 -19.73 44.71 -19.97
N GLU B 118 -18.75 45.42 -19.42
CA GLU B 118 -18.62 46.81 -19.81
C GLU B 118 -18.16 46.92 -21.27
N ARG B 119 -17.31 45.98 -21.72
CA ARG B 119 -16.87 46.04 -23.09
C ARG B 119 -18.03 45.85 -24.06
N LYS B 120 -18.97 44.93 -23.76
CA LYS B 120 -20.07 44.80 -24.71
C LYS B 120 -21.00 46.01 -24.67
N LEU B 121 -21.06 46.73 -23.53
CA LEU B 121 -21.90 47.92 -23.54
C LEU B 121 -21.29 48.92 -24.50
N LYS B 122 -19.96 49.03 -24.50
CA LYS B 122 -19.32 49.95 -25.43
C LYS B 122 -19.58 49.53 -26.87
N LYS B 123 -19.56 48.22 -27.16
CA LYS B 123 -19.86 47.77 -28.52
C LYS B 123 -21.23 48.26 -28.96
N MET B 124 -22.22 48.08 -28.09
CA MET B 124 -23.60 48.47 -28.39
C MET B 124 -23.85 49.98 -28.40
N LEU B 125 -23.14 50.72 -27.56
CA LEU B 125 -23.35 52.17 -27.43
C LEU B 125 -22.46 53.04 -28.31
N GLY B 126 -21.28 52.55 -28.68
CA GLY B 126 -20.36 53.28 -29.54
C GLY B 126 -19.29 54.04 -28.75
N PRO B 127 -18.28 54.60 -29.45
CA PRO B 127 -17.12 55.29 -28.89
C PRO B 127 -17.44 56.70 -28.46
N SER B 128 -18.34 56.82 -27.50
CA SER B 128 -18.79 58.12 -27.02
C SER B 128 -18.36 58.48 -25.60
N ALA B 129 -17.89 57.50 -24.82
CA ALA B 129 -17.60 57.80 -23.42
C ALA B 129 -16.66 56.81 -22.76
N VAL B 130 -16.10 57.25 -21.65
CA VAL B 130 -15.27 56.42 -20.76
C VAL B 130 -15.77 56.64 -19.34
N GLU B 131 -15.41 55.74 -18.42
CA GLU B 131 -15.76 55.93 -17.01
C GLU B 131 -14.68 55.29 -16.13
N ILE B 132 -14.58 55.75 -14.90
CA ILE B 132 -13.60 55.31 -13.90
C ILE B 132 -14.23 54.80 -12.60
N GLY B 133 -13.40 54.21 -11.72
CA GLY B 133 -13.93 53.72 -10.45
C GLY B 133 -14.78 52.51 -10.74
N ASN B 134 -16.08 52.59 -10.44
CA ASN B 134 -16.92 51.43 -10.72
C ASN B 134 -16.96 51.21 -12.24
N GLY B 135 -16.78 52.28 -13.02
CA GLY B 135 -16.71 52.15 -14.45
C GLY B 135 -18.03 52.01 -15.19
N CYS B 136 -19.16 52.34 -14.58
CA CYS B 136 -20.38 52.14 -15.32
C CYS B 136 -20.42 53.02 -16.53
N PHE B 137 -20.50 52.40 -17.69
CA PHE B 137 -20.51 53.18 -18.90
C PHE B 137 -21.67 54.16 -18.88
N GLU B 138 -21.41 55.40 -19.27
CA GLU B 138 -22.41 56.45 -19.33
C GLU B 138 -22.38 57.08 -20.71
N THR B 139 -23.55 57.21 -21.33
CA THR B 139 -23.73 57.77 -22.66
C THR B 139 -23.75 59.29 -22.71
N LYS B 140 -23.73 59.80 -23.94
CA LYS B 140 -23.82 61.22 -24.22
C LYS B 140 -25.21 61.57 -24.73
N HIS B 141 -26.13 60.62 -24.62
CA HIS B 141 -27.50 60.75 -25.05
C HIS B 141 -28.47 60.10 -24.06
N LYS B 142 -29.70 60.56 -24.08
CA LYS B 142 -30.74 59.98 -23.23
C LYS B 142 -31.17 58.62 -23.78
N CYS B 143 -31.40 57.64 -22.87
CA CYS B 143 -31.85 56.28 -23.15
C CYS B 143 -32.91 55.91 -22.12
N ASN B 144 -34.12 55.63 -22.61
CA ASN B 144 -35.29 55.32 -21.80
C ASN B 144 -35.42 53.84 -21.49
N GLN B 145 -36.51 53.43 -20.84
CA GLN B 145 -36.62 52.02 -20.46
C GLN B 145 -36.70 51.10 -21.67
N THR B 146 -37.38 51.51 -22.73
CA THR B 146 -37.47 50.66 -23.93
C THR B 146 -36.06 50.43 -24.54
N CYS B 147 -35.26 51.54 -24.62
CA CYS B 147 -33.87 51.58 -25.08
C CYS B 147 -33.01 50.65 -24.20
N LEU B 148 -33.15 50.78 -22.89
CA LEU B 148 -32.37 49.96 -22.00
C LEU B 148 -32.73 48.49 -22.16
N ASP B 149 -34.02 48.18 -22.36
CA ASP B 149 -34.41 46.78 -22.54
C ASP B 149 -33.78 46.22 -23.81
N ARG B 150 -33.72 47.04 -24.88
CA ARG B 150 -33.10 46.58 -26.12
C ARG B 150 -31.62 46.28 -25.91
N ILE B 151 -30.97 47.11 -25.10
CA ILE B 151 -29.55 46.93 -24.81
C ILE B 151 -29.35 45.66 -23.99
N ALA B 152 -30.15 45.48 -22.93
CA ALA B 152 -30.02 44.30 -22.07
C ALA B 152 -30.24 43.03 -22.88
N ALA B 153 -31.14 43.10 -23.85
CA ALA B 153 -31.46 42.00 -24.74
C ALA B 153 -30.53 41.87 -25.98
N GLY B 154 -29.54 42.78 -26.17
CA GLY B 154 -28.65 42.85 -27.31
C GLY B 154 -29.19 43.89 -28.29
N THR C 32 -7.00 33.06 -36.89
CA THR C 32 -7.23 31.96 -37.80
C THR C 32 -8.18 30.92 -37.14
N SER C 33 -9.01 30.27 -37.98
CA SER C 33 -9.99 29.24 -37.61
C SER C 33 -10.06 28.22 -38.74
N SER C 34 -10.37 26.99 -38.37
CA SER C 34 -10.48 25.88 -39.29
C SER C 34 -11.60 24.96 -38.82
N ASN C 35 -11.89 23.90 -39.57
CA ASN C 35 -12.93 23.01 -39.10
C ASN C 35 -12.36 22.41 -37.83
N SER C 36 -13.02 22.67 -36.71
CA SER C 36 -12.48 22.35 -35.42
C SER C 36 -13.33 21.55 -34.46
N PRO C 37 -13.61 20.29 -34.76
CA PRO C 37 -14.37 19.39 -33.95
C PRO C 37 -13.52 18.64 -32.94
N HIS C 38 -12.29 19.09 -32.64
CA HIS C 38 -11.52 18.25 -31.75
C HIS C 38 -12.01 18.54 -30.36
N VAL C 39 -12.09 17.54 -29.52
CA VAL C 39 -12.57 17.83 -28.18
C VAL C 39 -11.57 17.52 -27.11
N VAL C 40 -11.37 18.50 -26.25
CA VAL C 40 -10.48 18.37 -25.14
C VAL C 40 -11.27 18.67 -23.90
N LYS C 41 -10.79 18.22 -22.77
CA LYS C 41 -11.48 18.49 -21.55
C LYS C 41 -10.67 19.43 -20.70
N THR C 42 -11.37 20.23 -19.92
CA THR C 42 -10.77 21.13 -18.96
C THR C 42 -11.29 20.75 -17.60
N ALA C 43 -10.59 21.17 -16.56
CA ALA C 43 -10.99 20.85 -15.21
C ALA C 43 -12.33 21.45 -14.78
N THR C 44 -12.66 22.65 -15.26
CA THR C 44 -13.87 23.34 -14.83
C THR C 44 -14.92 23.63 -15.90
N GLN C 45 -14.58 23.57 -17.18
CA GLN C 45 -15.51 23.98 -18.22
C GLN C 45 -16.13 22.76 -18.88
N GLY C 46 -15.80 21.60 -18.36
CA GLY C 46 -16.20 20.33 -18.93
C GLY C 46 -15.50 20.17 -20.28
N GLU C 47 -16.26 19.80 -21.32
CA GLU C 47 -15.65 19.58 -22.61
C GLU C 47 -15.76 20.80 -23.50
N VAL C 48 -14.70 21.08 -24.25
CA VAL C 48 -14.73 22.18 -25.18
C VAL C 48 -14.20 21.72 -26.57
N ASN C 49 -14.65 22.38 -27.66
CA ASN C 49 -14.20 22.14 -29.04
C ASN C 49 -13.00 23.05 -29.36
N VAL C 50 -11.91 22.47 -29.94
CA VAL C 50 -10.66 23.16 -30.32
C VAL C 50 -10.23 22.90 -31.77
N THR C 51 -9.30 23.75 -32.23
CA THR C 51 -8.82 23.73 -33.61
C THR C 51 -7.64 22.81 -33.86
N GLY C 52 -7.21 22.11 -32.84
CA GLY C 52 -6.12 21.17 -32.99
C GLY C 52 -5.70 20.63 -31.66
N VAL C 53 -5.31 19.36 -31.65
CA VAL C 53 -4.87 18.66 -30.46
C VAL C 53 -3.59 17.87 -30.63
N ILE C 54 -2.98 17.55 -29.50
CA ILE C 54 -1.83 16.68 -29.45
C ILE C 54 -2.17 15.47 -28.61
N PRO C 55 -2.40 14.30 -29.17
CA PRO C 55 -2.70 13.11 -28.42
C PRO C 55 -1.54 12.86 -27.50
N LEU C 56 -1.82 12.53 -26.26
CA LEU C 56 -0.77 12.25 -25.30
C LEU C 56 -0.68 10.77 -25.01
N THR C 57 -1.74 10.05 -25.35
CA THR C 57 -1.86 8.65 -25.08
C THR C 57 -1.90 7.77 -26.28
N THR C 58 -1.44 6.55 -26.07
CA THR C 58 -1.58 5.51 -27.07
C THR C 58 -2.15 4.27 -26.47
N THR C 59 -2.36 3.28 -27.30
CA THR C 59 -2.82 1.98 -26.82
C THR C 59 -1.82 0.97 -27.33
N PRO C 60 -1.06 0.31 -26.48
CA PRO C 60 -0.04 -0.63 -26.84
C PRO C 60 -0.66 -1.88 -27.38
N THR C 61 0.09 -2.56 -28.22
CA THR C 61 -0.31 -3.82 -28.77
C THR C 61 0.56 -4.89 -28.18
N LYS C 62 -0.04 -5.98 -27.74
CA LYS C 62 0.73 -7.03 -27.15
C LYS C 62 1.77 -7.60 -28.07
N SER C 63 2.99 -7.70 -27.57
CA SER C 63 4.09 -8.26 -28.32
C SER C 63 4.95 -9.16 -27.45
N HIS C 64 6.12 -9.48 -27.96
CA HIS C 64 7.06 -10.37 -27.32
C HIS C 64 7.79 -9.69 -26.20
N PHE C 65 8.25 -10.47 -25.24
CA PHE C 65 9.15 -9.95 -24.23
C PHE C 65 10.48 -9.84 -24.90
N ALA C 66 11.28 -8.94 -24.41
CA ALA C 66 12.55 -8.62 -25.00
C ALA C 66 13.50 -8.27 -23.93
N ASN C 67 14.76 -8.20 -24.23
CA ASN C 67 15.68 -7.80 -23.20
C ASN C 67 15.39 -6.36 -22.92
N LEU C 68 15.48 -5.95 -21.68
CA LEU C 68 15.28 -4.54 -21.46
C LEU C 68 16.49 -3.86 -22.04
N LYS C 69 16.30 -2.78 -22.76
CA LYS C 69 17.45 -2.09 -23.31
C LYS C 69 18.39 -1.60 -22.21
N GLY C 70 19.67 -1.83 -22.39
CA GLY C 70 20.70 -1.34 -21.48
C GLY C 70 20.98 -2.26 -20.29
N THR C 71 19.95 -2.49 -19.51
CA THR C 71 20.05 -3.33 -18.31
C THR C 71 19.97 -4.84 -18.54
N GLU C 72 20.93 -5.56 -17.95
CA GLU C 72 20.95 -7.01 -18.08
C GLU C 72 19.66 -7.63 -17.55
N THR C 73 19.05 -8.46 -18.42
CA THR C 73 17.80 -9.14 -18.17
C THR C 73 17.98 -10.64 -18.06
N ARG C 74 17.47 -11.20 -16.97
CA ARG C 74 17.52 -12.60 -16.67
C ARG C 74 16.29 -13.34 -17.13
N GLY C 75 16.53 -14.39 -17.87
CA GLY C 75 15.47 -15.25 -18.35
C GLY C 75 15.56 -16.50 -17.51
N LYS C 76 16.36 -17.44 -17.99
CA LYS C 76 16.56 -18.65 -17.25
C LYS C 76 17.61 -18.36 -16.21
N LEU C 77 17.65 -19.12 -15.14
CA LEU C 77 18.70 -18.86 -14.16
C LEU C 77 20.11 -19.09 -14.72
N CYS C 78 20.32 -20.15 -15.52
CA CYS C 78 21.58 -20.51 -16.14
C CYS C 78 21.34 -20.73 -17.64
N PRO C 79 21.46 -19.68 -18.47
CA PRO C 79 21.22 -19.70 -19.89
C PRO C 79 22.12 -20.66 -20.63
N LYS C 80 23.24 -21.00 -20.02
CA LYS C 80 24.21 -21.91 -20.62
C LYS C 80 24.14 -23.37 -20.12
N CYS C 81 23.14 -23.73 -19.29
CA CYS C 81 22.92 -25.05 -18.74
C CYS C 81 21.86 -25.66 -19.65
N LEU C 82 22.31 -26.39 -20.64
CA LEU C 82 21.42 -26.89 -21.68
C LEU C 82 20.71 -28.13 -21.17
N ASN C 83 19.44 -28.35 -21.63
CA ASN C 83 18.55 -29.46 -21.23
C ASN C 83 18.34 -29.48 -19.70
N CYS C 84 18.21 -28.28 -19.10
CA CYS C 84 17.99 -27.99 -17.69
C CYS C 84 16.92 -26.94 -17.57
N THR C 85 16.12 -27.04 -16.53
CA THR C 85 15.22 -25.95 -16.25
C THR C 85 15.56 -25.27 -14.96
N ASP C 86 14.86 -24.23 -14.64
CA ASP C 86 15.23 -23.45 -13.47
C ASP C 86 15.23 -24.24 -12.17
N LEU C 87 14.36 -25.22 -12.05
CA LEU C 87 14.34 -26.00 -10.82
C LEU C 87 15.44 -27.06 -10.82
N ASP C 88 16.01 -27.39 -11.97
CA ASP C 88 17.06 -28.38 -11.95
C ASP C 88 18.32 -27.64 -11.60
N VAL C 89 18.40 -26.39 -12.04
CA VAL C 89 19.56 -25.58 -11.76
C VAL C 89 19.54 -25.25 -10.27
N ALA C 90 18.39 -24.83 -9.76
CA ALA C 90 18.24 -24.46 -8.36
C ALA C 90 18.59 -25.60 -7.42
N LEU C 91 18.27 -26.83 -7.82
CA LEU C 91 18.57 -27.96 -6.98
C LEU C 91 19.94 -28.53 -7.20
N GLY C 92 20.71 -27.99 -8.12
CA GLY C 92 22.03 -28.56 -8.34
C GLY C 92 22.01 -29.87 -9.09
N ARG C 93 21.08 -30.07 -9.99
CA ARG C 93 21.06 -31.35 -10.68
C ARG C 93 22.40 -31.55 -11.34
N PRO C 94 22.94 -32.77 -11.39
CA PRO C 94 24.15 -33.01 -12.09
C PRO C 94 24.00 -32.51 -13.49
N LYS C 95 25.08 -31.91 -13.94
CA LYS C 95 25.25 -31.27 -15.23
C LYS C 95 24.44 -29.98 -15.48
N CYS C 96 23.72 -29.44 -14.44
CA CYS C 96 22.97 -28.17 -14.48
C CYS C 96 23.64 -27.17 -13.58
N THR C 97 24.80 -27.49 -13.12
CA THR C 97 25.48 -26.57 -12.28
C THR C 97 26.18 -25.62 -13.19
N GLY C 98 26.58 -24.48 -12.65
CA GLY C 98 27.27 -23.50 -13.44
C GLY C 98 26.99 -22.16 -12.83
N LYS C 99 27.50 -21.12 -13.46
CA LYS C 99 27.32 -19.79 -12.94
C LYS C 99 26.00 -19.20 -13.36
N ILE C 100 25.37 -18.52 -12.43
CA ILE C 100 24.18 -17.75 -12.70
C ILE C 100 24.63 -16.32 -12.91
N PRO C 101 24.38 -15.71 -14.07
CA PRO C 101 24.73 -14.34 -14.35
C PRO C 101 23.97 -13.45 -13.40
N SER C 102 24.57 -12.36 -12.99
CA SER C 102 23.86 -11.41 -12.18
C SER C 102 22.98 -10.63 -13.11
N ALA C 103 21.89 -10.10 -12.61
CA ALA C 103 21.00 -9.32 -13.45
C ALA C 103 20.22 -8.37 -12.62
N ARG C 104 19.76 -7.28 -13.20
CA ARG C 104 18.96 -6.38 -12.39
C ARG C 104 17.50 -6.53 -12.68
N VAL C 105 17.17 -7.12 -13.81
CA VAL C 105 15.81 -7.34 -14.24
C VAL C 105 15.58 -8.80 -14.47
N SER C 106 14.53 -9.37 -13.91
CA SER C 106 14.25 -10.78 -14.11
C SER C 106 12.84 -11.00 -14.57
N ILE C 107 12.68 -12.00 -15.42
CA ILE C 107 11.36 -12.38 -15.87
C ILE C 107 10.90 -13.71 -15.32
N LEU C 108 9.75 -13.68 -14.69
CA LEU C 108 9.19 -14.85 -14.08
C LEU C 108 8.45 -15.67 -15.09
N HIS C 109 9.24 -16.49 -15.76
CA HIS C 109 8.87 -17.39 -16.83
C HIS C 109 7.94 -18.52 -16.37
N GLU C 110 8.28 -19.16 -15.26
CA GLU C 110 7.46 -20.27 -14.78
C GLU C 110 6.88 -19.95 -13.43
N VAL C 111 5.57 -19.93 -13.41
CA VAL C 111 4.82 -19.64 -12.21
C VAL C 111 4.96 -20.80 -11.25
N ARG C 112 4.92 -22.00 -11.81
CA ARG C 112 5.02 -23.24 -11.07
C ARG C 112 6.13 -24.11 -11.67
N PRO C 113 7.41 -23.85 -11.34
CA PRO C 113 8.58 -24.48 -11.89
C PRO C 113 8.53 -25.97 -11.73
N VAL C 114 9.12 -26.64 -12.69
CA VAL C 114 9.17 -28.08 -12.80
C VAL C 114 10.56 -28.58 -12.95
N THR C 115 10.75 -29.88 -12.76
CA THR C 115 12.05 -30.49 -13.00
C THR C 115 12.07 -31.28 -14.28
N SER C 116 13.25 -31.65 -14.73
CA SER C 116 13.35 -32.44 -15.96
C SER C 116 14.26 -33.65 -15.84
N GLY C 117 14.62 -34.00 -14.62
CA GLY C 117 15.54 -35.10 -14.45
C GLY C 117 15.88 -35.40 -12.99
N CYS C 118 16.82 -36.35 -12.82
CA CYS C 118 17.38 -36.88 -11.57
C CYS C 118 16.34 -37.66 -10.75
N PHE C 119 16.37 -37.55 -9.44
CA PHE C 119 15.60 -38.44 -8.62
C PHE C 119 14.15 -37.95 -8.61
N PRO C 120 13.12 -38.80 -8.58
CA PRO C 120 11.75 -38.37 -8.44
C PRO C 120 11.53 -37.55 -7.20
N ILE C 121 10.85 -36.41 -7.34
CA ILE C 121 10.59 -35.54 -6.20
C ILE C 121 9.11 -35.32 -6.00
N MET C 122 8.65 -35.52 -4.78
CA MET C 122 7.25 -35.27 -4.50
C MET C 122 7.10 -33.79 -4.26
N HIS C 123 7.11 -33.06 -5.35
CA HIS C 123 7.20 -31.63 -5.35
C HIS C 123 6.09 -30.93 -4.63
N ASP C 124 4.92 -31.48 -4.68
CA ASP C 124 3.81 -30.75 -4.12
C ASP C 124 3.62 -30.98 -2.64
N ARG C 125 4.55 -31.69 -2.01
CA ARG C 125 4.50 -31.90 -0.58
C ARG C 125 5.12 -30.74 0.18
N THR C 126 5.93 -29.92 -0.51
CA THR C 126 6.68 -28.82 0.11
C THR C 126 6.51 -27.57 -0.71
N LYS C 127 7.40 -26.61 -0.51
CA LYS C 127 7.35 -25.31 -1.19
C LYS C 127 8.50 -25.18 -2.18
N ILE C 128 9.15 -26.30 -2.47
CA ILE C 128 10.34 -26.31 -3.30
C ILE C 128 10.15 -25.84 -4.71
N ARG C 129 8.96 -25.97 -5.28
CA ARG C 129 8.83 -25.52 -6.65
C ARG C 129 9.07 -24.04 -6.77
N GLN C 130 8.95 -23.29 -5.68
CA GLN C 130 9.15 -21.87 -5.80
C GLN C 130 10.58 -21.48 -5.54
N LEU C 131 11.46 -22.42 -5.25
CA LEU C 131 12.83 -22.03 -5.00
C LEU C 131 13.44 -21.18 -6.11
N PRO C 132 13.34 -21.52 -7.39
CA PRO C 132 13.92 -20.76 -8.45
C PRO C 132 13.34 -19.38 -8.58
N ASN C 133 12.15 -19.18 -8.02
CA ASN C 133 11.53 -17.90 -8.15
C ASN C 133 11.95 -16.99 -7.06
N LEU C 134 12.70 -17.54 -6.12
CA LEU C 134 13.23 -16.80 -5.03
C LEU C 134 14.61 -16.41 -5.47
N LEU C 135 15.31 -17.34 -6.09
CA LEU C 135 16.66 -17.05 -6.51
C LEU C 135 16.67 -15.98 -7.57
N ARG C 136 15.69 -15.96 -8.46
CA ARG C 136 15.71 -14.98 -9.52
C ARG C 136 15.46 -13.57 -9.02
N GLY C 137 15.00 -13.43 -7.77
CA GLY C 137 14.65 -12.17 -7.16
C GLY C 137 15.87 -11.47 -6.57
N TYR C 138 17.00 -12.12 -6.61
CA TYR C 138 18.23 -11.56 -6.10
C TYR C 138 19.03 -11.05 -7.25
N GLU C 139 19.89 -10.08 -7.02
CA GLU C 139 20.68 -9.54 -8.10
C GLU C 139 21.81 -10.47 -8.40
N HIS C 140 22.41 -10.96 -7.33
CA HIS C 140 23.58 -11.80 -7.41
C HIS C 140 23.33 -13.12 -6.76
N VAL C 141 23.41 -14.18 -7.52
CA VAL C 141 23.19 -15.51 -6.99
C VAL C 141 24.33 -16.42 -7.30
N ARG C 142 24.89 -17.06 -6.29
CA ARG C 142 25.97 -18.00 -6.55
C ARG C 142 25.81 -19.22 -5.69
N LEU C 143 26.27 -20.35 -6.17
CA LEU C 143 26.24 -21.54 -5.36
C LEU C 143 27.53 -21.50 -4.56
N SER C 144 27.53 -21.97 -3.32
CA SER C 144 28.72 -21.96 -2.51
C SER C 144 29.78 -22.90 -3.03
N THR C 145 31.00 -22.70 -2.53
CA THR C 145 32.15 -23.48 -2.95
C THR C 145 32.46 -24.68 -2.08
N HIS C 146 31.96 -24.69 -0.86
CA HIS C 146 32.25 -25.77 0.05
C HIS C 146 31.01 -26.27 0.67
N ASN C 147 31.04 -27.53 1.04
CA ASN C 147 29.92 -28.12 1.69
C ASN C 147 29.71 -27.48 3.03
N VAL C 148 28.48 -27.18 3.33
CA VAL C 148 28.09 -26.59 4.58
C VAL C 148 28.20 -27.59 5.75
N ILE C 149 27.89 -28.86 5.46
CA ILE C 149 27.95 -29.99 6.40
C ILE C 149 28.83 -31.13 5.92
N ASN C 150 29.64 -31.67 6.82
CA ASN C 150 30.40 -32.84 6.43
C ASN C 150 29.38 -33.96 6.47
N ALA C 151 28.98 -34.45 5.31
CA ALA C 151 27.91 -35.42 5.30
C ALA C 151 28.29 -36.77 5.84
N GLU C 152 29.52 -37.19 5.60
CA GLU C 152 29.93 -38.51 6.03
C GLU C 152 30.02 -38.63 7.53
N ASP C 153 30.54 -37.59 8.17
CA ASP C 153 30.68 -37.59 9.60
C ASP C 153 29.60 -36.71 10.19
N ALA C 154 28.51 -37.30 10.64
CA ALA C 154 27.39 -36.50 11.07
C ALA C 154 26.59 -37.31 12.08
N PRO C 155 25.73 -36.70 12.89
CA PRO C 155 24.90 -37.40 13.81
C PRO C 155 24.15 -38.45 13.04
N GLY C 156 24.05 -39.62 13.63
CA GLY C 156 23.40 -40.76 13.03
C GLY C 156 24.40 -41.83 12.68
N GLY C 157 25.67 -41.48 12.78
CA GLY C 157 26.74 -42.45 12.55
C GLY C 157 27.34 -42.27 11.20
N PRO C 158 28.41 -42.98 10.89
CA PRO C 158 29.12 -42.83 9.67
C PRO C 158 28.16 -43.10 8.56
N TYR C 159 28.20 -42.26 7.54
CA TYR C 159 27.33 -42.44 6.42
C TYR C 159 28.11 -42.63 5.17
N LYS C 160 27.52 -43.31 4.24
CA LYS C 160 28.10 -43.39 2.92
C LYS C 160 27.17 -42.50 2.14
N ILE C 161 27.65 -41.86 1.09
CA ILE C 161 26.75 -40.98 0.39
C ILE C 161 26.21 -41.64 -0.85
N GLY C 162 24.89 -41.69 -0.91
CA GLY C 162 24.13 -42.34 -1.94
C GLY C 162 24.16 -41.60 -3.25
N THR C 163 23.99 -42.37 -4.29
CA THR C 163 23.95 -41.92 -5.66
C THR C 163 22.76 -42.55 -6.33
N SER C 164 22.42 -42.09 -7.52
CA SER C 164 21.34 -42.72 -8.27
C SER C 164 21.57 -42.76 -9.76
N GLY C 165 21.10 -43.85 -10.37
CA GLY C 165 21.20 -44.05 -11.82
C GLY C 165 20.34 -43.08 -12.57
N SER C 166 19.44 -42.45 -11.85
CA SER C 166 18.56 -41.45 -12.42
C SER C 166 19.23 -40.08 -12.59
N CYS C 167 20.40 -39.85 -11.94
CA CYS C 167 21.09 -38.58 -11.81
C CYS C 167 22.51 -38.74 -12.36
N PRO C 168 22.70 -38.99 -13.65
CA PRO C 168 24.00 -39.22 -14.19
C PRO C 168 24.81 -37.94 -14.09
N ASN C 169 26.12 -38.05 -13.83
CA ASN C 169 27.07 -36.93 -13.76
C ASN C 169 27.78 -36.73 -15.11
N ILE C 170 28.78 -35.83 -15.18
CA ILE C 170 29.53 -35.47 -16.41
C ILE C 170 30.34 -36.59 -17.04
N THR C 171 30.56 -37.68 -16.32
CA THR C 171 31.28 -38.83 -16.86
C THR C 171 30.31 -39.98 -16.98
N ASN C 172 29.03 -39.65 -16.83
CA ASN C 172 27.90 -40.55 -16.83
C ASN C 172 27.94 -41.60 -15.76
N GLY C 173 28.45 -41.24 -14.59
CA GLY C 173 28.43 -42.15 -13.48
C GLY C 173 27.20 -41.80 -12.71
N ASN C 174 27.02 -42.36 -11.53
CA ASN C 174 25.82 -42.06 -10.77
C ASN C 174 26.09 -40.93 -9.81
N GLY C 175 25.34 -39.85 -9.90
CA GLY C 175 25.53 -38.73 -8.99
C GLY C 175 24.27 -38.47 -8.21
N PHE C 176 24.14 -37.24 -7.73
CA PHE C 176 22.97 -36.82 -6.99
C PHE C 176 22.97 -35.32 -7.03
N PHE C 177 22.00 -34.67 -6.46
CA PHE C 177 21.95 -33.23 -6.47
C PHE C 177 23.15 -32.64 -5.74
N ALA C 178 23.75 -31.60 -6.29
CA ALA C 178 24.90 -30.94 -5.68
C ALA C 178 24.61 -30.32 -4.34
N THR C 179 23.37 -29.98 -4.11
CA THR C 179 22.99 -29.32 -2.90
C THR C 179 22.64 -30.27 -1.78
N MET C 180 22.61 -31.58 -2.05
CA MET C 180 22.24 -32.49 -0.99
C MET C 180 23.04 -33.78 -0.96
N ALA C 181 23.28 -34.29 0.23
CA ALA C 181 23.94 -35.56 0.38
C ALA C 181 22.98 -36.59 0.84
N TRP C 182 22.84 -37.65 0.09
CA TRP C 182 21.93 -38.69 0.52
C TRP C 182 22.65 -39.55 1.51
N ALA C 183 22.36 -39.34 2.77
CA ALA C 183 23.12 -39.98 3.81
C ALA C 183 22.52 -41.30 4.23
N VAL C 184 23.19 -42.38 3.84
CA VAL C 184 22.76 -43.74 4.09
C VAL C 184 23.70 -44.37 5.10
N PRO C 185 23.25 -44.92 6.22
CA PRO C 185 24.12 -45.46 7.23
C PRO C 185 25.06 -46.46 6.64
N ASP C 186 26.32 -46.40 7.06
CA ASP C 186 27.34 -47.32 6.57
C ASP C 186 27.17 -48.70 7.20
N ASN C 187 26.83 -48.70 8.48
CA ASN C 187 26.68 -49.88 9.29
C ASN C 187 25.72 -49.53 10.40
N LYS C 188 25.42 -50.47 11.27
CA LYS C 188 24.52 -50.17 12.37
C LYS C 188 23.23 -49.58 11.85
N LYS C 189 22.65 -50.29 10.90
CA LYS C 189 21.41 -49.85 10.31
C LYS C 189 20.26 -50.09 11.24
N THR C 190 20.12 -49.19 12.19
CA THR C 190 19.11 -49.26 13.20
C THR C 190 18.26 -48.01 13.18
N ALA C 191 17.12 -48.08 13.84
CA ALA C 191 16.26 -46.93 13.99
C ALA C 191 16.91 -45.93 14.90
N THR C 192 16.64 -44.66 14.70
CA THR C 192 17.19 -43.68 15.61
C THR C 192 16.18 -42.67 16.09
N ASN C 193 16.63 -41.87 17.02
CA ASN C 193 15.87 -40.80 17.60
C ASN C 193 16.14 -39.60 16.77
N PRO C 194 15.32 -38.57 16.75
CA PRO C 194 15.60 -37.39 16.01
C PRO C 194 16.96 -36.85 16.39
N LEU C 195 17.73 -36.49 15.41
CA LEU C 195 19.07 -35.97 15.56
C LEU C 195 19.09 -34.54 15.15
N THR C 196 19.95 -33.73 15.74
CA THR C 196 19.99 -32.33 15.35
C THR C 196 21.31 -31.83 14.80
N ILE C 197 21.21 -31.14 13.67
CA ILE C 197 22.32 -30.44 13.05
C ILE C 197 22.08 -28.96 12.96
N GLU C 198 23.04 -28.20 13.44
CA GLU C 198 22.95 -26.78 13.27
C GLU C 198 23.65 -26.53 11.97
N VAL C 199 22.98 -25.85 11.08
CA VAL C 199 23.52 -25.60 9.78
C VAL C 199 24.18 -24.25 9.84
N PRO C 200 25.48 -24.14 9.67
CA PRO C 200 26.21 -22.91 9.80
C PRO C 200 25.92 -21.99 8.67
N TYR C 201 26.15 -20.73 8.93
CA TYR C 201 26.08 -19.71 7.92
C TYR C 201 27.45 -19.68 7.30
N VAL C 202 27.50 -19.89 6.00
CA VAL C 202 28.77 -19.92 5.28
C VAL C 202 28.97 -18.83 4.22
N CYS C 203 27.88 -18.10 3.85
CA CYS C 203 27.86 -17.00 2.90
C CYS C 203 28.51 -15.76 3.55
N THR C 204 28.81 -14.74 2.76
CA THR C 204 29.44 -13.57 3.36
C THR C 204 28.39 -12.64 3.88
N GLU C 205 28.79 -11.69 4.69
CA GLU C 205 27.79 -10.80 5.25
C GLU C 205 27.07 -10.06 4.17
N GLY C 206 25.76 -9.97 4.34
CA GLY C 206 24.90 -9.29 3.40
C GLY C 206 24.21 -10.28 2.48
N GLU C 207 24.69 -11.51 2.43
CA GLU C 207 24.07 -12.51 1.58
C GLU C 207 23.09 -13.36 2.38
N ASP C 208 21.98 -13.69 1.76
CA ASP C 208 21.06 -14.61 2.38
C ASP C 208 21.55 -15.98 2.03
N GLN C 209 21.37 -16.94 2.92
CA GLN C 209 21.79 -18.29 2.60
C GLN C 209 20.60 -19.20 2.46
N ILE C 210 20.46 -19.79 1.30
CA ILE C 210 19.32 -20.65 1.10
C ILE C 210 19.77 -22.09 1.07
N THR C 211 19.33 -22.82 2.05
CA THR C 211 19.73 -24.18 2.29
C THR C 211 18.73 -25.14 1.74
N VAL C 212 19.18 -26.08 0.95
CA VAL C 212 18.29 -27.07 0.40
C VAL C 212 18.54 -28.38 1.08
N TRP C 213 17.50 -28.99 1.57
CA TRP C 213 17.62 -30.24 2.30
C TRP C 213 16.40 -31.06 2.05
N GLY C 214 16.41 -32.29 2.45
CA GLY C 214 15.23 -33.09 2.22
C GLY C 214 15.36 -34.46 2.77
N PHE C 215 14.48 -35.34 2.36
CA PHE C 215 14.55 -36.70 2.85
C PHE C 215 14.09 -37.69 1.82
N HIS C 216 14.55 -38.91 1.99
CA HIS C 216 14.21 -40.01 1.13
C HIS C 216 13.28 -40.96 1.80
N SER C 217 12.44 -41.58 1.02
CA SER C 217 11.58 -42.59 1.56
C SER C 217 11.37 -43.66 0.54
N ASP C 218 11.04 -44.84 1.01
CA ASP C 218 10.93 -46.01 0.17
C ASP C 218 9.83 -46.91 0.71
N ASN C 219 9.59 -48.08 0.08
CA ASN C 219 8.60 -49.06 0.56
C ASN C 219 9.18 -49.82 1.77
N GLU C 220 8.40 -50.69 2.43
CA GLU C 220 8.84 -51.38 3.66
C GLU C 220 10.07 -52.24 3.51
N THR C 221 10.16 -52.94 2.39
CA THR C 221 11.28 -53.82 2.15
C THR C 221 12.56 -53.04 2.02
N GLN C 222 12.52 -51.98 1.22
CA GLN C 222 13.74 -51.24 1.02
C GLN C 222 14.09 -50.41 2.21
N MET C 223 13.13 -49.90 2.95
CA MET C 223 13.53 -49.13 4.11
C MET C 223 14.30 -50.03 5.05
N ALA C 224 13.83 -51.26 5.23
CA ALA C 224 14.53 -52.16 6.10
C ALA C 224 15.94 -52.48 5.61
N LYS C 225 16.12 -52.63 4.30
CA LYS C 225 17.44 -52.94 3.77
C LYS C 225 18.38 -51.75 3.69
N LEU C 226 17.82 -50.58 3.48
CA LEU C 226 18.60 -49.38 3.29
C LEU C 226 18.86 -48.59 4.57
N TYR C 227 17.86 -48.41 5.42
CA TYR C 227 18.03 -47.63 6.63
C TYR C 227 17.90 -48.44 7.90
N GLY C 228 17.15 -49.52 7.85
CA GLY C 228 16.94 -50.37 9.01
C GLY C 228 15.69 -50.05 9.82
N ASP C 229 14.90 -49.10 9.36
CA ASP C 229 13.69 -48.73 10.08
C ASP C 229 12.55 -48.44 9.14
N SER C 230 11.60 -49.33 9.06
CA SER C 230 10.50 -49.21 8.12
C SER C 230 9.38 -48.26 8.54
N LYS C 231 9.37 -47.76 9.76
CA LYS C 231 8.25 -46.90 10.12
C LYS C 231 8.47 -45.50 9.56
N PRO C 232 7.44 -44.65 9.43
CA PRO C 232 7.55 -43.28 8.97
C PRO C 232 8.55 -42.51 9.81
N GLN C 233 9.40 -41.74 9.14
CA GLN C 233 10.45 -40.98 9.80
C GLN C 233 10.03 -39.54 9.94
N LYS C 234 10.52 -38.84 10.96
CA LYS C 234 10.12 -37.46 11.12
C LYS C 234 11.26 -36.48 10.98
N PHE C 235 10.96 -35.35 10.35
CA PHE C 235 11.94 -34.31 10.11
C PHE C 235 11.43 -32.92 10.47
N THR C 236 12.31 -32.04 10.93
CA THR C 236 11.88 -30.65 11.15
C THR C 236 12.94 -29.73 10.65
N SER C 237 12.58 -28.47 10.58
CA SER C 237 13.60 -27.47 10.30
C SER C 237 13.19 -26.16 10.89
N SER C 238 14.19 -25.32 11.17
CA SER C 238 13.95 -23.99 11.67
C SER C 238 14.96 -22.93 11.26
N ALA C 239 14.46 -21.77 10.84
CA ALA C 239 15.33 -20.64 10.56
C ALA C 239 14.58 -19.35 10.72
N ASN C 240 15.17 -18.40 11.42
CA ASN C 240 14.58 -17.10 11.61
C ASN C 240 13.17 -17.17 12.16
N GLY C 241 12.95 -18.10 13.06
CA GLY C 241 11.66 -18.22 13.71
C GLY C 241 10.63 -19.00 12.93
N VAL C 242 10.96 -19.42 11.72
CA VAL C 242 10.03 -20.14 10.90
C VAL C 242 10.30 -21.60 10.99
N THR C 243 9.30 -22.38 11.35
CA THR C 243 9.52 -23.80 11.53
C THR C 243 8.59 -24.66 10.72
N THR C 244 9.05 -25.86 10.41
CA THR C 244 8.19 -26.84 9.77
C THR C 244 8.40 -28.24 10.31
N HIS C 245 7.61 -29.18 9.80
CA HIS C 245 7.60 -30.58 10.22
C HIS C 245 7.09 -31.49 9.13
N TYR C 246 7.80 -32.57 8.90
CA TYR C 246 7.42 -33.56 7.92
C TYR C 246 7.43 -34.95 8.45
N VAL C 247 6.55 -35.78 7.95
CA VAL C 247 6.56 -37.18 8.28
C VAL C 247 6.63 -37.92 6.98
N SER C 248 7.56 -38.84 6.85
CA SER C 248 7.67 -39.52 5.59
C SER C 248 6.53 -40.47 5.36
N GLN C 249 6.35 -40.81 4.10
CA GLN C 249 5.38 -41.78 3.65
C GLN C 249 6.10 -43.06 3.36
N ILE C 250 5.60 -44.19 3.83
CA ILE C 250 6.29 -45.43 3.52
C ILE C 250 5.48 -46.23 2.53
N GLY C 251 6.03 -46.39 1.35
CA GLY C 251 5.34 -47.11 0.28
C GLY C 251 4.15 -46.30 -0.24
N GLY C 252 3.47 -46.82 -1.26
CA GLY C 252 2.24 -46.15 -1.72
C GLY C 252 2.52 -44.82 -2.37
N PHE C 253 3.65 -44.69 -3.01
CA PHE C 253 4.01 -43.43 -3.57
C PHE C 253 3.24 -43.11 -4.83
N PRO C 254 3.01 -41.83 -5.13
CA PRO C 254 2.44 -41.30 -6.35
C PRO C 254 3.33 -41.66 -7.52
N ASN C 255 2.73 -41.69 -8.73
CA ASN C 255 3.39 -41.96 -10.01
C ASN C 255 4.51 -40.93 -10.27
N GLN C 256 5.64 -41.40 -10.82
CA GLN C 256 6.80 -40.57 -11.13
C GLN C 256 6.59 -39.65 -12.31
N THR C 257 6.92 -38.39 -12.11
CA THR C 257 6.86 -37.38 -13.14
C THR C 257 8.08 -36.51 -13.04
N GLU C 258 8.39 -35.77 -14.09
CA GLU C 258 9.45 -34.77 -14.02
C GLU C 258 10.77 -35.33 -13.50
N ASP C 259 11.19 -36.49 -13.95
CA ASP C 259 12.44 -37.04 -13.43
C ASP C 259 13.24 -37.74 -14.51
N GLY C 260 14.29 -38.46 -14.11
CA GLY C 260 15.21 -39.10 -15.05
C GLY C 260 14.61 -40.19 -15.93
N GLY C 261 13.44 -40.67 -15.61
CA GLY C 261 12.80 -41.69 -16.43
C GLY C 261 13.01 -43.13 -16.00
N LEU C 262 13.95 -43.38 -15.11
CA LEU C 262 14.15 -44.74 -14.68
C LEU C 262 13.16 -44.95 -13.58
N PRO C 263 12.62 -46.14 -13.39
CA PRO C 263 11.73 -46.44 -12.32
C PRO C 263 12.48 -46.43 -11.03
N GLN C 264 11.81 -45.98 -9.98
CA GLN C 264 12.33 -46.01 -8.63
C GLN C 264 11.25 -46.48 -7.69
N SER C 265 11.63 -47.17 -6.63
CA SER C 265 10.63 -47.53 -5.65
C SER C 265 10.42 -46.44 -4.64
N GLY C 266 11.44 -45.62 -4.44
CA GLY C 266 11.35 -44.55 -3.48
C GLY C 266 11.11 -43.22 -4.14
N ARG C 267 11.11 -42.19 -3.33
CA ARG C 267 10.87 -40.83 -3.74
C ARG C 267 11.58 -39.93 -2.78
N ILE C 268 11.83 -38.68 -3.16
CA ILE C 268 12.36 -37.76 -2.16
C ILE C 268 11.46 -36.58 -2.00
N VAL C 269 11.61 -35.93 -0.87
CA VAL C 269 10.93 -34.73 -0.53
C VAL C 269 12.00 -33.70 -0.35
N VAL C 270 11.87 -32.60 -1.03
CA VAL C 270 12.90 -31.60 -0.97
C VAL C 270 12.31 -30.30 -0.55
N ASP C 271 12.96 -29.62 0.36
CA ASP C 271 12.50 -28.34 0.85
C ASP C 271 13.65 -27.37 0.92
N TYR C 272 13.38 -26.16 1.33
CA TYR C 272 14.45 -25.23 1.54
C TYR C 272 14.22 -24.37 2.77
N MET C 273 15.31 -23.91 3.31
CA MET C 273 15.33 -23.08 4.46
C MET C 273 16.06 -21.81 4.16
N VAL C 274 15.53 -20.69 4.59
CA VAL C 274 16.24 -19.46 4.29
C VAL C 274 16.78 -18.85 5.54
N GLN C 275 18.09 -18.69 5.55
CA GLN C 275 18.78 -18.14 6.68
C GLN C 275 19.16 -16.71 6.38
N LYS C 276 18.56 -15.78 7.10
CA LYS C 276 18.84 -14.40 6.81
C LYS C 276 20.25 -14.14 7.22
N SER C 277 20.87 -13.16 6.60
CA SER C 277 22.27 -12.92 6.84
C SER C 277 22.64 -12.86 8.31
N GLY C 278 23.67 -13.65 8.65
CA GLY C 278 24.23 -13.76 9.97
C GLY C 278 23.66 -14.89 10.82
N LYS C 279 22.60 -15.52 10.36
CA LYS C 279 22.00 -16.58 11.15
C LYS C 279 22.23 -17.97 10.66
N THR C 280 22.25 -18.88 11.61
CA THR C 280 22.36 -20.30 11.37
C THR C 280 20.98 -20.87 11.35
N GLY C 281 20.83 -22.08 10.87
CA GLY C 281 19.52 -22.72 10.90
C GLY C 281 19.62 -24.07 11.56
N THR C 282 18.51 -24.74 11.75
CA THR C 282 18.55 -26.06 12.36
C THR C 282 17.74 -27.10 11.62
N ILE C 283 18.29 -28.30 11.46
CA ILE C 283 17.57 -29.43 10.85
C ILE C 283 17.51 -30.61 11.81
N THR C 284 16.32 -31.17 11.98
CA THR C 284 16.10 -32.32 12.85
C THR C 284 15.77 -33.51 11.99
N TYR C 285 16.40 -34.64 12.21
CA TYR C 285 16.12 -35.76 11.33
C TYR C 285 16.28 -37.14 11.89
N GLN C 286 15.67 -38.11 11.22
CA GLN C 286 15.88 -39.50 11.58
C GLN C 286 16.56 -40.22 10.43
N ARG C 287 15.96 -41.22 9.83
CA ARG C 287 16.67 -41.88 8.73
C ARG C 287 16.21 -41.41 7.39
N GLY C 288 17.11 -41.42 6.41
CA GLY C 288 16.75 -40.99 5.07
C GLY C 288 17.04 -39.53 4.82
N ILE C 289 17.78 -38.91 5.69
CA ILE C 289 18.06 -37.51 5.51
C ILE C 289 18.96 -37.18 4.36
N LEU C 290 18.55 -36.19 3.59
CA LEU C 290 19.38 -35.65 2.56
C LEU C 290 19.95 -34.39 3.21
N LEU C 291 21.23 -34.39 3.52
CA LEU C 291 21.83 -33.29 4.24
C LEU C 291 22.22 -32.20 3.31
N PRO C 292 22.18 -30.93 3.69
CA PRO C 292 22.66 -29.85 2.89
C PRO C 292 24.10 -30.02 2.54
N GLN C 293 24.48 -29.65 1.34
CA GLN C 293 25.86 -29.65 0.87
C GLN C 293 26.19 -28.29 0.33
N LYS C 294 26.02 -28.05 -0.95
CA LYS C 294 26.31 -26.71 -1.39
C LYS C 294 25.07 -25.91 -1.06
N VAL C 295 25.21 -24.63 -0.82
CA VAL C 295 24.04 -23.80 -0.51
C VAL C 295 24.02 -22.61 -1.41
N TRP C 296 22.88 -21.96 -1.56
CA TRP C 296 22.87 -20.78 -2.37
C TRP C 296 23.16 -19.55 -1.53
N CYS C 297 24.01 -18.64 -2.04
CA CYS C 297 24.32 -17.36 -1.42
C CYS C 297 23.78 -16.29 -2.34
N ALA C 298 23.00 -15.37 -1.80
CA ALA C 298 22.46 -14.38 -2.70
C ALA C 298 22.26 -13.01 -2.09
N SER C 299 22.37 -12.00 -2.93
CA SER C 299 22.19 -10.64 -2.46
C SER C 299 21.63 -9.69 -3.49
N GLY C 300 21.21 -8.53 -3.01
CA GLY C 300 20.70 -7.49 -3.88
C GLY C 300 19.30 -7.82 -4.24
N ARG C 301 18.71 -7.04 -5.13
CA ARG C 301 17.35 -7.30 -5.56
C ARG C 301 17.19 -7.06 -7.03
N SER C 302 16.54 -7.99 -7.69
CA SER C 302 16.24 -7.81 -9.10
C SER C 302 14.85 -7.26 -9.18
N LYS C 303 14.52 -6.64 -10.28
CA LYS C 303 13.17 -6.17 -10.51
C LYS C 303 12.46 -7.30 -11.21
N VAL C 304 11.42 -7.83 -10.61
CA VAL C 304 10.78 -9.00 -11.20
C VAL C 304 9.36 -8.76 -11.66
N ILE C 305 9.10 -9.14 -12.91
CA ILE C 305 7.74 -9.10 -13.46
C ILE C 305 7.40 -10.45 -14.02
N LYS C 306 6.12 -10.74 -14.20
CA LYS C 306 5.72 -12.00 -14.80
C LYS C 306 5.89 -11.90 -16.29
N GLY C 307 6.23 -12.99 -16.95
CA GLY C 307 6.39 -12.90 -18.38
C GLY C 307 6.65 -14.25 -19.01
N SER C 308 7.10 -14.24 -20.24
CA SER C 308 7.31 -15.48 -20.97
C SER C 308 8.49 -15.41 -21.90
N LEU C 309 9.35 -16.42 -21.83
CA LEU C 309 10.56 -16.49 -22.65
C LEU C 309 10.21 -17.21 -23.94
N PRO C 310 10.98 -17.04 -25.01
CA PRO C 310 12.23 -16.35 -25.24
C PRO C 310 12.12 -14.86 -25.28
N LEU C 311 13.22 -14.19 -25.05
CA LEU C 311 13.27 -12.76 -25.15
C LEU C 311 13.81 -12.42 -26.52
N ILE C 312 13.03 -11.65 -27.26
CA ILE C 312 13.38 -11.34 -28.62
C ILE C 312 13.70 -9.88 -28.84
N GLY C 313 14.95 -9.60 -29.20
CA GLY C 313 15.37 -8.23 -29.41
C GLY C 313 15.43 -7.51 -28.08
N GLU C 314 15.29 -6.18 -28.14
CA GLU C 314 15.36 -5.29 -27.01
C GLU C 314 14.17 -4.35 -26.99
N ALA C 315 13.81 -3.86 -25.82
CA ALA C 315 12.75 -2.87 -25.72
C ALA C 315 13.04 -1.88 -24.64
N ASP C 316 12.49 -0.69 -24.76
CA ASP C 316 12.72 0.31 -23.70
C ASP C 316 12.00 0.05 -22.37
N CYS C 317 10.84 -0.65 -22.42
CA CYS C 317 9.94 -1.01 -21.33
C CYS C 317 9.42 -2.43 -21.49
N LEU C 318 9.42 -3.20 -20.40
CA LEU C 318 8.81 -4.52 -20.42
C LEU C 318 7.58 -4.52 -19.58
N HIS C 319 6.45 -4.78 -20.22
CA HIS C 319 5.18 -4.73 -19.55
C HIS C 319 4.61 -6.13 -19.36
N GLU C 320 3.96 -6.37 -18.24
CA GLU C 320 3.38 -7.70 -18.04
C GLU C 320 2.30 -8.11 -19.01
N LYS C 321 1.53 -7.19 -19.56
CA LYS C 321 0.48 -7.61 -20.45
C LYS C 321 0.89 -7.38 -21.87
N TYR C 322 1.71 -6.36 -22.10
CA TYR C 322 2.04 -6.06 -23.47
C TYR C 322 3.41 -6.46 -23.97
N GLY C 323 4.29 -7.03 -23.15
CA GLY C 323 5.60 -7.41 -23.67
C GLY C 323 6.42 -6.17 -23.86
N GLY C 324 7.37 -6.17 -24.76
CA GLY C 324 8.18 -4.98 -24.90
C GLY C 324 7.43 -3.84 -25.55
N LEU C 325 7.64 -2.64 -25.03
CA LEU C 325 7.10 -1.38 -25.50
C LEU C 325 8.25 -0.39 -25.71
N ASN C 326 8.11 0.59 -26.66
CA ASN C 326 9.13 1.63 -26.88
C ASN C 326 8.69 3.07 -26.56
N LYS C 327 7.64 3.26 -25.71
CA LYS C 327 7.15 4.58 -25.22
C LYS C 327 6.95 5.66 -26.30
N SER C 328 6.16 5.35 -27.32
CA SER C 328 5.93 6.33 -28.39
C SER C 328 5.19 7.56 -27.90
N LYS C 329 4.40 7.40 -26.86
CA LYS C 329 3.66 8.47 -26.25
C LYS C 329 3.91 8.36 -24.76
N PRO C 330 3.92 9.46 -24.01
CA PRO C 330 4.15 9.46 -22.59
C PRO C 330 3.12 8.74 -21.75
N TYR C 331 1.91 8.56 -22.24
CA TYR C 331 0.91 7.89 -21.45
C TYR C 331 0.25 6.78 -22.25
N TYR C 332 -0.35 5.84 -21.58
CA TYR C 332 -1.08 4.85 -22.35
C TYR C 332 -2.37 4.49 -21.72
N THR C 333 -3.28 3.99 -22.51
CA THR C 333 -4.53 3.48 -22.01
C THR C 333 -4.49 2.02 -22.26
N GLY C 334 -5.34 1.27 -21.60
CA GLY C 334 -5.26 -0.16 -21.80
C GLY C 334 -5.26 -0.82 -20.46
N GLU C 335 -4.77 -2.04 -20.40
CA GLU C 335 -4.79 -2.78 -19.17
C GLU C 335 -3.58 -2.46 -18.32
N HIS C 336 -3.81 -2.07 -17.08
CA HIS C 336 -2.73 -1.76 -16.16
C HIS C 336 -2.06 -3.00 -15.67
N ALA C 337 -0.73 -2.97 -15.59
CA ALA C 337 0.02 -4.08 -15.07
C ALA C 337 1.39 -3.61 -14.68
N LYS C 338 2.18 -4.47 -14.08
CA LYS C 338 3.51 -4.10 -13.64
C LYS C 338 4.39 -3.93 -14.85
N ALA C 339 5.45 -3.15 -14.68
CA ALA C 339 6.38 -2.94 -15.78
C ALA C 339 7.74 -2.52 -15.29
N ILE C 340 8.74 -2.77 -16.12
CA ILE C 340 10.09 -2.34 -15.84
C ILE C 340 10.68 -1.51 -16.96
N GLY C 341 11.29 -0.38 -16.64
CA GLY C 341 11.95 0.39 -17.70
C GLY C 341 11.35 1.74 -18.01
N ASN C 342 11.73 2.27 -19.17
CA ASN C 342 11.32 3.61 -19.56
C ASN C 342 9.95 3.51 -20.18
N CYS C 343 8.95 3.34 -19.31
CA CYS C 343 7.58 3.02 -19.62
C CYS C 343 6.69 4.26 -19.72
N PRO C 344 5.63 4.18 -20.53
CA PRO C 344 4.60 5.15 -20.60
C PRO C 344 3.83 5.01 -19.33
N ILE C 345 3.18 6.04 -18.88
CA ILE C 345 2.41 5.95 -17.65
C ILE C 345 0.96 5.64 -17.95
N TRP C 346 0.42 4.66 -17.28
CA TRP C 346 -0.96 4.30 -17.52
C TRP C 346 -1.90 5.35 -17.03
N VAL C 347 -2.90 5.65 -17.84
CA VAL C 347 -3.96 6.57 -17.48
C VAL C 347 -5.31 5.96 -17.78
N LYS C 348 -6.35 6.44 -17.11
CA LYS C 348 -7.71 5.96 -17.32
C LYS C 348 -8.36 6.26 -18.65
N THR C 349 -8.11 7.44 -19.20
CA THR C 349 -8.81 7.84 -20.41
C THR C 349 -7.78 8.27 -21.41
N PRO C 350 -8.13 8.42 -22.67
CA PRO C 350 -7.30 9.06 -23.64
C PRO C 350 -7.12 10.46 -23.16
N LEU C 351 -5.96 11.02 -23.40
CA LEU C 351 -5.68 12.38 -23.01
C LEU C 351 -5.22 13.15 -24.22
N LYS C 352 -5.65 14.39 -24.33
CA LYS C 352 -5.23 15.23 -25.43
C LYS C 352 -4.96 16.63 -24.96
N LEU C 353 -3.90 17.25 -25.47
CA LEU C 353 -3.74 18.65 -25.18
C LEU C 353 -4.35 19.45 -26.24
N ALA C 354 -4.89 20.57 -25.85
CA ALA C 354 -5.28 21.47 -26.89
C ALA C 354 -3.97 22.02 -27.44
N ASN C 355 -3.86 22.14 -28.76
CA ASN C 355 -2.76 22.81 -29.46
C ASN C 355 -3.25 24.20 -29.93
N GLY C 356 -4.50 24.26 -30.44
CA GLY C 356 -5.14 25.44 -30.94
C GLY C 356 -6.10 26.06 -29.94
N THR C 357 -6.83 27.02 -30.45
CA THR C 357 -7.82 27.82 -29.79
C THR C 357 -9.14 27.12 -29.82
N LYS C 358 -10.13 27.70 -29.16
CA LYS C 358 -11.45 27.13 -29.19
C LYS C 358 -12.01 27.27 -30.57
N TYR C 359 -12.90 26.37 -30.89
CA TYR C 359 -13.59 26.42 -32.14
C TYR C 359 -14.34 27.70 -32.29
N ARG C 360 -14.12 28.34 -33.43
CA ARG C 360 -14.74 29.58 -33.81
C ARG C 360 -15.41 29.36 -35.16
N PRO C 361 -16.71 29.02 -35.19
CA PRO C 361 -17.44 28.73 -36.40
C PRO C 361 -17.24 29.92 -37.30
N PRO C 362 -17.32 29.76 -38.63
CA PRO C 362 -17.05 30.79 -39.63
C PRO C 362 -18.16 31.84 -39.71
N ALA C 363 -18.26 32.65 -38.63
CA ALA C 363 -19.25 33.71 -38.42
C ALA C 363 -18.58 34.85 -37.66
N PHE D 8 -13.14 36.71 -45.63
CA PHE D 8 -11.82 36.33 -46.12
C PHE D 8 -10.80 36.23 -44.97
N LEU D 9 -10.65 37.30 -44.15
CA LEU D 9 -9.74 37.30 -42.99
C LEU D 9 -10.50 37.16 -41.66
N GLU D 10 -11.71 37.71 -41.58
CA GLU D 10 -12.48 37.65 -40.34
C GLU D 10 -13.53 36.54 -40.43
N GLY D 11 -13.89 35.96 -39.29
CA GLY D 11 -14.91 34.92 -39.24
C GLY D 11 -14.29 33.57 -39.56
N GLY D 12 -13.77 33.46 -40.78
CA GLY D 12 -13.09 32.26 -41.26
C GLY D 12 -13.79 31.62 -42.45
N TRP D 13 -13.04 30.81 -43.18
CA TRP D 13 -13.51 30.08 -44.36
C TRP D 13 -12.52 28.97 -44.61
N GLU D 14 -12.80 28.09 -45.56
CA GLU D 14 -11.91 26.98 -45.85
C GLU D 14 -10.72 27.39 -46.71
N GLY D 15 -9.84 28.19 -46.11
CA GLY D 15 -8.66 28.72 -46.77
C GLY D 15 -7.40 28.08 -46.26
N MET D 16 -6.28 28.80 -46.36
CA MET D 16 -5.02 28.29 -45.87
C MET D 16 -4.82 28.72 -44.44
N ILE D 17 -4.35 27.79 -43.63
CA ILE D 17 -4.12 28.04 -42.22
C ILE D 17 -2.66 27.81 -41.86
N ALA D 18 -1.82 27.79 -42.89
CA ALA D 18 -0.38 27.48 -42.80
C ALA D 18 0.41 28.40 -41.87
N GLY D 19 0.02 29.67 -41.76
CA GLY D 19 0.73 30.55 -40.84
C GLY D 19 -0.06 30.75 -39.54
N TRP D 20 -1.18 30.01 -39.39
CA TRP D 20 -2.16 30.11 -38.30
C TRP D 20 -2.12 31.49 -37.67
N HIS D 21 -2.42 32.49 -38.45
CA HIS D 21 -2.12 33.83 -38.02
C HIS D 21 -3.13 34.36 -37.01
N GLY D 22 -2.63 35.08 -35.99
CA GLY D 22 -3.49 35.62 -34.93
C GLY D 22 -4.27 36.93 -35.20
N TYR D 23 -3.96 37.69 -36.25
CA TYR D 23 -4.71 38.93 -36.48
C TYR D 23 -4.98 39.15 -37.96
N THR D 24 -5.98 39.97 -38.27
CA THR D 24 -6.29 40.28 -39.64
C THR D 24 -5.76 41.63 -40.05
N SER D 25 -5.61 41.84 -41.35
CA SER D 25 -5.17 43.10 -41.89
C SER D 25 -6.30 44.10 -41.98
N HIS D 26 -5.91 45.33 -42.25
CA HIS D 26 -6.82 46.45 -42.39
C HIS D 26 -6.29 47.42 -43.43
N GLY D 27 -7.13 48.29 -43.95
CA GLY D 27 -6.66 49.34 -44.87
C GLY D 27 -7.37 49.36 -46.22
N ALA D 28 -7.19 50.48 -46.93
CA ALA D 28 -7.81 50.72 -48.24
C ALA D 28 -7.02 50.15 -49.42
N HIS D 29 -5.82 49.64 -49.18
CA HIS D 29 -5.01 49.18 -50.31
C HIS D 29 -5.38 47.78 -50.74
N GLY D 30 -6.56 47.65 -51.34
CA GLY D 30 -7.05 46.33 -51.69
C GLY D 30 -7.08 45.58 -50.37
N VAL D 31 -6.53 44.39 -50.34
CA VAL D 31 -6.46 43.68 -49.09
C VAL D 31 -5.02 43.25 -48.89
N ALA D 32 -4.23 44.11 -48.27
CA ALA D 32 -2.84 43.72 -48.05
C ALA D 32 -2.86 42.66 -46.99
N VAL D 33 -2.01 41.64 -47.11
CA VAL D 33 -1.94 40.61 -46.06
C VAL D 33 -0.50 40.31 -45.69
N ALA D 34 -0.18 40.31 -44.40
CA ALA D 34 1.16 39.95 -43.97
C ALA D 34 1.05 39.18 -42.68
N ALA D 35 1.95 38.24 -42.47
CA ALA D 35 1.90 37.47 -41.25
C ALA D 35 3.04 37.79 -40.33
N ASP D 36 2.73 37.79 -39.05
CA ASP D 36 3.68 37.91 -37.97
C ASP D 36 4.22 36.54 -37.64
N LEU D 37 5.42 36.30 -38.07
CA LEU D 37 5.96 34.99 -37.90
C LEU D 37 6.67 34.87 -36.58
N LYS D 38 6.77 35.97 -35.85
CA LYS D 38 7.41 35.92 -34.55
C LYS D 38 6.35 35.35 -33.63
N SER D 39 5.12 35.83 -33.82
CA SER D 39 3.97 35.39 -33.06
C SER D 39 3.68 33.94 -33.35
N THR D 40 3.81 33.58 -34.63
CA THR D 40 3.55 32.22 -35.03
C THR D 40 4.54 31.29 -34.31
N GLN D 41 5.82 31.67 -34.29
CA GLN D 41 6.79 30.83 -33.59
C GLN D 41 6.58 30.83 -32.10
N GLU D 42 6.13 31.94 -31.52
CA GLU D 42 5.88 31.92 -30.09
C GLU D 42 4.85 30.88 -29.75
N ALA D 43 3.76 30.84 -30.52
CA ALA D 43 2.71 29.89 -30.23
C ALA D 43 3.19 28.45 -30.30
N ILE D 44 4.05 28.15 -31.27
CA ILE D 44 4.57 26.81 -31.43
C ILE D 44 5.52 26.47 -30.29
N ASN D 45 6.39 27.40 -29.95
CA ASN D 45 7.35 27.13 -28.91
C ASN D 45 6.65 26.99 -27.57
N LYS D 46 5.58 27.76 -27.37
CA LYS D 46 4.84 27.70 -26.13
C LYS D 46 4.16 26.35 -25.96
N ILE D 47 3.53 25.84 -27.02
CA ILE D 47 2.88 24.55 -26.86
C ILE D 47 3.92 23.46 -26.69
N THR D 48 5.08 23.61 -27.33
CA THR D 48 6.12 22.63 -27.21
C THR D 48 6.57 22.53 -25.77
N LYS D 49 6.77 23.68 -25.11
CA LYS D 49 7.19 23.65 -23.72
C LYS D 49 6.16 23.01 -22.83
N ASN D 50 4.88 23.28 -23.07
CA ASN D 50 3.85 22.66 -22.25
C ASN D 50 3.81 21.16 -22.48
N LEU D 51 3.98 20.73 -23.71
CA LEU D 51 3.94 19.32 -23.99
C LEU D 51 5.07 18.64 -23.27
N ASN D 52 6.24 19.24 -23.28
CA ASN D 52 7.36 18.64 -22.62
C ASN D 52 7.20 18.63 -21.10
N SER D 53 6.62 19.67 -20.49
CA SER D 53 6.56 19.55 -19.04
C SER D 53 5.67 18.38 -18.64
N LEU D 54 4.71 18.01 -19.49
CA LEU D 54 3.90 16.83 -19.21
C LEU D 54 4.59 15.53 -19.58
N SER D 55 5.30 15.49 -20.71
CA SER D 55 5.92 14.24 -21.13
C SER D 55 7.08 13.89 -20.22
N GLU D 56 7.62 14.86 -19.52
CA GLU D 56 8.72 14.70 -18.60
C GLU D 56 8.30 14.14 -17.25
N LEU D 57 7.00 13.96 -17.01
CA LEU D 57 6.63 13.40 -15.72
C LEU D 57 7.18 12.01 -15.56
N GLU D 58 7.81 11.79 -14.43
CA GLU D 58 8.37 10.49 -14.12
C GLU D 58 7.83 10.00 -12.81
N VAL D 59 7.40 8.76 -12.78
CA VAL D 59 6.94 8.16 -11.55
C VAL D 59 7.67 6.85 -11.44
N LYS D 60 7.79 6.30 -10.24
CA LYS D 60 8.42 5.00 -10.11
C LYS D 60 7.50 3.93 -10.64
N ASN D 61 8.07 2.90 -11.25
CA ASN D 61 7.28 1.79 -11.76
C ASN D 61 7.09 0.72 -10.71
N LEU D 62 6.04 -0.06 -10.87
CA LEU D 62 5.73 -1.14 -9.97
C LEU D 62 6.24 -2.48 -10.45
N GLN D 63 6.73 -3.30 -9.52
CA GLN D 63 7.16 -4.67 -9.79
C GLN D 63 6.72 -5.58 -8.65
N ARG D 64 7.03 -6.87 -8.76
CA ARG D 64 6.66 -7.86 -7.77
C ARG D 64 7.55 -7.79 -6.56
N LEU D 65 7.03 -8.24 -5.44
CA LEU D 65 7.83 -8.33 -4.24
C LEU D 65 8.75 -9.48 -4.47
N SER D 66 10.04 -9.30 -4.25
CA SER D 66 10.98 -10.35 -4.56
C SER D 66 10.90 -11.54 -3.62
N GLY D 67 10.44 -11.32 -2.40
CA GLY D 67 10.35 -12.43 -1.48
C GLY D 67 8.97 -13.06 -1.42
N ALA D 68 8.02 -12.58 -2.20
CA ALA D 68 6.69 -13.13 -2.08
C ALA D 68 6.45 -14.15 -3.14
N MET D 69 6.40 -15.40 -2.73
CA MET D 69 6.26 -16.51 -3.62
C MET D 69 4.81 -16.81 -3.85
N ASP D 70 4.49 -17.20 -5.06
CA ASP D 70 3.12 -17.55 -5.39
C ASP D 70 2.65 -18.70 -4.56
N GLU D 71 1.36 -18.64 -4.22
CA GLU D 71 0.63 -19.65 -3.45
C GLU D 71 1.02 -19.59 -1.97
N LEU D 72 2.30 -19.78 -1.70
CA LEU D 72 2.85 -19.79 -0.36
C LEU D 72 2.51 -18.52 0.40
N HIS D 73 2.57 -17.39 -0.29
CA HIS D 73 2.29 -16.10 0.29
C HIS D 73 1.18 -15.42 -0.45
N ASN D 74 0.15 -16.17 -0.79
CA ASN D 74 -0.94 -15.58 -1.53
C ASN D 74 -1.60 -14.38 -0.85
N GLU D 75 -1.69 -14.38 0.48
CA GLU D 75 -2.34 -13.27 1.16
C GLU D 75 -1.58 -11.96 1.00
N ILE D 76 -0.26 -12.03 1.03
CA ILE D 76 0.56 -10.85 0.88
C ILE D 76 0.41 -10.36 -0.52
N LEU D 77 0.41 -11.28 -1.46
CA LEU D 77 0.28 -10.91 -2.84
C LEU D 77 -1.08 -10.28 -3.11
N GLU D 78 -2.16 -10.74 -2.49
CA GLU D 78 -3.44 -10.07 -2.72
C GLU D 78 -3.33 -8.61 -2.32
N LEU D 79 -2.67 -8.34 -1.19
CA LEU D 79 -2.50 -6.96 -0.79
C LEU D 79 -1.61 -6.25 -1.77
N ASP D 80 -0.56 -6.90 -2.24
CA ASP D 80 0.29 -6.24 -3.20
C ASP D 80 -0.49 -5.82 -4.43
N GLU D 81 -1.42 -6.67 -4.90
CA GLU D 81 -2.20 -6.28 -6.06
C GLU D 81 -3.05 -5.08 -5.73
N LYS D 82 -3.64 -5.06 -4.53
CA LYS D 82 -4.44 -3.93 -4.11
C LYS D 82 -3.62 -2.65 -4.14
N VAL D 83 -2.39 -2.72 -3.66
CA VAL D 83 -1.54 -1.54 -3.63
C VAL D 83 -1.26 -1.06 -5.04
N ASP D 84 -0.93 -1.97 -5.95
CA ASP D 84 -0.63 -1.55 -7.31
C ASP D 84 -1.81 -0.92 -7.99
N ASP D 85 -2.98 -1.45 -7.71
CA ASP D 85 -4.20 -0.97 -8.34
C ASP D 85 -4.60 0.39 -7.80
N LEU D 86 -4.45 0.61 -6.51
CA LEU D 86 -4.80 1.90 -5.94
C LEU D 86 -3.82 2.93 -6.41
N ARG D 87 -2.57 2.53 -6.55
CA ARG D 87 -1.57 3.45 -7.01
C ARG D 87 -1.91 3.86 -8.42
N ALA D 88 -2.34 2.92 -9.26
CA ALA D 88 -2.68 3.27 -10.61
C ALA D 88 -3.77 4.33 -10.65
N ASP D 89 -4.79 4.25 -9.77
CA ASP D 89 -5.77 5.33 -9.83
C ASP D 89 -5.13 6.63 -9.43
N THR D 90 -4.29 6.60 -8.41
CA THR D 90 -3.70 7.82 -7.93
C THR D 90 -2.87 8.52 -8.98
N ILE D 91 -2.04 7.78 -9.68
CA ILE D 91 -1.18 8.40 -10.66
C ILE D 91 -2.01 8.88 -11.83
N SER D 92 -2.98 8.08 -12.27
CA SER D 92 -3.81 8.51 -13.36
C SER D 92 -4.50 9.80 -13.01
N SER D 93 -5.03 9.91 -11.80
CA SER D 93 -5.71 11.13 -11.41
C SER D 93 -4.76 12.32 -11.39
N GLN D 94 -3.52 12.14 -10.93
CA GLN D 94 -2.60 13.27 -10.95
C GLN D 94 -2.31 13.70 -12.36
N ILE D 95 -2.18 12.76 -13.26
CA ILE D 95 -1.92 13.11 -14.63
C ILE D 95 -3.11 13.80 -15.21
N GLU D 96 -4.30 13.27 -15.00
CA GLU D 96 -5.43 13.92 -15.58
C GLU D 96 -5.54 15.32 -15.08
N LEU D 97 -5.26 15.56 -13.80
CA LEU D 97 -5.38 16.92 -13.34
C LEU D 97 -4.31 17.77 -13.99
N ALA D 98 -3.09 17.28 -14.12
CA ALA D 98 -2.07 18.11 -14.73
C ALA D 98 -2.45 18.46 -16.16
N VAL D 99 -3.02 17.51 -16.90
CA VAL D 99 -3.42 17.74 -18.28
C VAL D 99 -4.61 18.66 -18.36
N LEU D 100 -5.61 18.45 -17.51
CA LEU D 100 -6.79 19.27 -17.51
C LEU D 100 -6.48 20.69 -17.14
N LEU D 101 -5.56 20.89 -16.20
CA LEU D 101 -5.19 22.24 -15.83
C LEU D 101 -4.40 22.86 -16.96
N SER D 102 -3.58 22.06 -17.64
CA SER D 102 -2.85 22.60 -18.76
C SER D 102 -3.85 23.05 -19.80
N ASN D 103 -4.87 22.22 -20.10
CA ASN D 103 -5.87 22.63 -21.08
C ASN D 103 -6.70 23.79 -20.63
N GLU D 104 -7.08 23.85 -19.37
CA GLU D 104 -7.86 24.99 -18.94
C GLU D 104 -7.05 26.26 -19.18
N GLY D 105 -5.75 26.21 -18.84
CA GLY D 105 -4.86 27.35 -19.03
C GLY D 105 -4.71 27.72 -20.50
N ILE D 106 -4.62 26.73 -21.39
CA ILE D 106 -4.50 26.99 -22.82
C ILE D 106 -5.75 27.63 -23.38
N ILE D 107 -6.90 27.08 -23.02
CA ILE D 107 -8.18 27.57 -23.49
C ILE D 107 -8.41 29.00 -23.03
N ASN D 108 -8.05 29.29 -21.80
CA ASN D 108 -8.29 30.60 -21.26
C ASN D 108 -7.20 31.60 -21.62
N SER D 109 -6.21 31.19 -22.41
CA SER D 109 -5.16 32.09 -22.85
C SER D 109 -5.52 32.66 -24.21
N GLU D 110 -6.63 32.19 -24.79
CA GLU D 110 -7.05 32.61 -26.12
C GLU D 110 -7.31 34.10 -26.22
N ASP D 111 -7.94 34.68 -25.21
CA ASP D 111 -8.30 36.08 -25.31
C ASP D 111 -7.10 36.94 -25.01
N GLU D 112 -6.22 36.50 -24.13
CA GLU D 112 -5.07 37.32 -23.86
C GLU D 112 -4.18 37.36 -25.07
N HIS D 113 -4.04 36.25 -25.77
CA HIS D 113 -3.19 36.30 -26.94
C HIS D 113 -3.78 37.31 -27.92
N LEU D 114 -5.07 37.23 -28.21
CA LEU D 114 -5.64 38.14 -29.19
C LEU D 114 -5.61 39.60 -28.74
N LEU D 115 -5.86 39.85 -27.45
CA LEU D 115 -5.84 41.21 -26.97
C LEU D 115 -4.44 41.77 -27.03
N ALA D 116 -3.45 40.94 -26.71
CA ALA D 116 -2.08 41.39 -26.75
C ALA D 116 -1.69 41.79 -28.16
N LEU D 117 -2.18 41.04 -29.16
CA LEU D 117 -1.84 41.38 -30.53
C LEU D 117 -2.45 42.73 -30.91
N GLU D 118 -3.68 42.99 -30.49
CA GLU D 118 -4.26 44.28 -30.85
C GLU D 118 -3.54 45.42 -30.13
N ARG D 119 -3.10 45.18 -28.90
CA ARG D 119 -2.39 46.24 -28.19
C ARG D 119 -1.08 46.59 -28.88
N LYS D 120 -0.33 45.60 -29.40
CA LYS D 120 0.91 45.99 -30.05
C LYS D 120 0.62 46.69 -31.38
N LEU D 121 -0.53 46.43 -32.02
CA LEU D 121 -0.81 47.15 -33.25
C LEU D 121 -1.01 48.61 -32.90
N LYS D 122 -1.69 48.88 -31.78
CA LYS D 122 -1.86 50.27 -31.38
C LYS D 122 -0.51 50.92 -31.07
N LYS D 123 0.40 50.19 -30.44
CA LYS D 123 1.72 50.76 -30.17
C LYS D 123 2.39 51.21 -31.47
N MET D 124 2.36 50.34 -32.47
CA MET D 124 2.97 50.62 -33.76
C MET D 124 2.25 51.68 -34.61
N LEU D 125 0.92 51.73 -34.50
CA LEU D 125 0.13 52.64 -35.32
C LEU D 125 -0.18 53.99 -34.69
N GLY D 126 -0.20 54.08 -33.37
CA GLY D 126 -0.46 55.31 -32.65
C GLY D 126 -1.92 55.47 -32.23
N PRO D 127 -2.23 56.49 -31.41
CA PRO D 127 -3.52 56.77 -30.81
C PRO D 127 -4.47 57.43 -31.79
N SER D 128 -4.79 56.72 -32.87
CA SER D 128 -5.63 57.26 -33.92
C SER D 128 -7.00 56.60 -34.04
N ALA D 129 -7.21 55.44 -33.42
CA ALA D 129 -8.46 54.73 -33.65
C ALA D 129 -8.78 53.71 -32.57
N VAL D 130 -10.07 53.34 -32.54
CA VAL D 130 -10.58 52.26 -31.70
C VAL D 130 -11.45 51.37 -32.57
N GLU D 131 -11.72 50.14 -32.13
CA GLU D 131 -12.64 49.26 -32.85
C GLU D 131 -13.37 48.35 -31.86
N ILE D 132 -14.53 47.85 -32.28
CA ILE D 132 -15.41 47.00 -31.48
C ILE D 132 -15.74 45.65 -32.14
N GLY D 133 -16.38 44.75 -31.40
CA GLY D 133 -16.72 43.45 -31.96
C GLY D 133 -15.45 42.67 -32.13
N ASN D 134 -15.09 42.32 -33.37
CA ASN D 134 -13.85 41.57 -33.56
C ASN D 134 -12.68 42.45 -33.12
N GLY D 135 -12.84 43.78 -33.22
CA GLY D 135 -11.81 44.68 -32.74
C GLY D 135 -10.62 44.89 -33.66
N CYS D 136 -10.71 44.55 -34.93
CA CYS D 136 -9.50 44.74 -35.74
C CYS D 136 -9.16 46.19 -35.83
N PHE D 137 -7.98 46.53 -35.35
CA PHE D 137 -7.59 47.92 -35.39
C PHE D 137 -7.63 48.43 -36.82
N GLU D 138 -8.17 49.62 -37.01
CA GLU D 138 -8.26 50.27 -38.31
C GLU D 138 -7.69 51.67 -38.20
N THR D 139 -6.80 52.02 -39.11
CA THR D 139 -6.13 53.31 -39.19
C THR D 139 -6.93 54.42 -39.81
N LYS D 140 -6.40 55.63 -39.71
CA LYS D 140 -6.97 56.82 -40.31
C LYS D 140 -6.16 57.22 -41.54
N HIS D 141 -5.28 56.33 -41.97
CA HIS D 141 -4.42 56.53 -43.12
C HIS D 141 -4.28 55.25 -43.94
N LYS D 142 -3.95 55.41 -45.22
CA LYS D 142 -3.73 54.26 -46.09
C LYS D 142 -2.38 53.60 -45.76
N CYS D 143 -2.35 52.25 -45.78
CA CYS D 143 -1.19 51.41 -45.53
C CYS D 143 -1.18 50.28 -46.57
N ASN D 144 -0.14 50.25 -47.38
CA ASN D 144 0.03 49.30 -48.48
C ASN D 144 0.72 48.01 -48.05
N GLN D 145 1.00 47.12 -49.00
CA GLN D 145 1.60 45.84 -48.61
C GLN D 145 2.98 46.00 -47.99
N THR D 146 3.79 46.92 -48.48
CA THR D 146 5.13 47.13 -47.91
C THR D 146 5.02 47.59 -46.44
N CYS D 147 4.09 48.54 -46.17
CA CYS D 147 3.73 49.10 -44.86
C CYS D 147 3.27 47.95 -43.95
N LEU D 148 2.35 47.12 -44.44
CA LEU D 148 1.84 46.04 -43.64
C LEU D 148 2.93 45.05 -43.31
N ASP D 149 3.86 44.78 -44.25
CA ASP D 149 4.95 43.85 -43.96
C ASP D 149 5.83 44.42 -42.87
N ARG D 150 6.09 45.74 -42.89
CA ARG D 150 6.91 46.35 -41.84
C ARG D 150 6.24 46.22 -40.48
N ILE D 151 4.92 46.35 -40.46
CA ILE D 151 4.16 46.22 -39.21
C ILE D 151 4.23 44.78 -38.72
N ALA D 152 3.97 43.81 -39.61
CA ALA D 152 3.99 42.40 -39.21
C ALA D 152 5.36 42.01 -38.67
N ALA D 153 6.40 42.60 -39.25
CA ALA D 153 7.78 42.38 -38.85
C ALA D 153 8.27 43.27 -37.67
N GLY D 154 7.43 44.19 -37.15
CA GLY D 154 7.75 45.16 -36.10
C GLY D 154 8.08 46.49 -36.77
N THR E 32 9.78 47.88 -10.71
CA THR E 32 11.14 47.68 -10.22
C THR E 32 11.71 46.35 -10.79
N SER E 33 13.03 46.35 -11.04
CA SER E 33 13.82 45.23 -11.56
C SER E 33 15.20 45.26 -10.92
N SER E 34 15.79 44.09 -10.77
CA SER E 34 17.09 43.90 -10.16
C SER E 34 17.80 42.78 -10.88
N ASN E 35 19.04 42.50 -10.50
CA ASN E 35 19.72 41.38 -11.16
C ASN E 35 18.93 40.16 -10.73
N SER E 36 18.32 39.49 -11.70
CA SER E 36 17.36 38.44 -11.41
C SER E 36 17.56 37.09 -12.06
N PRO E 37 18.60 36.36 -11.69
CA PRO E 37 18.91 35.05 -12.19
C PRO E 37 18.24 33.95 -11.38
N HIS E 38 17.22 34.24 -10.57
CA HIS E 38 16.73 33.15 -9.77
C HIS E 38 15.84 32.33 -10.67
N VAL E 39 15.87 31.02 -10.53
CA VAL E 39 15.01 30.23 -11.40
C VAL E 39 14.00 29.42 -10.67
N VAL E 40 12.77 29.57 -11.12
CA VAL E 40 11.66 28.83 -10.56
C VAL E 40 11.02 28.09 -11.69
N LYS E 41 10.28 27.06 -11.35
CA LYS E 41 9.61 26.32 -12.38
C LYS E 41 8.12 26.53 -12.27
N THR E 42 7.47 26.46 -13.42
CA THR E 42 6.02 26.53 -13.50
C THR E 42 5.55 25.24 -14.13
N ALA E 43 4.27 24.94 -13.96
CA ALA E 43 3.71 23.72 -14.51
C ALA E 43 3.71 23.66 -16.04
N THR E 44 3.51 24.80 -16.71
CA THR E 44 3.39 24.81 -18.17
C THR E 44 4.44 25.60 -18.94
N GLN E 45 5.19 26.49 -18.29
CA GLN E 45 6.11 27.37 -19.02
C GLN E 45 7.53 26.86 -18.89
N GLY E 46 7.67 25.72 -18.23
CA GLY E 46 8.97 25.16 -17.92
C GLY E 46 9.66 26.05 -16.91
N GLU E 47 10.92 26.39 -17.16
CA GLU E 47 11.66 27.23 -16.21
C GLU E 47 11.62 28.68 -16.59
N VAL E 48 11.49 29.55 -15.60
CA VAL E 48 11.51 30.97 -15.85
C VAL E 48 12.47 31.68 -14.85
N ASN E 49 13.05 32.83 -15.25
CA ASN E 49 13.92 33.68 -14.41
C ASN E 49 13.08 34.71 -13.66
N VAL E 50 13.29 34.85 -12.32
CA VAL E 50 12.58 35.78 -11.43
C VAL E 50 13.52 36.65 -10.58
N THR E 51 12.92 37.71 -10.00
CA THR E 51 13.66 38.72 -9.24
C THR E 51 13.80 38.40 -7.76
N GLY E 52 13.30 37.26 -7.34
CA GLY E 52 13.43 36.85 -5.96
C GLY E 52 12.63 35.62 -5.70
N VAL E 53 13.15 34.76 -4.83
CA VAL E 53 12.54 33.51 -4.45
C VAL E 53 12.50 33.26 -2.96
N ILE E 54 11.63 32.34 -2.58
CA ILE E 54 11.54 31.84 -1.22
C ILE E 54 11.82 30.35 -1.22
N PRO E 55 12.97 29.87 -0.79
CA PRO E 55 13.27 28.46 -0.75
C PRO E 55 12.25 27.82 0.14
N LEU E 56 11.71 26.69 -0.28
CA LEU E 56 10.73 25.98 0.52
C LEU E 56 11.32 24.74 1.14
N THR E 57 12.45 24.33 0.60
CA THR E 57 13.11 23.11 1.02
C THR E 57 14.45 23.30 1.64
N THR E 58 14.78 22.37 2.49
CA THR E 58 16.11 22.29 3.06
C THR E 58 16.66 20.90 2.93
N THR E 59 17.90 20.74 3.37
CA THR E 59 18.50 19.42 3.39
C THR E 59 18.96 19.18 4.81
N PRO E 60 18.40 18.24 5.55
CA PRO E 60 18.70 17.98 6.91
C PRO E 60 20.06 17.36 7.03
N THR E 61 20.67 17.56 8.17
CA THR E 61 21.96 16.99 8.49
C THR E 61 21.75 15.94 9.54
N LYS E 62 22.34 14.79 9.36
CA LYS E 62 22.17 13.73 10.33
C LYS E 62 22.64 14.12 11.70
N SER E 63 21.80 13.87 12.69
CA SER E 63 22.11 14.14 14.07
C SER E 63 21.63 13.03 14.98
N HIS E 64 21.62 13.33 16.26
CA HIS E 64 21.23 12.39 17.29
C HIS E 64 19.75 12.21 17.38
N PHE E 65 19.32 11.06 17.86
CA PHE E 65 17.93 10.86 18.18
C PHE E 65 17.69 11.59 19.46
N ALA E 66 16.48 12.02 19.66
CA ALA E 66 16.12 12.83 20.79
C ALA E 66 14.75 12.48 21.21
N ASN E 67 14.34 12.93 22.36
CA ASN E 67 12.99 12.64 22.74
C ASN E 67 12.11 13.42 21.81
N LEU E 68 10.98 12.88 21.42
CA LEU E 68 10.14 13.70 20.60
C LEU E 68 9.60 14.75 21.52
N LYS E 69 9.56 15.99 21.07
CA LYS E 69 9.02 17.02 21.93
C LYS E 69 7.55 16.76 22.26
N GLY E 70 7.21 16.91 23.54
CA GLY E 70 5.84 16.77 24.01
C GLY E 70 5.41 15.34 24.33
N THR E 71 5.49 14.49 23.33
CA THR E 71 5.09 13.10 23.48
C THR E 71 6.14 12.17 24.09
N GLU E 72 5.70 11.38 25.08
CA GLU E 72 6.60 10.43 25.73
C GLU E 72 7.18 9.44 24.75
N THR E 73 8.53 9.37 24.77
CA THR E 73 9.31 8.53 23.89
C THR E 73 10.01 7.40 24.64
N ARG E 74 9.80 6.19 24.16
CA ARG E 74 10.37 4.99 24.72
C ARG E 74 11.68 4.61 24.07
N GLY E 75 12.66 4.39 24.90
CA GLY E 75 13.96 3.96 24.46
C GLY E 75 14.07 2.51 24.85
N LYS E 76 14.54 2.28 26.04
CA LYS E 76 14.63 0.94 26.54
C LYS E 76 13.27 0.59 27.08
N LEU E 77 12.94 -0.69 27.16
CA LEU E 77 11.65 -1.02 27.73
C LEU E 77 11.51 -0.60 29.20
N CYS E 78 12.56 -0.78 30.02
CA CYS E 78 12.60 -0.41 31.43
C CYS E 78 13.86 0.42 31.69
N PRO E 79 13.77 1.75 31.55
CA PRO E 79 14.86 2.68 31.71
C PRO E 79 15.50 2.62 33.09
N LYS E 80 14.75 2.13 34.06
CA LYS E 80 15.23 2.03 35.43
C LYS E 80 15.74 0.65 35.86
N CYS E 81 15.83 -0.33 34.93
CA CYS E 81 16.31 -1.68 35.14
C CYS E 81 17.77 -1.64 34.69
N LEU E 82 18.65 -1.42 35.65
CA LEU E 82 20.05 -1.20 35.33
C LEU E 82 20.73 -2.53 35.09
N ASN E 83 21.76 -2.55 34.20
CA ASN E 83 22.52 -3.74 33.79
C ASN E 83 21.59 -4.84 33.23
N CYS E 84 20.56 -4.41 32.46
CA CYS E 84 19.55 -5.20 31.80
C CYS E 84 19.36 -4.70 30.39
N THR E 85 19.08 -5.60 29.47
CA THR E 85 18.69 -5.14 28.17
C THR E 85 17.27 -5.50 27.87
N ASP E 86 16.78 -5.07 26.74
CA ASP E 86 15.37 -5.26 26.44
C ASP E 86 14.93 -6.71 26.45
N LEU E 87 15.81 -7.63 26.07
CA LEU E 87 15.42 -9.03 26.07
C LEU E 87 15.51 -9.63 27.46
N ASP E 88 16.22 -8.99 28.39
CA ASP E 88 16.27 -9.56 29.72
C ASP E 88 15.02 -9.09 30.42
N VAL E 89 14.59 -7.88 30.08
CA VAL E 89 13.40 -7.34 30.69
C VAL E 89 12.20 -8.12 30.17
N ALA E 90 12.15 -8.34 28.86
CA ALA E 90 11.05 -9.06 28.23
C ALA E 90 10.90 -10.47 28.77
N LEU E 91 12.01 -11.11 29.09
CA LEU E 91 11.95 -12.46 29.62
C LEU E 91 11.77 -12.52 31.12
N GLY E 92 11.73 -11.38 31.80
CA GLY E 92 11.60 -11.45 33.23
C GLY E 92 12.86 -11.86 33.96
N ARG E 93 14.02 -11.54 33.44
CA ARG E 93 15.22 -11.97 34.13
C ARG E 93 15.17 -11.47 35.55
N PRO E 94 15.64 -12.22 36.55
CA PRO E 94 15.70 -11.74 37.88
C PRO E 94 16.43 -10.44 37.89
N LYS E 95 15.90 -9.55 38.69
CA LYS E 95 16.35 -8.19 38.89
C LYS E 95 16.15 -7.22 37.71
N CYS E 96 15.48 -7.64 36.60
CA CYS E 96 15.15 -6.82 35.43
C CYS E 96 13.65 -6.63 35.36
N THR E 97 12.99 -7.01 36.41
CA THR E 97 11.58 -6.84 36.41
C THR E 97 11.32 -5.42 36.85
N GLY E 98 10.14 -4.93 36.59
CA GLY E 98 9.80 -3.59 36.98
C GLY E 98 8.75 -3.09 36.03
N LYS E 99 8.36 -1.85 36.20
CA LYS E 99 7.34 -1.27 35.36
C LYS E 99 7.91 -0.76 34.06
N ILE E 100 7.18 -1.00 32.99
CA ILE E 100 7.48 -0.44 31.70
C ILE E 100 6.61 0.79 31.54
N PRO E 101 7.17 1.98 31.36
CA PRO E 101 6.42 3.19 31.18
C PRO E 101 5.63 3.08 29.90
N SER E 102 4.46 3.66 29.86
CA SER E 102 3.70 3.67 28.64
C SER E 102 4.31 4.74 27.78
N ALA E 103 4.17 4.61 26.48
CA ALA E 103 4.72 5.62 25.59
C ALA E 103 3.97 5.61 24.30
N ARG E 104 3.96 6.72 23.59
CA ARG E 104 3.28 6.70 22.31
C ARG E 104 4.23 6.58 21.17
N VAL E 105 5.49 6.89 21.42
CA VAL E 105 6.54 6.83 20.42
C VAL E 105 7.63 5.91 20.90
N SER E 106 8.04 4.97 20.07
CA SER E 106 9.12 4.07 20.47
C SER E 106 10.22 4.02 19.44
N ILE E 107 11.42 3.86 19.92
CA ILE E 107 12.56 3.71 19.05
C ILE E 107 13.14 2.32 19.05
N LEU E 108 13.23 1.74 17.88
CA LEU E 108 13.74 0.42 17.74
C LEU E 108 15.24 0.40 17.68
N HIS E 109 15.78 0.40 18.88
CA HIS E 109 17.20 0.43 19.19
C HIS E 109 17.95 -0.81 18.74
N GLU E 110 17.41 -1.98 19.03
CA GLU E 110 18.07 -3.22 18.65
C GLU E 110 17.25 -4.00 17.68
N VAL E 111 17.82 -4.20 16.51
CA VAL E 111 17.20 -4.91 15.44
C VAL E 111 17.12 -6.38 15.80
N ARG E 112 18.20 -6.86 16.40
CA ARG E 112 18.35 -8.24 16.84
C ARG E 112 18.72 -8.29 18.31
N PRO E 113 17.77 -8.13 19.24
CA PRO E 113 17.97 -8.05 20.67
C PRO E 113 18.71 -9.23 21.20
N VAL E 114 19.47 -8.95 22.24
CA VAL E 114 20.33 -9.90 22.90
C VAL E 114 20.08 -9.96 24.37
N THR E 115 20.59 -10.97 25.02
CA THR E 115 20.49 -11.06 26.48
C THR E 115 21.81 -10.75 27.15
N SER E 116 21.78 -10.53 28.45
CA SER E 116 23.03 -10.24 29.16
C SER E 116 23.20 -11.05 30.42
N GLY E 117 22.40 -12.09 30.60
CA GLY E 117 22.47 -12.85 31.82
C GLY E 117 21.49 -14.02 31.87
N CYS E 118 21.48 -14.68 33.04
CA CYS E 118 20.66 -15.83 33.45
C CYS E 118 21.01 -17.10 32.66
N PHE E 119 20.05 -17.92 32.32
CA PHE E 119 20.36 -19.22 31.80
C PHE E 119 20.74 -19.09 30.33
N PRO E 120 21.67 -19.86 29.77
CA PRO E 120 21.97 -19.85 28.36
C PRO E 120 20.76 -20.16 27.52
N ILE E 121 20.53 -19.35 26.49
CA ILE E 121 19.39 -19.54 25.61
C ILE E 121 19.80 -19.74 24.18
N MET E 122 19.30 -20.78 23.55
CA MET E 122 19.63 -21.00 22.16
C MET E 122 18.68 -20.13 21.35
N HIS E 123 19.01 -18.87 21.33
CA HIS E 123 18.17 -17.82 20.80
C HIS E 123 17.80 -17.98 19.37
N ASP E 124 18.67 -18.51 18.59
CA ASP E 124 18.40 -18.53 17.17
C ASP E 124 17.61 -19.75 16.73
N ARG E 125 17.14 -20.55 17.69
CA ARG E 125 16.32 -21.69 17.38
C ARG E 125 14.85 -21.29 17.24
N THR E 126 14.48 -20.12 17.79
CA THR E 126 13.09 -19.65 17.84
C THR E 126 13.02 -18.21 17.36
N LYS E 127 11.93 -17.54 17.68
CA LYS E 127 11.70 -16.16 17.28
C LYS E 127 11.76 -15.22 18.47
N ILE E 128 12.28 -15.73 19.58
CA ILE E 128 12.31 -14.99 20.83
C ILE E 128 13.10 -13.72 20.82
N ARG E 129 14.11 -13.58 19.98
CA ARG E 129 14.85 -12.34 20.00
C ARG E 129 13.99 -11.18 19.64
N GLN E 130 12.89 -11.40 18.94
CA GLN E 130 12.06 -10.28 18.56
C GLN E 130 10.99 -9.98 19.58
N LEU E 131 10.92 -10.72 20.67
CA LEU E 131 9.89 -10.42 21.65
C LEU E 131 9.89 -8.97 22.10
N PRO E 132 11.01 -8.34 22.47
CA PRO E 132 11.04 -6.99 22.93
C PRO E 132 10.61 -6.01 21.88
N ASN E 133 10.66 -6.41 20.61
CA ASN E 133 10.33 -5.50 19.56
C ASN E 133 8.87 -5.54 19.29
N LEU E 134 8.19 -6.46 19.94
CA LEU E 134 6.78 -6.62 19.82
C LEU E 134 6.22 -5.84 20.97
N LEU E 135 6.85 -5.97 22.13
CA LEU E 135 6.35 -5.29 23.29
C LEU E 135 6.46 -3.78 23.11
N ARG E 136 7.52 -3.30 22.47
CA ARG E 136 7.68 -1.87 22.34
C ARG E 136 6.65 -1.24 21.41
N GLY E 137 5.94 -2.07 20.64
CA GLY E 137 4.96 -1.64 19.66
C GLY E 137 3.61 -1.37 20.29
N TYR E 138 3.47 -1.65 21.57
CA TYR E 138 2.24 -1.42 22.27
C TYR E 138 2.37 -0.15 23.05
N GLU E 139 1.25 0.51 23.33
CA GLU E 139 1.33 1.75 24.07
C GLU E 139 1.53 1.45 25.53
N HIS E 140 0.80 0.46 25.98
CA HIS E 140 0.78 0.08 27.37
C HIS E 140 1.20 -1.35 27.54
N VAL E 141 2.29 -1.57 28.25
CA VAL E 141 2.78 -2.91 28.47
C VAL E 141 2.97 -3.18 29.94
N ARG E 142 2.39 -4.26 30.44
CA ARG E 142 2.59 -4.59 31.84
C ARG E 142 2.76 -6.07 31.99
N LEU E 143 3.52 -6.48 32.98
CA LEU E 143 3.65 -7.89 33.24
C LEU E 143 2.49 -8.22 34.16
N SER E 144 1.91 -9.41 34.05
CA SER E 144 0.79 -9.79 34.88
C SER E 144 1.18 -9.94 36.33
N THR E 145 0.16 -9.97 37.19
CA THR E 145 0.36 -10.08 38.62
C THR E 145 0.29 -11.48 39.18
N HIS E 146 -0.30 -12.39 38.45
CA HIS E 146 -0.44 -13.74 38.93
C HIS E 146 -0.01 -14.71 37.89
N ASN E 147 0.44 -15.86 38.35
CA ASN E 147 0.85 -16.89 37.45
C ASN E 147 -0.34 -17.38 36.68
N VAL E 148 -0.14 -17.55 35.39
CA VAL E 148 -1.15 -18.04 34.49
C VAL E 148 -1.42 -19.54 34.72
N ILE E 149 -0.38 -20.29 35.05
CA ILE E 149 -0.41 -21.74 35.34
C ILE E 149 0.15 -22.10 36.70
N ASN E 150 -0.53 -22.98 37.41
CA ASN E 150 0.05 -23.43 38.66
C ASN E 150 1.12 -24.40 38.23
N ALA E 151 2.38 -24.02 38.37
CA ALA E 151 3.43 -24.86 37.84
C ALA E 151 3.65 -26.13 38.61
N GLU E 152 3.48 -26.09 39.91
CA GLU E 152 3.75 -27.27 40.72
C GLU E 152 2.73 -28.37 40.47
N ASP E 153 1.48 -27.99 40.33
CA ASP E 153 0.43 -28.96 40.10
C ASP E 153 0.03 -28.89 38.64
N ALA E 154 0.57 -29.78 37.83
CA ALA E 154 0.33 -29.66 36.40
C ALA E 154 0.48 -31.05 35.78
N PRO E 155 -0.02 -31.29 34.58
CA PRO E 155 0.13 -32.54 33.92
C PRO E 155 1.60 -32.87 33.89
N GLY E 156 1.89 -34.12 34.15
CA GLY E 156 3.26 -34.62 34.20
C GLY E 156 3.63 -34.99 35.61
N GLY E 157 2.79 -34.63 36.55
CA GLY E 157 2.99 -35.01 37.94
C GLY E 157 3.52 -33.87 38.73
N PRO E 158 3.64 -34.01 40.04
CA PRO E 158 4.07 -32.96 40.89
C PRO E 158 5.42 -32.53 40.45
N TYR E 159 5.63 -31.23 40.38
CA TYR E 159 6.90 -30.72 39.98
C TYR E 159 7.49 -29.87 41.06
N LYS E 160 8.80 -29.81 41.07
CA LYS E 160 9.47 -28.88 41.92
C LYS E 160 9.92 -27.84 40.93
N ILE E 161 10.07 -26.60 41.35
CA ILE E 161 10.46 -25.62 40.36
C ILE E 161 11.93 -25.31 40.48
N GLY E 162 12.61 -25.50 39.37
CA GLY E 162 14.02 -25.36 39.23
C GLY E 162 14.49 -23.93 39.27
N THR E 163 15.73 -23.79 39.70
CA THR E 163 16.43 -22.54 39.82
C THR E 163 17.79 -22.69 39.21
N SER E 164 18.49 -21.59 39.02
CA SER E 164 19.86 -21.69 38.52
C SER E 164 20.80 -20.67 39.11
N GLY E 165 22.05 -21.09 39.30
CA GLY E 165 23.10 -20.23 39.84
C GLY E 165 23.46 -19.13 38.86
N SER E 166 23.05 -19.31 37.64
CA SER E 166 23.28 -18.34 36.59
C SER E 166 22.30 -17.15 36.65
N CYS E 167 21.18 -17.27 37.41
CA CYS E 167 20.06 -16.35 37.45
C CYS E 167 19.87 -15.87 38.90
N PRO E 168 20.80 -15.14 39.49
CA PRO E 168 20.70 -14.74 40.86
C PRO E 168 19.54 -13.78 41.01
N ASN E 169 18.82 -13.86 42.14
CA ASN E 169 17.69 -12.96 42.48
C ASN E 169 18.18 -11.79 43.36
N ILE E 170 17.24 -10.95 43.87
CA ILE E 170 17.53 -9.75 44.68
C ILE E 170 18.22 -10.00 46.02
N THR E 171 18.24 -11.25 46.49
CA THR E 171 18.92 -11.59 47.73
C THR E 171 20.11 -12.46 47.39
N ASN E 172 20.42 -12.51 46.10
CA ASN E 172 21.45 -13.31 45.47
C ASN E 172 21.29 -14.80 45.68
N GLY E 173 20.05 -15.27 45.69
CA GLY E 173 19.82 -16.69 45.78
C GLY E 173 19.66 -17.14 44.36
N ASN E 174 19.25 -18.37 44.14
CA ASN E 174 19.12 -18.85 42.78
C ASN E 174 17.70 -18.68 42.31
N GLY E 175 17.50 -17.95 41.24
CA GLY E 175 16.16 -17.74 40.71
C GLY E 175 16.07 -18.27 39.30
N PHE E 176 15.11 -17.76 38.55
CA PHE E 176 14.91 -18.14 37.16
C PHE E 176 14.09 -17.02 36.56
N PHE E 177 13.79 -17.10 35.29
CA PHE E 177 13.00 -16.07 34.64
C PHE E 177 11.62 -15.98 35.27
N ALA E 178 11.12 -14.77 35.50
CA ALA E 178 9.80 -14.55 36.09
C ALA E 178 8.66 -15.08 35.23
N THR E 179 8.90 -15.18 33.95
CA THR E 179 7.86 -15.59 33.03
C THR E 179 7.80 -17.08 32.86
N MET E 180 8.74 -17.84 33.43
CA MET E 180 8.71 -19.27 33.23
C MET E 180 9.03 -20.10 34.47
N ALA E 181 8.41 -21.24 34.59
CA ALA E 181 8.70 -22.14 35.66
C ALA E 181 9.42 -23.35 35.13
N TRP E 182 10.60 -23.61 35.64
CA TRP E 182 11.31 -24.76 35.17
C TRP E 182 10.79 -25.96 35.91
N ALA E 183 9.94 -26.71 35.26
CA ALA E 183 9.24 -27.78 35.92
C ALA E 183 9.98 -29.10 35.86
N VAL E 184 10.55 -29.50 36.98
CA VAL E 184 11.34 -30.69 37.11
C VAL E 184 10.56 -31.69 37.95
N PRO E 185 10.32 -32.93 37.50
CA PRO E 185 9.53 -33.88 38.23
C PRO E 185 10.07 -34.05 39.63
N ASP E 186 9.16 -34.11 40.60
CA ASP E 186 9.55 -34.29 41.99
C ASP E 186 9.97 -35.73 42.26
N ASN E 187 9.25 -36.66 41.64
CA ASN E 187 9.43 -38.08 41.80
C ASN E 187 8.93 -38.73 40.54
N LYS E 188 9.00 -40.04 40.45
CA LYS E 188 8.49 -40.71 39.26
C LYS E 188 9.13 -40.11 38.03
N LYS E 189 10.44 -40.06 38.04
CA LYS E 189 11.17 -39.51 36.93
C LYS E 189 11.20 -40.48 35.79
N THR E 190 10.10 -40.52 35.06
CA THR E 190 9.92 -41.41 33.94
C THR E 190 9.63 -40.63 32.69
N ALA E 191 9.74 -41.30 31.56
CA ALA E 191 9.39 -40.71 30.29
C ALA E 191 7.91 -40.52 30.22
N THR E 192 7.45 -39.51 29.50
CA THR E 192 6.02 -39.36 29.35
C THR E 192 5.59 -39.12 27.93
N ASN E 193 4.29 -39.13 27.75
CA ASN E 193 3.64 -38.87 26.50
C ASN E 193 3.41 -37.40 26.44
N PRO E 194 3.22 -36.78 25.30
CA PRO E 194 2.94 -35.39 25.23
C PRO E 194 1.74 -35.07 26.09
N LEU E 195 1.85 -34.03 26.87
CA LEU E 195 0.83 -33.57 27.78
C LEU E 195 0.30 -32.26 27.31
N THR E 196 -0.96 -31.96 27.59
CA THR E 196 -1.50 -30.70 27.13
C THR E 196 -2.02 -29.77 28.21
N ILE E 197 -1.60 -28.52 28.11
CA ILE E 197 -2.09 -27.44 28.95
C ILE E 197 -2.75 -26.36 28.15
N GLU E 198 -3.95 -26.01 28.55
CA GLU E 198 -4.60 -24.89 27.92
C GLU E 198 -4.18 -23.72 28.75
N VAL E 199 -3.63 -22.72 28.11
CA VAL E 199 -3.13 -21.57 28.80
C VAL E 199 -4.25 -20.55 28.79
N PRO E 200 -4.80 -20.16 29.93
CA PRO E 200 -5.91 -19.28 30.03
C PRO E 200 -5.54 -17.89 29.67
N TYR E 201 -6.53 -17.12 29.27
CA TYR E 201 -6.37 -15.73 29.04
C TYR E 201 -6.60 -15.08 30.38
N VAL E 202 -5.62 -14.33 30.84
CA VAL E 202 -5.70 -13.67 32.14
C VAL E 202 -5.69 -12.14 32.12
N CYS E 203 -5.34 -11.52 30.96
CA CYS E 203 -5.31 -10.09 30.73
C CYS E 203 -6.74 -9.56 30.61
N THR E 204 -6.93 -8.24 30.64
CA THR E 204 -8.28 -7.73 30.56
C THR E 204 -8.68 -7.58 29.13
N GLU E 205 -9.95 -7.39 28.87
CA GLU E 205 -10.38 -7.29 27.50
C GLU E 205 -9.72 -6.13 26.82
N GLY E 206 -9.29 -6.37 25.60
CA GLY E 206 -8.62 -5.37 24.79
C GLY E 206 -7.12 -5.54 24.82
N GLU E 207 -6.61 -6.31 25.78
CA GLU E 207 -5.18 -6.53 25.87
C GLU E 207 -4.79 -7.83 25.17
N ASP E 208 -3.67 -7.80 24.49
CA ASP E 208 -3.15 -9.01 23.91
C ASP E 208 -2.36 -9.68 24.99
N GLN E 209 -2.34 -10.99 25.02
CA GLN E 209 -1.56 -11.68 26.02
C GLN E 209 -0.41 -12.40 25.39
N ILE E 210 0.79 -12.05 25.80
CA ILE E 210 1.95 -12.68 25.22
C ILE E 210 2.57 -13.62 26.23
N THR E 211 2.52 -14.88 25.89
CA THR E 211 2.94 -15.95 26.76
C THR E 211 4.31 -16.41 26.41
N VAL E 212 5.18 -16.47 27.40
CA VAL E 212 6.52 -16.92 27.16
C VAL E 212 6.68 -18.29 27.77
N TRP E 213 7.19 -19.21 26.99
CA TRP E 213 7.32 -20.59 27.43
C TRP E 213 8.52 -21.17 26.77
N GLY E 214 8.94 -22.33 27.20
CA GLY E 214 10.11 -22.90 26.55
C GLY E 214 10.43 -24.25 27.10
N PHE E 215 11.61 -24.71 26.81
CA PHE E 215 12.02 -26.01 27.30
C PHE E 215 13.50 -26.08 27.58
N HIS E 216 13.86 -26.99 28.44
CA HIS E 216 15.22 -27.23 28.82
C HIS E 216 15.73 -28.51 28.24
N SER E 217 17.01 -28.53 27.94
CA SER E 217 17.60 -29.76 27.49
C SER E 217 19.00 -29.85 28.00
N ASP E 218 19.50 -31.06 28.09
CA ASP E 218 20.79 -31.33 28.70
C ASP E 218 21.43 -32.49 27.97
N ASN E 219 22.63 -32.94 28.40
CA ASN E 219 23.32 -34.10 27.82
C ASN E 219 22.66 -35.39 28.35
N GLU E 220 23.06 -36.58 27.86
CA GLU E 220 22.40 -37.85 28.22
C GLU E 220 22.42 -38.19 29.70
N THR E 221 23.53 -37.90 30.35
CA THR E 221 23.66 -38.20 31.76
C THR E 221 22.74 -37.37 32.58
N GLN E 222 22.70 -36.08 32.31
CA GLN E 222 21.86 -35.23 33.11
C GLN E 222 20.40 -35.40 32.77
N MET E 223 20.06 -35.69 31.53
CA MET E 223 18.65 -35.88 31.29
C MET E 223 18.15 -37.05 32.10
N ALA E 224 18.95 -38.13 32.15
CA ALA E 224 18.53 -39.27 32.92
C ALA E 224 18.40 -38.96 34.41
N LYS E 225 19.29 -38.13 34.96
CA LYS E 225 19.22 -37.79 36.37
C LYS E 225 18.16 -36.77 36.71
N LEU E 226 17.91 -35.87 35.79
CA LEU E 226 17.00 -34.77 36.02
C LEU E 226 15.56 -35.04 35.60
N TYR E 227 15.34 -35.64 34.44
CA TYR E 227 13.99 -35.89 33.96
C TYR E 227 13.64 -37.36 33.88
N GLY E 228 14.64 -38.20 33.68
CA GLY E 228 14.43 -39.64 33.56
C GLY E 228 14.27 -40.14 32.13
N ASP E 229 14.41 -39.27 31.16
CA ASP E 229 14.27 -39.67 29.77
C ASP E 229 15.28 -38.98 28.89
N SER E 230 16.27 -39.71 28.44
CA SER E 230 17.36 -39.13 27.66
C SER E 230 17.06 -38.90 26.19
N LYS E 231 15.95 -39.38 25.67
CA LYS E 231 15.73 -39.19 24.24
C LYS E 231 15.22 -37.76 23.98
N PRO E 232 15.29 -37.21 22.77
CA PRO E 232 14.79 -35.91 22.41
C PRO E 232 13.33 -35.79 22.75
N GLN E 233 12.96 -34.67 23.34
CA GLN E 233 11.59 -34.43 23.78
C GLN E 233 10.87 -33.55 22.78
N LYS E 234 9.56 -33.69 22.66
CA LYS E 234 8.86 -32.87 21.69
C LYS E 234 7.86 -31.91 22.31
N PHE E 235 7.80 -30.72 21.74
CA PHE E 235 6.91 -29.67 22.22
C PHE E 235 6.13 -29.00 21.11
N THR E 236 4.91 -28.56 21.39
CA THR E 236 4.18 -27.79 20.39
C THR E 236 3.50 -26.64 21.05
N SER E 237 3.00 -25.74 20.24
CA SER E 237 2.17 -24.68 20.77
C SER E 237 1.21 -24.21 19.72
N SER E 238 0.09 -23.66 20.18
CA SER E 238 -0.91 -23.10 19.29
C SER E 238 -1.68 -21.92 19.83
N ALA E 239 -1.82 -20.88 19.01
CA ALA E 239 -2.68 -19.75 19.38
C ALA E 239 -3.15 -19.04 18.14
N ASN E 240 -4.45 -18.77 18.09
CA ASN E 240 -5.05 -18.06 16.99
C ASN E 240 -4.72 -18.69 15.65
N GLY E 241 -4.72 -20.01 15.61
CA GLY E 241 -4.48 -20.72 14.37
C GLY E 241 -3.04 -20.88 13.98
N VAL E 242 -2.13 -20.31 14.76
CA VAL E 242 -0.73 -20.39 14.43
C VAL E 242 -0.08 -21.46 15.27
N THR E 243 0.57 -22.41 14.63
CA THR E 243 1.14 -23.51 15.36
C THR E 243 2.60 -23.70 15.12
N THR E 244 3.29 -24.27 16.10
CA THR E 244 4.68 -24.65 15.92
C THR E 244 5.00 -25.99 16.54
N HIS E 245 6.24 -26.42 16.37
CA HIS E 245 6.75 -27.71 16.85
C HIS E 245 8.25 -27.69 17.04
N TYR E 246 8.69 -28.20 18.18
CA TYR E 246 10.08 -28.28 18.49
C TYR E 246 10.50 -29.64 18.96
N VAL E 247 11.73 -30.00 18.66
CA VAL E 247 12.28 -31.24 19.16
C VAL E 247 13.55 -30.86 19.87
N SER E 248 13.74 -31.29 21.09
CA SER E 248 14.93 -30.89 21.78
C SER E 248 16.16 -31.57 21.25
N GLN E 249 17.29 -30.99 21.54
CA GLN E 249 18.59 -31.51 21.21
C GLN E 249 19.18 -32.11 22.43
N ILE E 250 19.73 -33.31 22.37
CA ILE E 250 20.32 -33.89 23.56
C ILE E 250 21.82 -33.89 23.44
N GLY E 251 22.47 -33.12 24.27
CA GLY E 251 23.93 -32.99 24.23
C GLY E 251 24.37 -32.23 22.99
N GLY E 252 25.68 -31.99 22.85
CA GLY E 252 26.18 -31.39 21.62
C GLY E 252 25.74 -29.94 21.48
N PHE E 253 25.59 -29.26 22.57
CA PHE E 253 25.09 -27.92 22.49
C PHE E 253 26.13 -26.94 22.00
N PRO E 254 25.71 -25.86 21.34
CA PRO E 254 26.51 -24.73 20.93
C PRO E 254 27.11 -24.04 22.15
N ASN E 255 28.23 -23.32 21.94
CA ASN E 255 28.94 -22.53 22.94
C ASN E 255 28.01 -21.47 23.55
N GLN E 256 28.14 -21.26 24.88
CA GLN E 256 27.35 -20.28 25.63
C GLN E 256 27.73 -18.85 25.35
N THR E 257 26.73 -18.05 25.07
CA THR E 257 26.89 -16.62 24.85
C THR E 257 25.77 -15.90 25.53
N GLU E 258 25.92 -14.61 25.76
CA GLU E 258 24.82 -13.79 26.25
C GLU E 258 24.16 -14.36 27.50
N ASP E 259 24.93 -14.81 28.47
CA ASP E 259 24.32 -15.38 29.66
C ASP E 259 25.08 -15.02 30.91
N GLY E 260 24.72 -15.65 32.03
CA GLY E 260 25.29 -15.34 33.34
C GLY E 260 26.79 -15.60 33.50
N GLY E 261 27.39 -16.33 32.58
CA GLY E 261 28.82 -16.59 32.65
C GLY E 261 29.23 -17.87 33.34
N LEU E 262 28.34 -18.53 34.04
CA LEU E 262 28.71 -19.77 34.68
C LEU E 262 28.54 -20.81 33.62
N PRO E 263 29.34 -21.86 33.60
CA PRO E 263 29.19 -22.94 32.68
C PRO E 263 27.95 -23.72 33.01
N GLN E 264 27.29 -24.21 31.98
CA GLN E 264 26.15 -25.08 32.11
C GLN E 264 26.27 -26.21 31.12
N SER E 265 25.76 -27.37 31.48
CA SER E 265 25.76 -28.46 30.51
C SER E 265 24.55 -28.41 29.62
N GLY E 266 23.48 -27.82 30.12
CA GLY E 266 22.26 -27.72 29.36
C GLY E 266 22.07 -26.36 28.76
N ARG E 267 20.93 -26.18 28.14
CA ARG E 267 20.56 -24.96 27.45
C ARG E 267 19.05 -24.87 27.46
N ILE E 268 18.49 -23.70 27.25
CA ILE E 268 17.06 -23.65 27.09
C ILE E 268 16.69 -23.05 25.76
N VAL E 269 15.49 -23.34 25.35
CA VAL E 269 14.89 -22.80 24.16
C VAL E 269 13.70 -22.05 24.62
N VAL E 270 13.60 -20.82 24.22
CA VAL E 270 12.51 -19.99 24.69
C VAL E 270 11.77 -19.45 23.53
N ASP E 271 10.46 -19.49 23.59
CA ASP E 271 9.61 -18.97 22.53
C ASP E 271 8.49 -18.17 23.12
N TYR E 272 7.65 -17.62 22.26
CA TYR E 272 6.48 -16.95 22.76
C TYR E 272 5.27 -17.21 21.89
N MET E 273 4.13 -17.10 22.53
CA MET E 273 2.86 -17.30 21.91
C MET E 273 2.02 -16.08 22.10
N VAL E 274 1.33 -15.65 21.06
CA VAL E 274 0.52 -14.48 21.24
C VAL E 274 -0.92 -14.82 21.16
N GLN E 275 -1.64 -14.53 22.22
CA GLN E 275 -3.03 -14.80 22.32
C GLN E 275 -3.82 -13.52 22.12
N LYS E 276 -4.55 -13.44 21.04
CA LYS E 276 -5.25 -12.22 20.78
C LYS E 276 -6.35 -12.12 21.80
N SER E 277 -6.76 -10.90 22.09
CA SER E 277 -7.72 -10.70 23.15
C SER E 277 -8.91 -11.61 23.08
N GLY E 278 -9.17 -12.24 24.22
CA GLY E 278 -10.29 -13.15 24.44
C GLY E 278 -9.96 -14.62 24.20
N LYS E 279 -8.79 -14.92 23.65
CA LYS E 279 -8.46 -16.30 23.36
C LYS E 279 -7.45 -16.91 24.27
N THR E 280 -7.59 -18.23 24.43
CA THR E 280 -6.68 -19.05 25.18
C THR E 280 -5.71 -19.64 24.21
N GLY E 281 -4.62 -20.20 24.71
CA GLY E 281 -3.67 -20.86 23.82
C GLY E 281 -3.41 -22.26 24.30
N THR E 282 -2.65 -23.03 23.57
CA THR E 282 -2.34 -24.38 24.00
C THR E 282 -0.87 -24.74 23.91
N ILE E 283 -0.33 -25.40 24.94
CA ILE E 283 1.04 -25.89 24.92
C ILE E 283 1.09 -27.40 25.13
N THR E 284 1.84 -28.08 24.28
CA THR E 284 1.99 -29.53 24.35
C THR E 284 3.41 -29.83 24.78
N TYR E 285 3.60 -30.70 25.74
CA TYR E 285 4.96 -30.94 26.17
C TYR E 285 5.29 -32.29 26.75
N GLN E 286 6.58 -32.60 26.78
CA GLN E 286 7.02 -33.81 27.46
C GLN E 286 7.89 -33.43 28.64
N ARG E 287 9.16 -33.82 28.69
CA ARG E 287 9.94 -33.44 29.85
C ARG E 287 10.81 -32.24 29.59
N GLY E 288 11.06 -31.45 30.63
CA GLY E 288 11.91 -30.27 30.46
C GLY E 288 11.11 -29.02 30.17
N ILE E 289 9.82 -29.07 30.34
CA ILE E 289 9.03 -27.91 30.05
C ILE E 289 9.22 -26.75 30.99
N LEU E 290 9.36 -25.58 30.41
CA LEU E 290 9.39 -24.36 31.16
C LEU E 290 7.97 -23.83 30.96
N LEU E 291 7.17 -23.86 32.01
CA LEU E 291 5.77 -23.50 31.90
C LEU E 291 5.62 -22.01 32.02
N PRO E 292 4.66 -21.37 31.36
CA PRO E 292 4.37 -19.98 31.53
C PRO E 292 4.03 -19.66 32.95
N GLN E 293 4.47 -18.51 33.43
CA GLN E 293 4.15 -18.00 34.75
C GLN E 293 3.59 -16.61 34.62
N LYS E 294 4.41 -15.58 34.68
CA LYS E 294 3.84 -14.28 34.48
C LYS E 294 3.72 -14.13 32.98
N VAL E 295 2.76 -13.36 32.50
CA VAL E 295 2.63 -13.14 31.06
C VAL E 295 2.59 -11.68 30.77
N TRP E 296 2.85 -11.29 29.54
CA TRP E 296 2.74 -9.88 29.24
C TRP E 296 1.34 -9.53 28.78
N CYS E 297 0.79 -8.42 29.26
CA CYS E 297 -0.51 -7.89 28.85
C CYS E 297 -0.24 -6.58 28.15
N ALA E 298 -0.77 -6.40 26.96
CA ALA E 298 -0.45 -5.15 26.31
C ALA E 298 -1.55 -4.63 25.41
N SER E 299 -1.60 -3.32 25.28
CA SER E 299 -2.61 -2.69 24.45
C SER E 299 -2.18 -1.39 23.81
N GLY E 300 -2.96 -0.96 22.84
CA GLY E 300 -2.73 0.31 22.19
C GLY E 300 -1.62 0.12 21.18
N ARG E 301 -1.19 1.20 20.56
CA ARG E 301 -0.13 1.12 19.60
C ARG E 301 0.82 2.27 19.72
N SER E 302 2.10 1.98 19.71
CA SER E 302 3.09 3.02 19.72
C SER E 302 3.48 3.27 18.29
N LYS E 303 4.03 4.42 18.02
CA LYS E 303 4.56 4.71 16.71
C LYS E 303 6.01 4.29 16.72
N VAL E 304 6.38 3.34 15.88
CA VAL E 304 7.73 2.84 15.96
C VAL E 304 8.58 3.12 14.74
N ILE E 305 9.75 3.66 14.97
CA ILE E 305 10.74 3.87 13.92
C ILE E 305 12.04 3.25 14.32
N LYS E 306 12.92 2.98 13.37
CA LYS E 306 14.23 2.44 13.69
C LYS E 306 15.11 3.55 14.16
N GLY E 307 16.01 3.27 15.08
CA GLY E 307 16.87 4.34 15.55
C GLY E 307 17.95 3.86 16.48
N SER E 308 18.58 4.77 17.18
CA SER E 308 19.67 4.42 18.06
C SER E 308 19.72 5.28 19.30
N LEU E 309 19.84 4.64 20.45
CA LEU E 309 19.89 5.32 21.75
C LEU E 309 21.33 5.65 22.05
N PRO E 310 21.62 6.61 22.93
CA PRO E 310 20.80 7.44 23.79
C PRO E 310 20.03 8.51 23.08
N LEU E 311 18.98 8.99 23.71
CA LEU E 311 18.22 10.10 23.18
C LEU E 311 18.72 11.36 23.85
N ILE E 312 19.16 12.29 23.04
CA ILE E 312 19.74 13.50 23.56
C ILE E 312 18.92 14.74 23.28
N GLY E 313 18.43 15.36 24.34
CA GLY E 313 17.61 16.54 24.19
C GLY E 313 16.27 16.16 23.62
N GLU E 314 15.63 17.12 22.95
CA GLU E 314 14.31 16.99 22.36
C GLU E 314 14.32 17.47 20.93
N ALA E 315 13.41 16.97 20.11
CA ALA E 315 13.28 17.46 18.75
C ALA E 315 11.83 17.46 18.32
N ASP E 316 11.50 18.31 17.37
CA ASP E 316 10.11 18.33 16.89
C ASP E 316 9.69 17.12 16.03
N CYS E 317 10.65 16.49 15.32
CA CYS E 317 10.53 15.35 14.43
C CYS E 317 11.69 14.37 14.60
N LEU E 318 11.38 13.08 14.65
CA LEU E 318 12.42 12.07 14.67
C LEU E 318 12.42 11.32 13.38
N HIS E 319 13.52 11.41 12.67
CA HIS E 319 13.63 10.79 11.37
C HIS E 319 14.54 9.59 11.41
N GLU E 320 14.22 8.55 10.66
CA GLU E 320 15.10 7.39 10.67
C GLU E 320 16.50 7.60 10.13
N LYS E 321 16.70 8.53 9.21
CA LYS E 321 18.04 8.70 8.68
C LYS E 321 18.69 9.88 9.31
N TYR E 322 17.89 10.88 9.65
CA TYR E 322 18.51 12.08 10.15
C TYR E 322 18.44 12.35 11.65
N GLY E 323 17.79 11.51 12.45
CA GLY E 323 17.75 11.78 13.88
C GLY E 323 16.79 12.91 14.12
N GLY E 324 16.98 13.68 15.19
CA GLY E 324 16.03 14.72 15.44
C GLY E 324 16.18 15.88 14.45
N LEU E 325 15.04 16.40 14.01
CA LEU E 325 14.90 17.55 13.13
C LEU E 325 13.95 18.57 13.77
N ASN E 326 14.12 19.89 13.49
CA ASN E 326 13.21 20.94 14.00
C ASN E 326 12.38 21.68 12.92
N LYS E 327 12.19 21.09 11.72
CA LYS E 327 11.32 21.60 10.62
C LYS E 327 11.55 23.09 10.26
N SER E 328 12.79 23.47 9.96
CA SER E 328 13.06 24.86 9.62
C SER E 328 12.38 25.29 8.34
N LYS E 329 12.14 24.34 7.45
CA LYS E 329 11.46 24.58 6.20
C LYS E 329 10.38 23.52 6.10
N PRO E 330 9.25 23.78 5.47
CA PRO E 330 8.17 22.85 5.31
C PRO E 330 8.47 21.61 4.50
N TYR E 331 9.48 21.65 3.64
CA TYR E 331 9.77 20.48 2.85
C TYR E 331 11.25 20.15 2.93
N TYR E 332 11.61 18.92 2.63
CA TYR E 332 13.03 18.64 2.61
C TYR E 332 13.40 17.76 1.46
N THR E 333 14.65 17.83 1.08
CA THR E 333 15.17 16.95 0.07
C THR E 333 16.14 16.07 0.78
N GLY E 334 16.51 14.96 0.18
CA GLY E 334 17.42 14.10 0.89
C GLY E 334 16.87 12.70 0.84
N GLU E 335 17.30 11.87 1.76
CA GLU E 335 16.88 10.49 1.74
C GLU E 335 15.55 10.31 2.47
N HIS E 336 14.60 9.70 1.78
CA HIS E 336 13.30 9.45 2.37
C HIS E 336 13.34 8.32 3.36
N ALA E 337 12.67 8.49 4.48
CA ALA E 337 12.58 7.44 5.47
C ALA E 337 11.42 7.71 6.38
N LYS E 338 11.13 6.79 7.27
CA LYS E 338 10.01 6.96 8.17
C LYS E 338 10.32 8.03 9.17
N ALA E 339 9.28 8.62 9.73
CA ALA E 339 9.48 9.66 10.73
C ALA E 339 8.28 9.81 11.63
N ILE E 340 8.52 10.36 12.81
CA ILE E 340 7.46 10.67 13.75
C ILE E 340 7.49 12.10 14.20
N GLY E 341 6.34 12.78 14.18
CA GLY E 341 6.33 14.15 14.69
C GLY E 341 6.06 15.24 13.68
N ASN E 342 6.38 16.47 14.08
CA ASN E 342 6.07 17.63 13.26
C ASN E 342 7.19 17.80 12.26
N CYS E 343 7.15 16.93 11.25
CA CYS E 343 8.18 16.71 10.25
C CYS E 343 7.97 17.54 8.99
N PRO E 344 9.05 17.88 8.29
CA PRO E 344 9.04 18.49 7.00
C PRO E 344 8.60 17.38 6.07
N ILE E 345 8.01 17.73 4.96
CA ILE E 345 7.58 16.71 4.02
C ILE E 345 8.63 16.48 2.95
N TRP E 346 8.98 15.24 2.73
CA TRP E 346 9.99 14.96 1.73
C TRP E 346 9.50 15.24 0.35
N VAL E 347 10.34 15.86 -0.45
CA VAL E 347 10.06 16.11 -1.85
C VAL E 347 11.25 15.69 -2.69
N LYS E 348 11.00 15.43 -3.97
CA LYS E 348 12.04 15.03 -4.90
C LYS E 348 13.07 16.06 -5.28
N THR E 349 12.68 17.32 -5.41
CA THR E 349 13.60 18.34 -5.88
C THR E 349 13.56 19.47 -4.92
N PRO E 350 14.51 20.40 -4.97
CA PRO E 350 14.42 21.64 -4.27
C PRO E 350 13.22 22.33 -4.82
N LEU E 351 12.53 23.07 -3.98
CA LEU E 351 11.36 23.81 -4.40
C LEU E 351 11.54 25.24 -4.01
N LYS E 352 11.11 26.15 -4.88
CA LYS E 352 11.20 27.57 -4.58
C LYS E 352 9.97 28.28 -5.05
N LEU E 353 9.47 29.21 -4.25
CA LEU E 353 8.41 30.05 -4.77
C LEU E 353 8.95 31.25 -5.37
N ALA E 354 8.31 31.70 -6.41
CA ALA E 354 8.69 32.99 -6.87
C ALA E 354 8.16 33.95 -5.82
N ASN E 355 8.94 34.97 -5.45
CA ASN E 355 8.54 36.09 -4.58
C ASN E 355 8.29 37.32 -5.47
N GLY E 356 9.19 37.53 -6.46
CA GLY E 356 9.15 38.63 -7.39
C GLY E 356 8.58 38.25 -8.73
N THR E 357 8.72 39.18 -9.65
CA THR E 357 8.27 39.15 -11.01
C THR E 357 9.30 38.48 -11.87
N LYS E 358 8.98 38.29 -13.14
CA LYS E 358 9.93 37.73 -14.05
C LYS E 358 11.07 38.69 -14.24
N TYR E 359 12.20 38.14 -14.58
CA TYR E 359 13.35 38.94 -14.89
C TYR E 359 13.07 39.85 -16.04
N ARG E 360 13.38 41.11 -15.82
CA ARG E 360 13.24 42.16 -16.79
C ARG E 360 14.59 42.84 -16.96
N PRO E 361 15.40 42.44 -17.94
CA PRO E 361 16.74 42.95 -18.16
C PRO E 361 16.59 44.45 -18.27
N PRO E 362 17.62 45.23 -17.93
CA PRO E 362 17.59 46.70 -17.88
C PRO E 362 17.58 47.33 -19.26
N ALA E 363 16.42 47.16 -19.96
CA ALA E 363 16.14 47.62 -21.31
C ALA E 363 14.68 48.02 -21.39
N PHE F 8 16.53 55.59 -15.43
CA PHE F 8 16.49 55.85 -13.99
C PHE F 8 15.27 55.14 -13.34
N LEU F 9 14.05 55.36 -13.87
CA LEU F 9 12.82 54.70 -13.37
C LEU F 9 12.35 53.57 -14.29
N GLU F 10 12.54 53.73 -15.60
CA GLU F 10 12.09 52.73 -16.57
C GLU F 10 13.27 51.85 -17.00
N GLY F 11 12.98 50.60 -17.35
CA GLY F 11 14.01 49.68 -17.83
C GLY F 11 14.70 49.03 -16.63
N GLY F 12 15.36 49.86 -15.83
CA GLY F 12 16.05 49.43 -14.61
C GLY F 12 17.54 49.69 -14.67
N TRP F 13 18.16 49.72 -13.49
CA TRP F 13 19.59 49.95 -13.30
C TRP F 13 19.92 49.47 -11.92
N GLU F 14 21.20 49.45 -11.56
CA GLU F 14 21.61 48.99 -10.24
C GLU F 14 21.43 50.04 -9.15
N GLY F 15 20.16 50.33 -8.86
CA GLY F 15 19.76 51.34 -7.89
C GLY F 15 19.18 50.70 -6.65
N MET F 16 18.32 51.45 -5.96
CA MET F 16 17.70 50.93 -4.75
C MET F 16 16.39 50.28 -5.11
N ILE F 17 16.14 49.13 -4.52
CA ILE F 17 14.93 48.38 -4.78
C ILE F 17 14.13 48.17 -3.48
N ALA F 18 14.45 48.98 -2.49
CA ALA F 18 13.91 48.91 -1.13
C ALA F 18 12.38 49.04 -1.05
N GLY F 19 11.77 49.81 -1.95
CA GLY F 19 10.31 49.92 -1.93
C GLY F 19 9.68 49.05 -3.03
N TRP F 20 10.52 48.27 -3.74
CA TRP F 20 10.18 47.44 -4.90
C TRP F 20 8.94 47.99 -5.59
N HIS F 21 9.05 49.20 -6.08
CA HIS F 21 7.86 49.90 -6.48
C HIS F 21 7.33 49.44 -7.84
N GLY F 22 6.00 49.32 -7.96
CA GLY F 22 5.37 48.87 -9.21
C GLY F 22 5.19 49.86 -10.37
N TYR F 23 5.33 51.18 -10.15
CA TYR F 23 5.13 52.11 -11.26
C TYR F 23 6.16 53.25 -11.22
N THR F 24 6.34 53.90 -12.36
CA THR F 24 7.27 55.01 -12.41
C THR F 24 6.53 56.33 -12.40
N SER F 25 7.23 57.39 -12.04
CA SER F 25 6.69 58.73 -12.04
C SER F 25 6.71 59.34 -13.43
N HIS F 26 6.02 60.45 -13.54
CA HIS F 26 5.91 61.22 -14.78
C HIS F 26 5.82 62.70 -14.44
N GLY F 27 6.07 63.57 -15.42
CA GLY F 27 5.89 65.00 -15.21
C GLY F 27 7.14 65.84 -15.51
N ALA F 28 6.91 67.16 -15.64
CA ALA F 28 7.95 68.14 -15.96
C ALA F 28 8.72 68.67 -14.74
N HIS F 29 8.28 68.30 -13.53
CA HIS F 29 8.93 68.87 -12.34
C HIS F 29 10.19 68.10 -11.98
N GLY F 30 11.22 68.25 -12.81
CA GLY F 30 12.43 67.49 -12.61
C GLY F 30 11.97 66.05 -12.65
N VAL F 31 12.36 65.25 -11.68
CA VAL F 31 11.87 63.90 -11.63
C VAL F 31 11.32 63.67 -10.25
N ALA F 32 10.05 63.96 -10.06
CA ALA F 32 9.46 63.75 -8.74
C ALA F 32 9.35 62.25 -8.57
N VAL F 33 9.61 61.74 -7.37
CA VAL F 33 9.44 60.30 -7.15
C VAL F 33 8.69 60.02 -5.86
N ALA F 34 7.66 59.18 -5.90
CA ALA F 34 6.95 58.82 -4.69
C ALA F 34 6.56 57.38 -4.79
N ALA F 35 6.53 56.69 -3.65
CA ALA F 35 6.15 55.30 -3.69
C ALA F 35 4.80 55.06 -3.05
N ASP F 36 4.08 54.13 -3.64
CA ASP F 36 2.83 53.62 -3.13
C ASP F 36 3.13 52.49 -2.17
N LEU F 37 3.00 52.78 -0.90
CA LEU F 37 3.39 51.81 0.07
C LEU F 37 2.22 50.92 0.41
N LYS F 38 1.04 51.22 -0.15
CA LYS F 38 -0.10 50.39 0.11
C LYS F 38 0.08 49.20 -0.80
N SER F 39 0.50 49.49 -2.03
CA SER F 39 0.78 48.49 -3.05
C SER F 39 1.93 47.61 -2.61
N THR F 40 2.95 48.25 -2.05
CA THR F 40 4.11 47.52 -1.60
C THR F 40 3.68 46.51 -0.54
N GLN F 41 2.86 46.95 0.43
CA GLN F 41 2.40 46.02 1.45
C GLN F 41 1.49 44.95 0.90
N GLU F 42 0.66 45.28 -0.10
CA GLU F 42 -0.19 44.26 -0.67
C GLU F 42 0.65 43.13 -1.22
N ALA F 43 1.70 43.46 -1.96
CA ALA F 43 2.52 42.44 -2.56
C ALA F 43 3.16 41.53 -1.52
N ILE F 44 3.59 42.12 -0.40
CA ILE F 44 4.21 41.34 0.64
C ILE F 44 3.20 40.47 1.34
N ASN F 45 2.03 41.01 1.62
CA ASN F 45 1.03 40.24 2.31
C ASN F 45 0.52 39.13 1.42
N LYS F 46 0.45 39.38 0.12
CA LYS F 46 -0.03 38.37 -0.80
C LYS F 46 0.93 37.20 -0.87
N ILE F 47 2.24 37.48 -0.95
CA ILE F 47 3.16 36.36 -1.03
C ILE F 47 3.17 35.61 0.29
N THR F 48 2.99 36.32 1.40
CA THR F 48 2.98 35.69 2.70
C THR F 48 1.84 34.70 2.77
N LYS F 49 0.64 35.09 2.31
CA LYS F 49 -0.48 34.18 2.34
C LYS F 49 -0.25 32.95 1.49
N ASN F 50 0.36 33.13 0.31
CA ASN F 50 0.63 31.98 -0.53
C ASN F 50 1.65 31.06 0.11
N LEU F 51 2.66 31.63 0.74
CA LEU F 51 3.65 30.80 1.37
C LEU F 51 3.03 29.99 2.46
N ASN F 52 2.14 30.60 3.23
CA ASN F 52 1.51 29.87 4.30
C ASN F 52 0.56 28.81 3.79
N SER F 53 -0.17 29.04 2.70
CA SER F 53 -1.07 27.95 2.33
C SER F 53 -0.27 26.71 1.94
N LEU F 54 0.96 26.89 1.46
CA LEU F 54 1.81 25.74 1.17
C LEU F 54 2.48 25.17 2.42
N SER F 55 2.95 26.02 3.33
CA SER F 55 3.65 25.50 4.50
C SER F 55 2.70 24.80 5.45
N GLU F 56 1.41 25.10 5.33
CA GLU F 56 0.36 24.50 6.13
C GLU F 56 -0.04 23.11 5.65
N LEU F 57 0.49 22.63 4.54
CA LEU F 57 0.11 21.30 4.12
C LEU F 57 0.52 20.28 5.15
N GLU F 58 -0.42 19.43 5.51
CA GLU F 58 -0.15 18.38 6.46
C GLU F 58 -0.53 17.05 5.87
N VAL F 59 0.36 16.08 6.01
CA VAL F 59 0.06 14.75 5.54
C VAL F 59 0.39 13.84 6.70
N LYS F 60 -0.17 12.65 6.74
CA LYS F 60 0.18 11.73 7.80
C LYS F 60 1.58 11.19 7.57
N ASN F 61 2.31 10.95 8.65
CA ASN F 61 3.65 10.39 8.55
C ASN F 61 3.62 8.89 8.56
N LEU F 62 4.66 8.29 8.01
CA LEU F 62 4.79 6.86 7.97
C LEU F 62 5.64 6.31 9.09
N GLN F 63 5.24 5.16 9.63
CA GLN F 63 6.00 4.42 10.65
C GLN F 63 5.94 2.94 10.36
N ARG F 64 6.60 2.13 11.19
CA ARG F 64 6.65 0.69 11.03
C ARG F 64 5.38 0.04 11.48
N LEU F 65 5.11 -1.12 10.94
CA LEU F 65 3.98 -1.90 11.37
C LEU F 65 4.35 -2.43 12.72
N SER F 66 3.50 -2.27 13.71
CA SER F 66 3.86 -2.66 15.05
C SER F 66 3.93 -4.17 15.24
N GLY F 67 3.19 -4.91 14.45
CA GLY F 67 3.22 -6.35 14.59
C GLY F 67 4.18 -7.05 13.64
N ALA F 68 4.89 -6.29 12.80
CA ALA F 68 5.73 -6.97 11.84
C ALA F 68 7.14 -7.00 12.32
N MET F 69 7.58 -8.18 12.69
CA MET F 69 8.89 -8.38 13.26
C MET F 69 9.89 -8.65 12.17
N ASP F 70 11.09 -8.13 12.35
CA ASP F 70 12.14 -8.35 11.38
C ASP F 70 12.44 -9.81 11.24
N GLU F 71 12.78 -10.19 10.01
CA GLU F 71 13.15 -11.54 9.60
C GLU F 71 11.94 -12.47 9.54
N LEU F 72 11.25 -12.60 10.67
CA LEU F 72 10.09 -13.44 10.82
C LEU F 72 9.01 -13.11 9.82
N HIS F 73 8.82 -11.82 9.57
CA HIS F 73 7.82 -11.35 8.64
C HIS F 73 8.46 -10.51 7.57
N ASN F 74 9.60 -10.95 7.07
CA ASN F 74 10.28 -10.19 6.05
C ASN F 74 9.44 -9.90 4.82
N GLU F 75 8.57 -10.82 4.39
CA GLU F 75 7.78 -10.58 3.19
C GLU F 75 6.80 -9.44 3.35
N ILE F 76 6.21 -9.32 4.53
CA ILE F 76 5.26 -8.26 4.79
C ILE F 76 6.02 -6.97 4.80
N LEU F 77 7.17 -6.97 5.43
CA LEU F 77 7.96 -5.78 5.49
C LEU F 77 8.42 -5.34 4.11
N GLU F 78 8.77 -6.26 3.21
CA GLU F 78 9.14 -5.82 1.87
C GLU F 78 7.99 -5.03 1.25
N LEU F 79 6.76 -5.52 1.44
CA LEU F 79 5.63 -4.79 0.91
C LEU F 79 5.47 -3.47 1.64
N ASP F 80 5.68 -3.46 2.94
CA ASP F 80 5.56 -2.21 3.66
C ASP F 80 6.54 -1.18 3.10
N GLU F 81 7.76 -1.59 2.76
CA GLU F 81 8.70 -0.63 2.20
C GLU F 81 8.19 -0.13 0.87
N LYS F 82 7.64 -1.03 0.06
CA LYS F 82 7.09 -0.61 -1.22
C LYS F 82 6.00 0.42 -1.03
N VAL F 83 5.14 0.23 -0.04
CA VAL F 83 4.07 1.18 0.19
C VAL F 83 4.63 2.52 0.60
N ASP F 84 5.61 2.55 1.48
CA ASP F 84 6.17 3.82 1.91
C ASP F 84 6.81 4.57 0.79
N ASP F 85 7.47 3.83 -0.09
CA ASP F 85 8.19 4.42 -1.18
C ASP F 85 7.24 4.98 -2.24
N LEU F 86 6.17 4.25 -2.53
CA LEU F 86 5.22 4.74 -3.51
C LEU F 86 4.49 5.94 -2.96
N ARG F 87 4.23 5.93 -1.67
CA ARG F 87 3.57 7.04 -1.07
C ARG F 87 4.46 8.25 -1.18
N ALA F 88 5.76 8.09 -0.95
CA ALA F 88 6.65 9.22 -1.07
C ALA F 88 6.58 9.84 -2.44
N ASP F 89 6.50 9.04 -3.52
CA ASP F 89 6.38 9.72 -4.81
C ASP F 89 5.08 10.45 -4.90
N THR F 90 4.01 9.86 -4.41
CA THR F 90 2.72 10.49 -4.52
C THR F 90 2.66 11.83 -3.83
N ILE F 91 3.16 11.90 -2.61
CA ILE F 91 3.09 13.14 -1.89
C ILE F 91 4.00 14.15 -2.51
N SER F 92 5.21 13.74 -2.93
CA SER F 92 6.09 14.69 -3.55
C SER F 92 5.45 15.27 -4.78
N SER F 93 4.80 14.44 -5.59
CA SER F 93 4.16 14.94 -6.79
C SER F 93 3.04 15.91 -6.46
N GLN F 94 2.26 15.65 -5.42
CA GLN F 94 1.20 16.60 -5.08
C GLN F 94 1.77 17.91 -4.66
N ILE F 95 2.87 17.88 -3.92
CA ILE F 95 3.48 19.11 -3.50
C ILE F 95 4.05 19.83 -4.68
N GLU F 96 4.75 19.14 -5.55
CA GLU F 96 5.31 19.83 -6.67
C GLU F 96 4.22 20.47 -7.47
N LEU F 97 3.09 19.80 -7.66
CA LEU F 97 2.06 20.44 -8.43
C LEU F 97 1.53 21.65 -7.69
N ALA F 98 1.31 21.56 -6.39
CA ALA F 98 0.81 22.72 -5.69
C ALA F 98 1.76 23.90 -5.81
N VAL F 99 3.06 23.64 -5.73
CA VAL F 99 4.06 24.70 -5.84
C VAL F 99 4.15 25.24 -7.24
N LEU F 100 4.15 24.36 -8.23
CA LEU F 100 4.25 24.78 -9.61
C LEU F 100 3.04 25.57 -10.02
N LEU F 101 1.85 25.21 -9.54
CA LEU F 101 0.67 25.98 -9.86
C LEU F 101 0.73 27.30 -9.15
N SER F 102 1.26 27.31 -7.92
CA SER F 102 1.38 28.57 -7.24
C SER F 102 2.31 29.47 -8.04
N ASN F 103 3.44 28.94 -8.51
CA ASN F 103 4.34 29.76 -9.31
C ASN F 103 3.77 30.15 -10.64
N GLU F 104 3.04 29.28 -11.31
CA GLU F 104 2.48 29.68 -12.57
C GLU F 104 1.55 30.87 -12.33
N GLY F 105 0.74 30.79 -11.26
CA GLY F 105 -0.18 31.86 -10.91
C GLY F 105 0.55 33.15 -10.57
N ILE F 106 1.66 33.07 -9.85
CA ILE F 106 2.44 34.25 -9.50
C ILE F 106 3.04 34.90 -10.72
N ILE F 107 3.64 34.11 -11.59
CA ILE F 107 4.28 34.60 -12.79
C ILE F 107 3.27 35.26 -13.70
N ASN F 108 2.10 34.67 -13.82
CA ASN F 108 1.10 35.21 -14.71
C ASN F 108 0.27 36.33 -14.08
N SER F 109 0.58 36.73 -12.84
CA SER F 109 -0.10 37.82 -12.19
C SER F 109 0.67 39.11 -12.40
N GLU F 110 1.84 39.01 -13.03
CA GLU F 110 2.70 40.16 -13.25
C GLU F 110 2.06 41.25 -14.08
N ASP F 111 1.32 40.87 -15.11
CA ASP F 111 0.77 41.89 -15.99
C ASP F 111 -0.47 42.47 -15.39
N GLU F 112 -1.23 41.69 -14.65
CA GLU F 112 -2.41 42.24 -14.05
C GLU F 112 -2.02 43.23 -12.99
N HIS F 113 -0.98 42.95 -12.22
CA HIS F 113 -0.60 43.90 -11.22
C HIS F 113 -0.23 45.22 -11.89
N LEU F 114 0.62 45.16 -12.93
CA LEU F 114 1.03 46.41 -13.55
C LEU F 114 -0.11 47.13 -14.25
N LEU F 115 -1.02 46.40 -14.89
CA LEU F 115 -2.13 47.04 -15.56
C LEU F 115 -3.05 47.69 -14.55
N ALA F 116 -3.26 47.02 -13.43
CA ALA F 116 -4.13 47.57 -12.41
C ALA F 116 -3.56 48.87 -11.88
N LEU F 117 -2.23 48.95 -11.75
CA LEU F 117 -1.65 50.18 -11.25
C LEU F 117 -1.87 51.31 -12.24
N GLU F 118 -1.73 51.03 -13.55
CA GLU F 118 -1.94 52.12 -14.50
C GLU F 118 -3.41 52.54 -14.51
N ARG F 119 -4.32 51.58 -14.34
CA ARG F 119 -5.72 51.95 -14.34
C ARG F 119 -6.07 52.87 -13.17
N LYS F 120 -5.50 52.63 -11.97
CA LYS F 120 -5.84 53.54 -10.89
C LYS F 120 -5.20 54.91 -11.11
N LEU F 121 -4.08 54.99 -11.85
CA LEU F 121 -3.51 56.32 -12.09
C LEU F 121 -4.49 57.09 -12.95
N LYS F 122 -5.09 56.42 -13.93
CA LYS F 122 -6.08 57.10 -14.77
C LYS F 122 -7.28 57.55 -13.93
N LYS F 123 -7.72 56.72 -12.99
CA LYS F 123 -8.84 57.14 -12.14
C LYS F 123 -8.52 58.44 -11.42
N MET F 124 -7.33 58.51 -10.83
CA MET F 124 -6.89 59.68 -10.10
C MET F 124 -6.57 60.91 -10.96
N LEU F 125 -6.06 60.69 -12.16
CA LEU F 125 -5.64 61.78 -13.03
C LEU F 125 -6.69 62.27 -14.02
N GLY F 126 -7.63 61.41 -14.40
CA GLY F 126 -8.70 61.76 -15.32
C GLY F 126 -8.40 61.38 -16.77
N PRO F 127 -9.39 61.50 -17.67
CA PRO F 127 -9.35 61.10 -19.07
C PRO F 127 -8.62 62.10 -19.94
N SER F 128 -7.34 62.30 -19.64
CA SER F 128 -6.53 63.28 -20.35
C SER F 128 -5.44 62.70 -21.23
N ALA F 129 -5.12 61.42 -21.08
CA ALA F 129 -3.99 60.89 -21.83
C ALA F 129 -3.98 59.37 -21.96
N VAL F 130 -3.21 58.90 -22.93
CA VAL F 130 -2.94 57.48 -23.14
C VAL F 130 -1.43 57.32 -23.30
N GLU F 131 -0.92 56.10 -23.15
CA GLU F 131 0.50 55.83 -23.40
C GLU F 131 0.68 54.41 -23.91
N ILE F 132 1.78 54.17 -24.61
CA ILE F 132 2.12 52.88 -25.22
C ILE F 132 3.49 52.33 -24.77
N GLY F 133 3.78 51.08 -25.15
CA GLY F 133 5.06 50.50 -24.77
C GLY F 133 5.03 50.23 -23.29
N ASN F 134 5.91 50.90 -22.52
CA ASN F 134 5.89 50.67 -21.09
C ASN F 134 4.55 51.17 -20.52
N GLY F 135 3.93 52.15 -21.20
CA GLY F 135 2.62 52.62 -20.79
C GLY F 135 2.58 53.56 -19.61
N CYS F 136 3.68 54.18 -19.22
CA CYS F 136 3.57 55.05 -18.06
C CYS F 136 2.66 56.19 -18.34
N PHE F 137 1.59 56.29 -17.57
CA PHE F 137 0.65 57.36 -17.79
C PHE F 137 1.35 58.69 -17.68
N GLU F 138 1.06 59.58 -18.61
CA GLU F 138 1.63 60.92 -18.64
C GLU F 138 0.50 61.94 -18.75
N THR F 139 0.51 62.94 -17.89
CA THR F 139 -0.48 64.00 -17.81
C THR F 139 -0.30 65.11 -18.83
N LYS F 140 -1.31 65.97 -18.89
CA LYS F 140 -1.30 67.16 -19.73
C LYS F 140 -1.06 68.41 -18.90
N HIS F 141 -0.67 68.19 -17.64
CA HIS F 141 -0.40 69.24 -16.69
C HIS F 141 0.82 68.91 -15.82
N LYS F 142 1.44 69.96 -15.29
CA LYS F 142 2.59 69.78 -14.40
C LYS F 142 2.10 69.27 -13.03
N CYS F 143 2.87 68.33 -12.43
CA CYS F 143 2.64 67.72 -11.12
C CYS F 143 3.98 67.63 -10.40
N ASN F 144 4.06 68.32 -9.26
CA ASN F 144 5.28 68.42 -8.46
C ASN F 144 5.39 67.30 -7.42
N GLN F 145 6.41 67.36 -6.56
CA GLN F 145 6.60 66.27 -5.60
C GLN F 145 5.43 66.16 -4.62
N THR F 146 4.88 67.28 -4.17
CA THR F 146 3.75 67.21 -3.23
C THR F 146 2.54 66.52 -3.89
N CYS F 147 2.24 66.88 -5.17
CA CYS F 147 1.21 66.32 -6.03
C CYS F 147 1.44 64.82 -6.19
N LEU F 148 2.67 64.43 -6.52
CA LEU F 148 2.97 63.04 -6.72
C LEU F 148 2.80 62.26 -5.42
N ASP F 149 3.17 62.85 -4.27
CA ASP F 149 2.99 62.16 -3.00
C ASP F 149 1.51 61.93 -2.73
N ARG F 150 0.66 62.92 -3.06
CA ARG F 150 -0.78 62.76 -2.86
C ARG F 150 -1.33 61.64 -3.73
N ILE F 151 -0.81 61.51 -4.95
CA ILE F 151 -1.22 60.46 -5.86
C ILE F 151 -0.78 59.11 -5.33
N ALA F 152 0.49 58.98 -4.92
CA ALA F 152 1.00 57.71 -4.42
C ALA F 152 0.21 57.26 -3.19
N ALA F 153 -0.20 58.22 -2.39
CA ALA F 153 -0.99 57.99 -1.19
C ALA F 153 -2.52 57.90 -1.42
N GLY F 154 -3.01 58.07 -2.68
CA GLY F 154 -4.41 58.09 -3.06
C GLY F 154 -4.87 59.54 -3.15
C1 NAG G . -29.72 -40.88 9.45
C2 NAG G . -29.68 -41.46 7.97
C3 NAG G . -30.18 -42.93 8.01
C4 NAG G . -29.27 -43.76 8.95
C5 NAG G . -29.31 -43.14 10.38
C6 NAG G . -28.33 -43.84 11.34
C7 NAG G . -30.15 -39.90 6.12
C8 NAG G . -31.13 -39.10 5.32
N2 NAG G . -30.59 -40.64 7.15
O3 NAG G . -30.09 -43.52 6.70
O4 NAG G . -29.80 -45.11 9.02
O5 NAG G . -28.88 -41.73 10.29
O6 NAG G . -28.01 -43.02 12.47
O7 NAG G . -28.96 -39.84 5.80
C1 NAG G . -28.84 -46.19 8.63
C2 NAG G . -29.34 -47.56 9.23
C3 NAG G . -28.29 -48.66 8.85
C4 NAG G . -28.12 -48.74 7.29
C5 NAG G . -27.70 -47.32 6.77
C6 NAG G . -27.61 -47.25 5.23
C7 NAG G . -30.61 -47.21 11.34
C8 NAG G . -30.63 -47.11 12.84
N2 NAG G . -29.45 -47.46 10.71
O3 NAG G . -28.73 -49.90 9.41
O4 NAG G . -27.05 -49.68 6.98
O5 NAG G . -28.68 -46.29 7.19
O6 NAG G . -28.84 -47.57 4.61
O7 NAG G . -31.67 -47.06 10.73
C1 BMA G . -27.47 -51.03 6.46
C2 BMA G . -26.18 -51.75 5.88
C3 BMA G . -26.62 -53.15 5.33
C4 BMA G . -27.28 -53.99 6.48
C5 BMA G . -28.53 -53.20 7.03
C6 BMA G . -29.18 -53.89 8.23
O2 BMA G . -25.18 -51.85 6.87
O3 BMA G . -25.46 -53.84 4.84
O4 BMA G . -27.68 -55.26 5.95
O5 BMA G . -28.09 -51.86 7.49
O6 BMA G . -29.61 -55.22 7.91
C1 NAG H . -14.78 -41.80 30.00
C2 NAG H . -15.09 -41.88 31.56
C3 NAG H . -16.19 -42.98 31.75
C4 NAG H . -17.47 -42.61 30.94
C5 NAG H . -17.08 -42.48 29.43
C6 NAG H . -18.26 -42.01 28.58
C7 NAG H . -12.98 -41.44 32.77
C8 NAG H . -11.73 -41.96 33.42
N2 NAG H . -13.87 -42.30 32.28
O3 NAG H . -16.53 -43.08 33.15
O4 NAG H . -18.37 -43.74 31.05
O5 NAG H . -16.01 -41.47 29.28
O6 NAG H . -17.99 -42.14 27.19
O7 NAG H . -13.17 -40.21 32.72
C1 NAG H . -19.66 -43.51 31.75
C2 NAG H . -20.65 -44.66 31.32
C3 NAG H . -22.02 -44.41 32.05
C4 NAG H . -21.81 -44.39 33.61
C5 NAG H . -20.77 -43.24 33.94
C6 NAG H . -20.41 -43.20 35.43
C7 NAG H . -20.08 -45.31 28.99
C8 NAG H . -20.31 -45.20 27.51
N2 NAG H . -20.87 -44.64 29.85
O3 NAG H . -22.92 -45.46 31.66
O4 NAG H . -23.07 -44.05 34.26
O5 NAG H . -19.50 -43.48 33.20
O6 NAG H . -19.62 -42.06 35.74
O7 NAG H . -19.15 -46.03 29.39
C1 BMA H . -23.77 -45.18 34.96
C2 BMA H . -24.97 -44.58 35.80
C3 BMA H . -25.70 -45.76 36.52
C4 BMA H . -26.18 -46.82 35.47
C5 BMA H . -24.94 -47.35 34.67
C6 BMA H . -25.31 -48.31 33.55
O2 BMA H . -25.86 -43.85 34.95
O3 BMA H . -26.83 -45.24 37.24
O4 BMA H . -26.84 -47.89 36.16
O5 BMA H . -24.25 -46.20 34.03
O6 BMA H . -25.96 -49.49 34.05
C1 NAG I . -32.05 4.99 -0.41
C2 NAG I . -32.59 4.95 1.08
C3 NAG I . -33.61 3.78 1.19
C4 NAG I . -34.77 3.96 0.16
C5 NAG I . -34.14 4.01 -1.28
C6 NAG I . -35.12 4.27 -2.42
C7 NAG I . -30.68 5.60 2.53
C8 NAG I . -29.47 5.21 3.30
N2 NAG I . -31.45 4.66 1.98
O3 NAG I . -34.14 3.76 2.52
O4 NAG I . -35.62 2.79 0.31
O5 NAG I . -33.16 5.13 -1.35
O6 NAG I . -35.91 5.44 -2.23
O7 NAG I . -30.96 6.80 2.42
C1 NAG I . -37.09 2.99 0.17
C2 NAG I . -37.73 1.60 -0.21
C3 NAG I . -39.26 1.82 -0.42
C4 NAG I . -39.90 2.40 0.90
C5 NAG I . -39.17 3.75 1.25
C6 NAG I . -39.59 4.32 2.60
C7 NAG I . -36.45 -0.09 -1.54
C8 NAG I . -35.77 -0.48 -2.81
N2 NAG I . -37.08 1.10 -1.45
O3 NAG I . -39.87 0.56 -0.74
O4 NAG I . -41.31 2.67 0.66
O5 NAG I . -37.71 3.52 1.38
O6 NAG I . -39.05 3.55 3.68
O7 NAG I . -36.44 -0.89 -0.58
C1 BMA I . -42.33 1.63 1.12
C2 BMA I . -43.26 2.30 2.22
C3 BMA I . -44.30 1.23 2.67
C4 BMA I . -45.12 0.70 1.45
C5 BMA I . -44.12 0.08 0.40
C6 BMA I . -44.81 -0.39 -0.88
O2 BMA I . -43.90 3.46 1.69
O3 BMA I . -45.19 1.83 3.63
O4 BMA I . -46.05 -0.29 1.91
O5 BMA I . -43.12 1.11 0.00
O6 BMA I . -45.76 -1.42 -0.62
C1 NAG J . -13.81 37.91 5.73
C2 NAG J . -14.50 39.24 6.28
C3 NAG J . -14.06 39.45 7.78
C4 NAG J . -14.51 38.21 8.63
C5 NAG J . -13.87 36.91 8.00
C6 NAG J . -14.49 35.62 8.51
C7 NAG J . -14.85 41.49 5.26
C8 NAG J . -14.49 42.52 4.21
N2 NAG J . -14.12 40.36 5.37
O3 NAG J . -14.66 40.64 8.29
O4 NAG J . -14.01 38.41 9.98
O5 NAG J . -14.21 36.79 6.57
O6 NAG J . -15.75 35.43 7.88
O7 NAG J . -15.80 41.71 6.01
C1 NAG J . -15.00 38.27 11.11
C2 NAG J . -14.39 38.94 12.41
C3 NAG J . -15.41 38.72 13.59
C4 NAG J . -16.80 39.36 13.21
C5 NAG J . -17.33 38.66 11.90
C6 NAG J . -18.65 39.26 11.41
C7 NAG J . -11.99 38.93 13.16
C8 NAG J . -10.72 38.16 13.43
N2 NAG J . -13.09 38.27 12.74
O3 NAG J . -14.92 39.38 14.79
O4 NAG J . -17.71 39.14 14.30
O5 NAG J . -16.32 38.86 10.82
O6 NAG J . -19.71 39.03 12.34
O7 NAG J . -11.98 40.16 13.32
C1 NAG K . -26.23 29.88 -7.16
C2 NAG K . -27.32 28.73 -6.94
C3 NAG K . -28.59 29.12 -7.77
C4 NAG K . -29.17 30.50 -7.32
C5 NAG K . -28.01 31.57 -7.48
C6 NAG K . -28.34 32.96 -6.92
C7 NAG K . -26.38 26.45 -6.65
C8 NAG K . -25.88 25.16 -7.25
N2 NAG K . -26.78 27.45 -7.46
O3 NAG K . -29.58 28.11 -7.58
O4 NAG K . -30.24 30.83 -8.26
O5 NAG K . -26.81 31.15 -6.73
O6 NAG K . -28.95 32.94 -5.63
O7 NAG K . -26.43 26.57 -5.41
C1 NAG K . -31.55 31.32 -7.69
C2 NAG K . -32.18 32.34 -8.74
C3 NAG K . -33.54 32.88 -8.16
C4 NAG K . -34.50 31.67 -7.90
C5 NAG K . -33.81 30.67 -6.88
C6 NAG K . -34.65 29.42 -6.65
C7 NAG K . -30.66 33.79 -10.08
C8 NAG K . -29.72 34.96 -10.14
N2 NAG K . -31.26 33.48 -8.92
O3 NAG K . -34.15 33.78 -9.09
O4 NAG K . -35.72 32.16 -7.36
O5 NAG K . -32.50 30.23 -7.43
O6 NAG K . -35.96 29.71 -6.15
O7 NAG K . -30.86 33.14 -11.11
C1 NAG L . 30.40 -39.91 -11.30
C2 NAG L . 31.71 -39.29 -10.66
C3 NAG L . 32.76 -40.44 -10.49
C4 NAG L . 32.15 -41.55 -9.58
C5 NAG L . 30.84 -42.09 -10.23
C6 NAG L . 30.12 -43.11 -9.33
C7 NAG L . 32.31 -36.98 -11.26
C8 NAG L . 32.87 -36.01 -12.24
N2 NAG L . 32.24 -38.28 -11.59
O3 NAG L . 33.93 -39.94 -9.83
O4 NAG L . 33.12 -42.64 -9.51
O5 NAG L . 29.90 -40.97 -10.43
O6 NAG L . 28.75 -43.26 -9.65
O7 NAG L . 31.94 -36.55 -10.16
C1 NAG L . 33.54 -43.01 -8.12
C2 NAG L . 34.14 -44.46 -8.13
C3 NAG L . 34.52 -44.83 -6.66
C4 NAG L . 35.57 -43.80 -6.09
C5 NAG L . 34.92 -42.35 -6.17
C6 NAG L . 35.88 -41.25 -5.74
C7 NAG L . 33.08 -45.84 -9.91
C8 NAG L . 32.01 -46.80 -10.34
N2 NAG L . 33.12 -45.42 -8.63
O3 NAG L . 35.05 -46.16 -6.66
O4 NAG L . 35.81 -44.09 -4.68
O5 NAG L . 34.51 -42.05 -7.57
O6 NAG L . 37.07 -41.22 -6.54
O7 NAG L . 33.92 -45.47 -10.75
C1 BMA L . 37.12 -44.76 -4.35
C2 BMA L . 37.33 -44.68 -2.79
C3 BMA L . 38.69 -45.38 -2.45
C4 BMA L . 38.68 -46.86 -2.96
C5 BMA L . 38.45 -46.85 -4.52
C6 BMA L . 38.32 -48.26 -5.10
O2 BMA L . 36.24 -45.29 -2.11
O3 BMA L . 38.88 -45.36 -1.02
O4 BMA L . 39.95 -47.45 -2.65
O5 BMA L . 37.17 -46.15 -4.82
O6 BMA L . 39.48 -49.04 -4.84
C1 NAG M . 9.95 -52.51 -2.97
C2 NAG M . 9.08 -53.69 -3.60
C3 NAG M . 10.07 -54.76 -4.15
C4 NAG M . 11.01 -54.13 -5.21
C5 NAG M . 11.78 -52.94 -4.56
C6 NAG M . 12.65 -52.19 -5.57
C7 NAG M . 7.01 -53.90 -2.24
C8 NAG M . 6.28 -54.52 -1.08
N2 NAG M . 8.26 -54.31 -2.53
O3 NAG M . 9.33 -55.84 -4.75
O4 NAG M . 11.99 -55.14 -5.56
O5 NAG M . 10.83 -51.96 -4.00
O6 NAG M . 13.56 -51.29 -4.95
O7 NAG M . 6.44 -53.02 -2.90
C1 NAG M . 11.99 -55.64 -6.96
C2 NAG M . 13.39 -56.31 -7.25
C3 NAG M . 13.38 -56.82 -8.72
C4 NAG M . 12.21 -57.85 -8.93
C5 NAG M . 10.85 -57.11 -8.58
C6 NAG M . 9.64 -58.06 -8.66
C7 NAG M . 15.08 -55.09 -5.89
C8 NAG M . 16.13 -54.03 -5.77
N2 NAG M . 14.48 -55.32 -7.07
O3 NAG M . 14.66 -57.44 -8.97
O4 NAG M . 12.15 -58.23 -10.34
O5 NAG M . 10.90 -56.59 -7.20
O6 NAG M . 8.42 -57.34 -8.52
O7 NAG M . 14.79 -55.75 -4.88
C1 BMA M . 12.63 -59.63 -10.66
C2 BMA M . 12.28 -59.95 -12.16
C3 BMA M . 12.79 -61.39 -12.49
C4 BMA M . 14.33 -61.50 -12.21
C5 BMA M . 14.60 -61.14 -10.70
C6 BMA M . 16.08 -61.11 -10.35
O2 BMA M . 12.86 -58.98 -13.04
O3 BMA M . 12.53 -61.68 -13.88
O4 BMA M . 14.77 -62.82 -12.50
O5 BMA M . 14.06 -59.78 -10.42
O6 BMA M . 16.70 -62.39 -10.55
C1 NAG N . 12.32 -0.77 -29.99
C2 NAG N . 11.58 -1.90 -30.82
C3 NAG N . 12.63 -2.97 -31.26
C4 NAG N . 13.77 -2.30 -32.09
C5 NAG N . 14.44 -1.18 -31.21
C6 NAG N . 15.53 -0.36 -31.88
C7 NAG N . 9.33 -2.17 -29.79
C8 NAG N . 8.47 -2.80 -28.76
N2 NAG N . 10.59 -2.57 -29.93
O3 NAG N . 11.97 -3.97 -32.04
O4 NAG N . 14.72 -3.37 -32.37
O5 NAG N . 13.40 -0.21 -30.79
O6 NAG N . 15.10 0.23 -33.10
O7 NAG N . 8.86 -1.27 -30.50
C1 NAG N . 15.40 -3.33 -33.72
C2 NAG N . 16.72 -4.15 -33.59
C3 NAG N . 17.45 -4.08 -34.98
C4 NAG N . 16.53 -4.66 -36.11
C5 NAG N . 15.18 -3.83 -36.12
C6 NAG N . 14.14 -4.42 -37.06
C7 NAG N . 17.99 -4.27 -31.45
C8 NAG N . 18.76 -3.57 -30.37
N2 NAG N . 17.56 -3.56 -32.51
O3 NAG N . 18.67 -4.84 -34.91
O4 NAG N . 17.19 -4.51 -37.40
O5 NAG N . 14.55 -3.87 -34.78
O6 NAG N . 13.58 -5.62 -36.53
O7 NAG N . 17.80 -5.49 -31.34
C1 BMA N . 17.94 -5.71 -37.97
C2 BMA N . 17.25 -6.12 -39.33
C3 BMA N . 18.01 -7.35 -39.91
C4 BMA N . 19.53 -7.01 -40.10
C5 BMA N . 20.13 -6.58 -38.71
C6 BMA N . 21.60 -6.13 -38.80
O2 BMA N . 17.25 -5.02 -40.24
O3 BMA N . 17.44 -7.70 -41.17
O4 BMA N . 20.20 -8.15 -40.61
O5 BMA N . 19.36 -5.42 -38.17
O6 BMA N . 22.43 -7.20 -39.25
C1 NAG O . -18.90 21.10 -29.30
C2 NAG O . -19.71 21.56 -30.59
C3 NAG O . -21.05 20.75 -30.67
C4 NAG O . -20.73 19.21 -30.76
C5 NAG O . -19.87 18.82 -29.50
C6 NAG O . -19.21 17.46 -29.63
C7 NAG O . -20.12 23.82 -31.58
C8 NAG O . -20.15 25.31 -31.44
N2 NAG O . -19.90 23.04 -30.50
O3 NAG O . -21.80 21.16 -31.83
O4 NAG O . -22.00 18.50 -30.74
O5 NAG O . -18.67 19.66 -29.40
O6 NAG O . -18.07 17.56 -30.50
O7 NAG O . -20.32 23.31 -32.70
C1 NAG O . -22.23 17.48 -31.83
C2 NAG O . -23.79 17.14 -31.90
C3 NAG O . -24.00 16.04 -32.99
C4 NAG O . -23.44 16.54 -34.38
C5 NAG O . -21.92 16.89 -34.23
C6 NAG O . -21.29 17.45 -35.50
C7 NAG O . -25.40 16.98 -29.99
C8 NAG O . -25.74 16.42 -28.62
N2 NAG O . -24.23 16.64 -30.58
O3 NAG O . -25.40 15.75 -33.15
O4 NAG O . -23.64 15.52 -35.36
O5 NAG O . -21.74 17.91 -33.16
O6 NAG O . -21.31 16.50 -36.57
O7 NAG O . -26.21 17.74 -30.54
C1 NAG P . 0.19 22.43 -33.61
C2 NAG P . 1.19 21.30 -34.13
C3 NAG P . 2.13 21.96 -35.19
C4 NAG P . 1.31 22.56 -36.39
C5 NAG P . 0.28 23.59 -35.79
C6 NAG P . -0.73 24.15 -36.79
C7 NAG P . 1.84 19.61 -32.44
C8 NAG P . 2.76 19.18 -31.32
N2 NAG P . 2.01 20.82 -33.00
O3 NAG P . 3.03 20.97 -35.70
O4 NAG P . 2.25 23.28 -37.23
O5 NAG P . -0.56 22.96 -34.75
O6 NAG P . -1.32 23.18 -37.64
O7 NAG P . 0.95 18.84 -32.84
C1 NAG P . 2.21 23.05 -38.73
C2 NAG P . 2.64 24.41 -39.43
C3 NAG P . 2.57 24.20 -40.99
C4 NAG P . 3.51 23.02 -41.40
C5 NAG P . 3.07 21.71 -40.64
C6 NAG P . 4.01 20.53 -40.91
C7 NAG P . 2.03 26.58 -38.38
C8 NAG P . 0.97 27.59 -38.03
N2 NAG P . 1.68 25.48 -39.06
O3 NAG P . 2.98 25.39 -41.67
O4 NAG P . 3.43 22.83 -42.81
O5 NAG P . 3.08 21.96 -39.16
O6 NAG P . 4.09 20.21 -42.29
O7 NAG P . 3.20 26.80 -38.02
C1 NAG Q . 16.15 -16.29 46.02
C2 NAG Q . 14.75 -16.11 46.75
C3 NAG Q . 14.81 -16.90 48.10
C4 NAG Q . 15.09 -18.40 47.81
C5 NAG Q . 16.45 -18.53 47.05
C6 NAG Q . 16.73 -19.98 46.62
C7 NAG Q . 13.58 -13.97 46.47
C8 NAG Q . 13.44 -12.51 46.79
N2 NAG Q . 14.57 -14.68 47.02
O3 NAG Q . 13.53 -16.82 48.77
O4 NAG Q . 15.20 -19.09 49.09
O5 NAG Q . 16.37 -17.73 45.81
O6 NAG Q . 17.68 -20.05 45.57
O7 NAG Q . 12.75 -14.46 45.69
C1 NAG Q . 14.26 -20.24 49.27
C2 NAG Q . 14.82 -21.17 50.40
C3 NAG Q . 13.84 -22.40 50.52
C4 NAG Q . 12.39 -21.89 50.86
C5 NAG Q . 11.93 -20.91 49.71
C6 NAG Q . 10.56 -20.28 50.00
C7 NAG Q . 17.30 -21.10 50.50
C8 NAG Q . 18.63 -21.64 50.07
N2 NAG Q . 16.18 -21.66 50.03
O3 NAG Q . 14.35 -23.27 51.54
O4 NAG Q . 11.49 -23.05 50.85
O5 NAG Q . 12.90 -19.80 49.58
O6 NAG Q . 10.54 -19.54 51.21
O7 NAG Q . 17.27 -20.13 51.27
C1 BMA Q . 11.02 -23.55 52.19
C2 BMA Q . 9.81 -24.55 51.96
C3 BMA Q . 9.34 -25.07 53.35
C4 BMA Q . 10.53 -25.78 54.09
C5 BMA Q . 11.71 -24.74 54.27
C6 BMA Q . 12.95 -25.37 54.89
O2 BMA Q . 10.20 -25.61 51.08
O3 BMA Q . 8.27 -26.01 53.16
O4 BMA Q . 10.07 -26.23 55.36
O5 BMA Q . 12.10 -24.22 52.92
O6 BMA Q . 12.68 -25.94 56.17
C1 NAG R . 27.06 -33.95 31.32
C2 NAG R . 28.54 -34.48 31.21
C3 NAG R . 29.07 -34.73 32.66
C4 NAG R . 29.00 -33.41 33.49
C5 NAG R . 27.53 -32.90 33.51
C6 NAG R . 27.39 -31.55 34.20
C7 NAG R . 28.70 -35.87 29.15
C8 NAG R . 28.60 -37.21 28.49
N2 NAG R . 28.56 -35.77 30.48
O3 NAG R . 30.43 -35.18 32.61
O4 NAG R . 29.35 -33.75 34.85
O5 NAG R . 27.03 -32.72 32.11
O6 NAG R . 26.04 -31.20 34.46
O7 NAG R . 28.91 -34.87 28.45
C1 NAG R . 30.60 -33.15 35.40
C2 NAG R . 30.52 -33.22 36.97
C3 NAG R . 31.82 -32.58 37.56
C4 NAG R . 33.09 -33.33 37.00
C5 NAG R . 33.07 -33.24 35.43
C6 NAG R . 34.20 -34.03 34.78
C7 NAG R . 28.13 -33.04 37.61
C8 NAG R . 26.95 -32.21 38.05
N2 NAG R . 29.34 -32.48 37.47
O3 NAG R . 31.75 -32.66 38.99
O4 NAG R . 34.30 -32.64 37.47
O5 NAG R . 31.79 -33.81 34.91
O6 NAG R . 34.27 -33.79 33.38
O7 NAG R . 27.94 -34.24 37.38
C1 BMA R . 35.07 -33.35 38.55
C2 BMA R . 36.45 -32.60 38.75
C3 BMA R . 37.25 -33.33 39.88
C4 BMA R . 36.40 -33.36 41.20
C5 BMA R . 35.05 -34.12 40.91
C6 BMA R . 34.10 -34.13 42.11
O2 BMA R . 36.22 -31.22 39.07
O3 BMA R . 38.48 -32.62 40.11
O4 BMA R . 37.15 -34.05 42.21
O5 BMA R . 34.33 -33.42 39.80
O6 BMA R . 34.67 -34.81 43.23
C1 NAG S . 15.21 21.81 18.56
C2 NAG S . 16.76 21.47 18.59
C3 NAG S . 17.17 21.16 20.06
C4 NAG S . 16.83 22.38 20.99
C5 NAG S . 15.29 22.66 20.88
C6 NAG S . 14.78 23.87 21.66
C7 NAG S . 17.24 20.26 16.48
C8 NAG S . 17.29 18.96 15.73
N2 NAG S . 16.99 20.25 17.79
O3 NAG S . 18.57 20.89 20.10
O4 NAG S . 17.19 21.96 22.33
O5 NAG S . 14.93 22.93 19.47
O6 NAG S . 15.48 25.07 21.35
O7 NAG S . 17.45 21.31 15.86
C1 NAG S . 17.78 22.99 23.24
C2 NAG S . 17.53 22.52 24.72
C3 NAG S . 18.10 23.63 25.68
C4 NAG S . 19.63 23.85 25.38
C5 NAG S . 19.80 24.26 23.87
C6 NAG S . 21.25 24.33 23.42
C7 NAG S . 15.55 21.15 25.34
C8 NAG S . 14.05 21.01 25.46
N2 NAG S . 16.08 22.31 24.93
O3 NAG S . 17.92 23.21 27.03
O4 NAG S . 20.12 24.95 26.22
O5 NAG S . 19.19 23.22 22.99
O6 NAG S . 21.84 23.03 23.32
O7 NAG S . 16.26 20.17 25.64
C1 BMA S . 20.84 24.58 27.51
C2 BMA S . 22.32 25.13 27.42
C3 BMA S . 23.06 24.76 28.75
C4 BMA S . 22.29 25.35 29.98
C5 BMA S . 20.82 24.79 29.98
C6 BMA S . 19.96 25.38 31.09
O2 BMA S . 22.32 26.54 27.19
O3 BMA S . 24.39 25.29 28.70
O4 BMA S . 22.98 24.98 31.18
O5 BMA S . 20.16 25.13 28.69
O6 BMA S . 20.47 25.07 32.39
C1 NAG T . 16.88 32.42 -18.02
C2 NAG T . 17.86 33.53 -18.60
C3 NAG T . 19.00 32.80 -19.42
C4 NAG T . 19.78 31.82 -18.47
C5 NAG T . 18.74 30.80 -17.86
C6 NAG T . 19.30 30.01 -16.69
C7 NAG T . 17.46 35.75 -19.66
C8 NAG T . 16.54 36.72 -20.35
N2 NAG T . 17.07 34.49 -19.41
O3 NAG T . 19.91 33.79 -19.95
O4 NAG T . 20.76 31.12 -19.29
O5 NAG T . 17.64 31.50 -17.19
O6 NAG T . 19.30 30.85 -15.53
O7 NAG T . 18.60 36.14 -19.34
C1 NAG T . 22.18 31.10 -18.79
C2 NAG T . 23.14 30.69 -20.00
C3 NAG T . 24.61 30.62 -19.45
C4 NAG T . 25.02 32.01 -18.83
C5 NAG T . 24.01 32.37 -17.68
C6 NAG T . 24.28 33.75 -17.06
C7 NAG T . 22.67 29.02 -21.81
C8 NAG T . 22.21 27.65 -22.22
N2 NAG T . 22.72 29.35 -20.50
O3 NAG T . 25.53 30.32 -20.52
O4 NAG T . 26.36 31.93 -18.33
O5 NAG T . 22.63 32.39 -18.23
O6 NAG T . 25.55 33.80 -16.41
O7 NAG T . 22.99 29.83 -22.71
C1 NAG U . 10.21 39.08 -0.81
C2 NAG U . 10.73 38.79 0.66
C3 NAG U . 10.65 40.13 1.47
C4 NAG U . 11.52 41.25 0.80
C5 NAG U . 11.00 41.43 -0.68
C6 NAG U . 11.83 42.37 -1.55
C7 NAG U . 10.24 36.51 1.52
C8 NAG U . 9.30 35.57 2.21
N2 NAG U . 9.86 37.78 1.30
O3 NAG U . 11.14 39.88 2.80
O4 NAG U . 11.25 42.48 1.53
O5 NAG U . 11.04 40.14 -1.40
O6 NAG U . 13.24 42.16 -1.44
O7 NAG U . 11.36 36.11 1.15
C1 NAG U . 12.42 43.33 1.96
C2 NAG U . 11.94 44.84 1.95
C3 NAG U . 13.15 45.75 2.37
C4 NAG U . 13.66 45.33 3.78
C5 NAG U . 14.09 43.82 3.75
C6 NAG U . 14.50 43.29 5.13
C7 NAG U . 10.27 45.59 0.25
C8 NAG U . 9.95 45.92 -1.17
N2 NAG U . 11.51 45.21 0.58
O3 NAG U . 12.75 47.13 2.41
O4 NAG U . 14.76 46.15 4.15
O5 NAG U . 12.93 42.98 3.30
O6 NAG U . 15.58 44.03 5.69
O7 NAG U . 9.36 45.66 1.09
C1 NAG V . -35.98 -23.98 14.73
C2 NAG V . -36.06 -23.00 15.98
C3 NAG V . -37.56 -22.85 16.38
C4 NAG V . -38.38 -22.28 15.17
C5 NAG V . -38.23 -23.27 13.95
C6 NAG V . -38.90 -22.76 12.68
C7 NAG V . -34.27 -22.96 17.71
C8 NAG V . -33.52 -23.66 18.82
N2 NAG V . -35.29 -23.60 17.09
O3 NAG V . -37.68 -21.93 17.48
O4 NAG V . -39.74 -22.17 15.56
O5 NAG V . -36.79 -23.45 13.61
O6 NAG V . -38.74 -23.69 11.60
O7 NAG V . -33.93 -21.81 17.39
C1 NAG W . -18.01 -27.46 33.58
C2 NAG W . -17.96 -26.11 34.44
C3 NAG W . -18.07 -26.49 35.95
C4 NAG W . -19.40 -27.27 36.22
C5 NAG W . -19.42 -28.56 35.32
C6 NAG W . -20.73 -29.33 35.41
C7 NAG W . -16.55 -24.29 33.51
C8 NAG W . -15.19 -23.70 33.26
N2 NAG W . -16.67 -25.41 34.21
O3 NAG W . -18.07 -25.30 36.76
O4 NAG W . -19.48 -27.61 37.59
O5 NAG W . -19.25 -28.17 33.89
O6 NAG W . -20.74 -30.44 34.52
O7 NAG W . -17.54 -23.71 33.03
C1 NAG X . 20.16 -32.38 -25.13
C2 NAG X . 18.79 -32.56 -25.91
C3 NAG X . 19.12 -32.94 -27.40
C4 NAG X . 20.01 -31.82 -28.04
C5 NAG X . 21.33 -31.68 -27.19
C6 NAG X . 22.23 -30.54 -27.68
C7 NAG X . 16.75 -33.46 -24.80
C8 NAG X . 16.04 -34.61 -24.13
N2 NAG X . 18.00 -33.64 -25.27
O3 NAG X . 17.91 -33.07 -28.16
O4 NAG X . 20.31 -32.21 -29.38
O5 NAG X . 20.99 -31.36 -25.78
O6 NAG X . 23.40 -30.44 -26.87
O7 NAG X . 16.16 -32.38 -24.91
C1 NAG Y . 0.90 -45.21 -12.66
C2 NAG Y . -0.47 -44.84 -13.39
C3 NAG Y . -1.24 -46.17 -13.71
C4 NAG Y . -0.35 -47.08 -14.62
C5 NAG Y . 0.99 -47.39 -13.87
C6 NAG Y . 1.97 -48.20 -14.72
C7 NAG Y . -1.51 -42.69 -12.69
C8 NAG Y . -2.30 -41.92 -11.68
N2 NAG Y . -1.30 -44.00 -12.50
O3 NAG Y . -2.46 -45.87 -14.41
O4 NAG Y . -1.07 -48.29 -14.89
O5 NAG Y . 1.68 -46.12 -13.53
O6 NAG Y . 3.22 -48.38 -14.03
O7 NAG Y . -1.05 -42.11 -13.68
C1 NAG Z . 26.10 -2.92 37.38
C2 NAG Z . 27.36 -2.69 36.44
C3 NAG Z . 28.44 -1.91 37.27
C4 NAG Z . 27.84 -0.54 37.74
C5 NAG Z . 26.56 -0.83 38.62
C6 NAG Z . 25.83 0.45 39.04
C7 NAG Z . 28.06 -4.40 34.76
C8 NAG Z . 28.58 -5.79 34.46
N2 NAG Z . 27.90 -4.03 36.04
O3 NAG Z . 29.59 -1.65 36.44
O4 NAG Z . 28.83 0.15 38.50
O5 NAG Z . 25.58 -1.62 37.83
O6 NAG Z . 24.69 0.14 39.84
O7 NAG Z . 27.79 -3.64 33.83
C1 NAG AA . 33.74 -23.40 22.78
C2 NAG AA . 34.67 -22.82 21.62
C3 NAG AA . 35.99 -23.66 21.58
C4 NAG AA . 36.72 -23.57 22.96
C5 NAG AA . 35.76 -24.11 24.07
C6 NAG AA . 36.33 -23.96 25.48
C7 NAG AA . 33.45 -21.93 19.64
C8 NAG AA . 32.71 -22.18 18.36
N2 NAG AA . 33.97 -22.97 20.31
O3 NAG AA . 36.86 -23.15 20.55
O4 NAG AA . 37.91 -24.35 22.89
O5 NAG AA . 34.49 -23.33 24.06
O6 NAG AA . 35.40 -24.38 26.47
O7 NAG AA . 33.59 -20.77 20.04
#